data_2ZTE
# 
_entry.id   2ZTE 
# 
_audit_conform.dict_name       mmcif_pdbx.dic 
_audit_conform.dict_version    5.380 
_audit_conform.dict_location   http://mmcif.pdb.org/dictionaries/ascii/mmcif_pdbx.dic 
# 
loop_
_database_2.database_id 
_database_2.database_code 
_database_2.pdbx_database_accession 
_database_2.pdbx_DOI 
PDB   2ZTE         pdb_00002zte 10.2210/pdb2zte/pdb 
RCSB  RCSB028401   ?            ?                   
WWPDB D_1000028401 ?            ?                   
# 
loop_
_pdbx_database_related.db_name 
_pdbx_database_related.db_id 
_pdbx_database_related.details 
_pdbx_database_related.content_type 
PDB 2H5X 'MtRuvA Form I'   unspecified 
PDB 2ZTC 'MtRuvA Form II'  unspecified 
PDB 2ZTD 'MtRuvA Form III' unspecified 
# 
_pdbx_database_status.status_code                     REL 
_pdbx_database_status.entry_id                        2ZTE 
_pdbx_database_status.recvd_initial_deposition_date   2008-10-01 
_pdbx_database_status.deposit_site                    PDBJ 
_pdbx_database_status.process_site                    PDBJ 
_pdbx_database_status.status_code_sf                  REL 
_pdbx_database_status.status_code_mr                  ? 
_pdbx_database_status.SG_entry                        ? 
_pdbx_database_status.pdb_format_compatible           Y 
_pdbx_database_status.status_code_cs                  ? 
_pdbx_database_status.status_code_nmr_data            ? 
_pdbx_database_status.methods_development_category    ? 
# 
loop_
_audit_author.name 
_audit_author.pdbx_ordinal 
'Prabu, J.R.'     1 
'Thamotharan, S.' 2 
'Khanduja, J.S.'  3 
'Chandra, N.R.'   4 
'Muniyappa, K.'   5 
'Vijayan, M.'     6 
# 
_citation.id                        primary 
_citation.title                     
;Crystallographic and modelling studies on Mycobacterium tuberculosis RuvA Additional role of RuvB-binding domain and inter species variability
;
_citation.journal_abbrev            Biochim.Biophys.Acta 
_citation.journal_volume            1794 
_citation.page_first                1001 
_citation.page_last                 1009 
_citation.year                      2009 
_citation.journal_id_ASTM           BBACAQ 
_citation.country                   NE 
_citation.journal_id_ISSN           0006-3002 
_citation.journal_id_CSD            0113 
_citation.book_publisher            ? 
_citation.pdbx_database_id_PubMed   19374958 
_citation.pdbx_database_id_DOI      10.1016/j.bbapap.2009.04.003 
# 
loop_
_citation_author.citation_id 
_citation_author.name 
_citation_author.ordinal 
_citation_author.identifier_ORCID 
primary 'Prabu, J.R.'     1 ? 
primary 'Thamotharan, S.' 2 ? 
primary 'Khanduja, J.S.'  3 ? 
primary 'Chandra, N.R.'   4 ? 
primary 'Muniyappa, K.'   5 ? 
primary 'Vijayan, M.'     6 ? 
# 
_cell.entry_id           2ZTE 
_cell.length_a           84.340 
_cell.length_b           84.340 
_cell.length_c           100.870 
_cell.angle_alpha        90.00 
_cell.angle_beta         90.00 
_cell.angle_gamma        90.00 
_cell.Z_PDB              16 
_cell.pdbx_unique_axis   ? 
_cell.length_a_esd       ? 
_cell.length_b_esd       ? 
_cell.length_c_esd       ? 
_cell.angle_alpha_esd    ? 
_cell.angle_beta_esd     ? 
_cell.angle_gamma_esd    ? 
# 
_symmetry.entry_id                         2ZTE 
_symmetry.space_group_name_H-M             'I 4 2 2' 
_symmetry.pdbx_full_space_group_name_H-M   ? 
_symmetry.cell_setting                     ? 
_symmetry.Int_Tables_number                97 
_symmetry.space_group_name_Hall            ? 
# 
loop_
_entity.id 
_entity.type 
_entity.src_method 
_entity.pdbx_description 
_entity.formula_weight 
_entity.pdbx_number_of_molecules 
_entity.pdbx_ec 
_entity.pdbx_mutation 
_entity.pdbx_fragment 
_entity.details 
1 polymer man 'Holliday junction ATP-dependent DNA helicase ruvA' 21870.078 1 3.6.1.- ? ? ? 
2 water   nat water                                               18.015    6 ?       ? ? ? 
# 
_entity_poly.entity_id                      1 
_entity_poly.type                           'polypeptide(L)' 
_entity_poly.nstd_linkage                   no 
_entity_poly.nstd_monomer                   no 
_entity_poly.pdbx_seq_one_letter_code       
;MASMTGGQQMGRGSEFMIASVRGEVLEVALDHVVIEAAGVGYRVNATPATLATLRQGTEARLITAMIVREDSMTLYGFPD
GETRDLFLTLLSVSGVGPRLAMAALAVHDAPALRQVLADGNVAALTRVPGIGKRGAERMVLELRDKVGVAATGGALSTNG
HAVRSPVVEALVGLGFAAKQAEEATDTVLAANHDATTSSALRSALSLLGKAR
;
_entity_poly.pdbx_seq_one_letter_code_can   
;MASMTGGQQMGRGSEFMIASVRGEVLEVALDHVVIEAAGVGYRVNATPATLATLRQGTEARLITAMIVREDSMTLYGFPD
GETRDLFLTLLSVSGVGPRLAMAALAVHDAPALRQVLADGNVAALTRVPGIGKRGAERMVLELRDKVGVAATGGALSTNG
HAVRSPVVEALVGLGFAAKQAEEATDTVLAANHDATTSSALRSALSLLGKAR
;
_entity_poly.pdbx_strand_id                 A 
_entity_poly.pdbx_target_identifier         ? 
# 
loop_
_entity_poly_seq.entity_id 
_entity_poly_seq.num 
_entity_poly_seq.mon_id 
_entity_poly_seq.hetero 
1 1   MET n 
1 2   ALA n 
1 3   SER n 
1 4   MET n 
1 5   THR n 
1 6   GLY n 
1 7   GLY n 
1 8   GLN n 
1 9   GLN n 
1 10  MET n 
1 11  GLY n 
1 12  ARG n 
1 13  GLY n 
1 14  SER n 
1 15  GLU n 
1 16  PHE n 
1 17  MET n 
1 18  ILE n 
1 19  ALA n 
1 20  SER n 
1 21  VAL n 
1 22  ARG n 
1 23  GLY n 
1 24  GLU n 
1 25  VAL n 
1 26  LEU n 
1 27  GLU n 
1 28  VAL n 
1 29  ALA n 
1 30  LEU n 
1 31  ASP n 
1 32  HIS n 
1 33  VAL n 
1 34  VAL n 
1 35  ILE n 
1 36  GLU n 
1 37  ALA n 
1 38  ALA n 
1 39  GLY n 
1 40  VAL n 
1 41  GLY n 
1 42  TYR n 
1 43  ARG n 
1 44  VAL n 
1 45  ASN n 
1 46  ALA n 
1 47  THR n 
1 48  PRO n 
1 49  ALA n 
1 50  THR n 
1 51  LEU n 
1 52  ALA n 
1 53  THR n 
1 54  LEU n 
1 55  ARG n 
1 56  GLN n 
1 57  GLY n 
1 58  THR n 
1 59  GLU n 
1 60  ALA n 
1 61  ARG n 
1 62  LEU n 
1 63  ILE n 
1 64  THR n 
1 65  ALA n 
1 66  MET n 
1 67  ILE n 
1 68  VAL n 
1 69  ARG n 
1 70  GLU n 
1 71  ASP n 
1 72  SER n 
1 73  MET n 
1 74  THR n 
1 75  LEU n 
1 76  TYR n 
1 77  GLY n 
1 78  PHE n 
1 79  PRO n 
1 80  ASP n 
1 81  GLY n 
1 82  GLU n 
1 83  THR n 
1 84  ARG n 
1 85  ASP n 
1 86  LEU n 
1 87  PHE n 
1 88  LEU n 
1 89  THR n 
1 90  LEU n 
1 91  LEU n 
1 92  SER n 
1 93  VAL n 
1 94  SER n 
1 95  GLY n 
1 96  VAL n 
1 97  GLY n 
1 98  PRO n 
1 99  ARG n 
1 100 LEU n 
1 101 ALA n 
1 102 MET n 
1 103 ALA n 
1 104 ALA n 
1 105 LEU n 
1 106 ALA n 
1 107 VAL n 
1 108 HIS n 
1 109 ASP n 
1 110 ALA n 
1 111 PRO n 
1 112 ALA n 
1 113 LEU n 
1 114 ARG n 
1 115 GLN n 
1 116 VAL n 
1 117 LEU n 
1 118 ALA n 
1 119 ASP n 
1 120 GLY n 
1 121 ASN n 
1 122 VAL n 
1 123 ALA n 
1 124 ALA n 
1 125 LEU n 
1 126 THR n 
1 127 ARG n 
1 128 VAL n 
1 129 PRO n 
1 130 GLY n 
1 131 ILE n 
1 132 GLY n 
1 133 LYS n 
1 134 ARG n 
1 135 GLY n 
1 136 ALA n 
1 137 GLU n 
1 138 ARG n 
1 139 MET n 
1 140 VAL n 
1 141 LEU n 
1 142 GLU n 
1 143 LEU n 
1 144 ARG n 
1 145 ASP n 
1 146 LYS n 
1 147 VAL n 
1 148 GLY n 
1 149 VAL n 
1 150 ALA n 
1 151 ALA n 
1 152 THR n 
1 153 GLY n 
1 154 GLY n 
1 155 ALA n 
1 156 LEU n 
1 157 SER n 
1 158 THR n 
1 159 ASN n 
1 160 GLY n 
1 161 HIS n 
1 162 ALA n 
1 163 VAL n 
1 164 ARG n 
1 165 SER n 
1 166 PRO n 
1 167 VAL n 
1 168 VAL n 
1 169 GLU n 
1 170 ALA n 
1 171 LEU n 
1 172 VAL n 
1 173 GLY n 
1 174 LEU n 
1 175 GLY n 
1 176 PHE n 
1 177 ALA n 
1 178 ALA n 
1 179 LYS n 
1 180 GLN n 
1 181 ALA n 
1 182 GLU n 
1 183 GLU n 
1 184 ALA n 
1 185 THR n 
1 186 ASP n 
1 187 THR n 
1 188 VAL n 
1 189 LEU n 
1 190 ALA n 
1 191 ALA n 
1 192 ASN n 
1 193 HIS n 
1 194 ASP n 
1 195 ALA n 
1 196 THR n 
1 197 THR n 
1 198 SER n 
1 199 SER n 
1 200 ALA n 
1 201 LEU n 
1 202 ARG n 
1 203 SER n 
1 204 ALA n 
1 205 LEU n 
1 206 SER n 
1 207 LEU n 
1 208 LEU n 
1 209 GLY n 
1 210 LYS n 
1 211 ALA n 
1 212 ARG n 
# 
_entity_src_gen.entity_id                          1 
_entity_src_gen.pdbx_src_id                        1 
_entity_src_gen.pdbx_alt_source_flag               sample 
_entity_src_gen.pdbx_seq_type                      ? 
_entity_src_gen.pdbx_beg_seq_num                   ? 
_entity_src_gen.pdbx_end_seq_num                   ? 
_entity_src_gen.gene_src_common_name               ? 
_entity_src_gen.gene_src_genus                     ? 
_entity_src_gen.pdbx_gene_src_gene                 ruvA 
_entity_src_gen.gene_src_species                   ? 
_entity_src_gen.gene_src_strain                    ? 
_entity_src_gen.gene_src_tissue                    ? 
_entity_src_gen.gene_src_tissue_fraction           ? 
_entity_src_gen.gene_src_details                   ? 
_entity_src_gen.pdbx_gene_src_fragment             ? 
_entity_src_gen.pdbx_gene_src_scientific_name      'Mycobacterium tuberculosis' 
_entity_src_gen.pdbx_gene_src_ncbi_taxonomy_id     1773 
_entity_src_gen.pdbx_gene_src_variant              ? 
_entity_src_gen.pdbx_gene_src_cell_line            ? 
_entity_src_gen.pdbx_gene_src_atcc                 ? 
_entity_src_gen.pdbx_gene_src_organ                ? 
_entity_src_gen.pdbx_gene_src_organelle            ? 
_entity_src_gen.pdbx_gene_src_cell                 ? 
_entity_src_gen.pdbx_gene_src_cellular_location    ? 
_entity_src_gen.host_org_common_name               ? 
_entity_src_gen.pdbx_host_org_scientific_name      'Escherichia coli' 
_entity_src_gen.pdbx_host_org_ncbi_taxonomy_id     562 
_entity_src_gen.host_org_genus                     ? 
_entity_src_gen.pdbx_host_org_gene                 ? 
_entity_src_gen.pdbx_host_org_organ                ? 
_entity_src_gen.host_org_species                   ? 
_entity_src_gen.pdbx_host_org_tissue               ? 
_entity_src_gen.pdbx_host_org_tissue_fraction      ? 
_entity_src_gen.pdbx_host_org_strain               BL21 
_entity_src_gen.pdbx_host_org_variant              ? 
_entity_src_gen.pdbx_host_org_cell_line            ? 
_entity_src_gen.pdbx_host_org_atcc                 ? 
_entity_src_gen.pdbx_host_org_culture_collection   ? 
_entity_src_gen.pdbx_host_org_cell                 ? 
_entity_src_gen.pdbx_host_org_organelle            ? 
_entity_src_gen.pdbx_host_org_cellular_location    ? 
_entity_src_gen.pdbx_host_org_vector_type          PLASMID 
_entity_src_gen.pdbx_host_org_vector               ? 
_entity_src_gen.host_org_details                   ? 
_entity_src_gen.expression_system_id               ? 
_entity_src_gen.plasmid_name                       pMTRA 
_entity_src_gen.plasmid_details                    ? 
_entity_src_gen.pdbx_description                   ? 
# 
_struct_ref.id                         1 
_struct_ref.db_name                    UNP 
_struct_ref.db_code                    RUVA_MYCTU 
_struct_ref.pdbx_db_accession          P66744 
_struct_ref.entity_id                  1 
_struct_ref.pdbx_seq_one_letter_code   
;MIASVRGEVLEVALDHVVIEAAGVGYRVNATPATLATLRQGTEARLITAMIVREDSMTLYGFPDGETRDLFLTLLSVSGV
GPRLAMAALAVHDAPALRQVLADGNVAALTRVPGIGKRGAERMVLELRDKVGVAATGGALSTNGHAVRSPVVEALVGLGF
AAKQAEEATDTVLAANHDATTSSALRSALSLLGKAR
;
_struct_ref.pdbx_align_begin           1 
_struct_ref.pdbx_db_isoform            ? 
# 
_struct_ref_seq.align_id                      1 
_struct_ref_seq.ref_id                        1 
_struct_ref_seq.pdbx_PDB_id_code              2ZTE 
_struct_ref_seq.pdbx_strand_id                A 
_struct_ref_seq.seq_align_beg                 17 
_struct_ref_seq.pdbx_seq_align_beg_ins_code   ? 
_struct_ref_seq.seq_align_end                 212 
_struct_ref_seq.pdbx_seq_align_end_ins_code   ? 
_struct_ref_seq.pdbx_db_accession             P66744 
_struct_ref_seq.db_align_beg                  1 
_struct_ref_seq.pdbx_db_align_beg_ins_code    ? 
_struct_ref_seq.db_align_end                  196 
_struct_ref_seq.pdbx_db_align_end_ins_code    ? 
_struct_ref_seq.pdbx_auth_seq_align_beg       1 
_struct_ref_seq.pdbx_auth_seq_align_end       196 
# 
loop_
_struct_ref_seq_dif.align_id 
_struct_ref_seq_dif.pdbx_pdb_id_code 
_struct_ref_seq_dif.mon_id 
_struct_ref_seq_dif.pdbx_pdb_strand_id 
_struct_ref_seq_dif.seq_num 
_struct_ref_seq_dif.pdbx_pdb_ins_code 
_struct_ref_seq_dif.pdbx_seq_db_name 
_struct_ref_seq_dif.pdbx_seq_db_accession_code 
_struct_ref_seq_dif.db_mon_id 
_struct_ref_seq_dif.pdbx_seq_db_seq_num 
_struct_ref_seq_dif.details 
_struct_ref_seq_dif.pdbx_auth_seq_num 
_struct_ref_seq_dif.pdbx_ordinal 
1 2ZTE MET A 1  ? UNP P66744 ? ? 'expression tag' -15 1  
1 2ZTE ALA A 2  ? UNP P66744 ? ? 'expression tag' -14 2  
1 2ZTE SER A 3  ? UNP P66744 ? ? 'expression tag' -13 3  
1 2ZTE MET A 4  ? UNP P66744 ? ? 'expression tag' -12 4  
1 2ZTE THR A 5  ? UNP P66744 ? ? 'expression tag' -11 5  
1 2ZTE GLY A 6  ? UNP P66744 ? ? 'expression tag' -10 6  
1 2ZTE GLY A 7  ? UNP P66744 ? ? 'expression tag' -9  7  
1 2ZTE GLN A 8  ? UNP P66744 ? ? 'expression tag' -8  8  
1 2ZTE GLN A 9  ? UNP P66744 ? ? 'expression tag' -7  9  
1 2ZTE MET A 10 ? UNP P66744 ? ? 'expression tag' -6  10 
1 2ZTE GLY A 11 ? UNP P66744 ? ? 'expression tag' -5  11 
1 2ZTE ARG A 12 ? UNP P66744 ? ? 'expression tag' -4  12 
1 2ZTE GLY A 13 ? UNP P66744 ? ? 'expression tag' -3  13 
1 2ZTE SER A 14 ? UNP P66744 ? ? 'expression tag' -2  14 
1 2ZTE GLU A 15 ? UNP P66744 ? ? 'expression tag' -1  15 
1 2ZTE PHE A 16 ? UNP P66744 ? ? 'expression tag' 0   16 
# 
loop_
_chem_comp.id 
_chem_comp.type 
_chem_comp.mon_nstd_flag 
_chem_comp.name 
_chem_comp.pdbx_synonyms 
_chem_comp.formula 
_chem_comp.formula_weight 
ALA 'L-peptide linking' y ALANINE         ? 'C3 H7 N O2'     89.093  
ARG 'L-peptide linking' y ARGININE        ? 'C6 H15 N4 O2 1' 175.209 
ASN 'L-peptide linking' y ASPARAGINE      ? 'C4 H8 N2 O3'    132.118 
ASP 'L-peptide linking' y 'ASPARTIC ACID' ? 'C4 H7 N O4'     133.103 
GLN 'L-peptide linking' y GLUTAMINE       ? 'C5 H10 N2 O3'   146.144 
GLU 'L-peptide linking' y 'GLUTAMIC ACID' ? 'C5 H9 N O4'     147.129 
GLY 'peptide linking'   y GLYCINE         ? 'C2 H5 N O2'     75.067  
HIS 'L-peptide linking' y HISTIDINE       ? 'C6 H10 N3 O2 1' 156.162 
HOH non-polymer         . WATER           ? 'H2 O'           18.015  
ILE 'L-peptide linking' y ISOLEUCINE      ? 'C6 H13 N O2'    131.173 
LEU 'L-peptide linking' y LEUCINE         ? 'C6 H13 N O2'    131.173 
LYS 'L-peptide linking' y LYSINE          ? 'C6 H15 N2 O2 1' 147.195 
MET 'L-peptide linking' y METHIONINE      ? 'C5 H11 N O2 S'  149.211 
PHE 'L-peptide linking' y PHENYLALANINE   ? 'C9 H11 N O2'    165.189 
PRO 'L-peptide linking' y PROLINE         ? 'C5 H9 N O2'     115.130 
SER 'L-peptide linking' y SERINE          ? 'C3 H7 N O3'     105.093 
THR 'L-peptide linking' y THREONINE       ? 'C4 H9 N O3'     119.119 
TYR 'L-peptide linking' y TYROSINE        ? 'C9 H11 N O3'    181.189 
VAL 'L-peptide linking' y VALINE          ? 'C5 H11 N O2'    117.146 
# 
_exptl.entry_id          2ZTE 
_exptl.method            'X-RAY DIFFRACTION' 
_exptl.crystals_number   1 
# 
_exptl_crystal.id                    1 
_exptl_crystal.density_meas          ? 
_exptl_crystal.density_Matthews      2.05 
_exptl_crystal.density_percent_sol   40.01 
_exptl_crystal.description           ? 
_exptl_crystal.F_000                 ? 
_exptl_crystal.preparation           ? 
# 
_exptl_crystal_grow.crystal_id      1 
_exptl_crystal_grow.method          'VAPOR DIFFUSION, HANGING DROP' 
_exptl_crystal_grow.temp            297 
_exptl_crystal_grow.temp_details    ? 
_exptl_crystal_grow.pH              8.0 
_exptl_crystal_grow.pdbx_details    
;Crystallized in the presence of excess Holliday Junction (1:1.5) with 0.1M sodium succinate, pH5.0, 1.7M ammonium sulfate as the precipitant, pH8.0, VAPOR DIFFUSION, HANGING DROP, temperature 297K
;
_exptl_crystal_grow.pdbx_pH_range   . 
# 
_diffrn.id                     1 
_diffrn.ambient_temp           100 
_diffrn.ambient_temp_details   ? 
_diffrn.crystal_id             1 
# 
_diffrn_detector.diffrn_id              1 
_diffrn_detector.detector               'IMAGE PLATE' 
_diffrn_detector.type                   'MAR scanner 345 mm plate' 
_diffrn_detector.pdbx_collection_date   2006-12-03 
_diffrn_detector.details                Mirrors 
# 
_diffrn_radiation.diffrn_id                        1 
_diffrn_radiation.wavelength_id                    1 
_diffrn_radiation.pdbx_monochromatic_or_laue_m_l   M 
_diffrn_radiation.monochromator                    'Osmic mirror' 
_diffrn_radiation.pdbx_diffrn_protocol             'SINGLE WAVELENGTH' 
_diffrn_radiation.pdbx_scattering_type             x-ray 
# 
_diffrn_radiation_wavelength.id           1 
_diffrn_radiation_wavelength.wavelength   1.54 
_diffrn_radiation_wavelength.wt           1.0 
# 
_diffrn_source.diffrn_id                   1 
_diffrn_source.source                      'ROTATING ANODE' 
_diffrn_source.type                        'RIGAKU RU200' 
_diffrn_source.pdbx_synchrotron_site       ? 
_diffrn_source.pdbx_synchrotron_beamline   ? 
_diffrn_source.pdbx_wavelength             ? 
_diffrn_source.pdbx_wavelength_list        1.54 
# 
_reflns.entry_id                     2ZTE 
_reflns.observed_criterion_sigma_F   ? 
_reflns.observed_criterion_sigma_I   0 
_reflns.d_resolution_high            3.2 
_reflns.d_resolution_low             60 
_reflns.number_all                   ? 
_reflns.number_obs                   3241 
_reflns.percent_possible_obs         100 
_reflns.pdbx_Rmerge_I_obs            0.138 
_reflns.pdbx_Rsym_value              ? 
_reflns.pdbx_netI_over_sigmaI        12.9 
_reflns.B_iso_Wilson_estimate        ? 
_reflns.pdbx_redundancy              6.7 
_reflns.R_free_details               ? 
_reflns.limit_h_max                  ? 
_reflns.limit_h_min                  ? 
_reflns.limit_k_max                  ? 
_reflns.limit_k_min                  ? 
_reflns.limit_l_max                  ? 
_reflns.limit_l_min                  ? 
_reflns.observed_criterion_F_max     ? 
_reflns.observed_criterion_F_min     ? 
_reflns.pdbx_chi_squared             ? 
_reflns.pdbx_scaling_rejects         ? 
_reflns.pdbx_diffrn_id               1 
_reflns.pdbx_ordinal                 1 
# 
_reflns_shell.d_res_high             3.2 
_reflns_shell.d_res_low              3.37 
_reflns_shell.percent_possible_all   100 
_reflns_shell.Rmerge_I_obs           0.462 
_reflns_shell.pdbx_Rsym_value        ? 
_reflns_shell.meanI_over_sigI_obs    4.0 
_reflns_shell.pdbx_redundancy        6.8 
_reflns_shell.percent_possible_obs   ? 
_reflns_shell.number_unique_all      468 
_reflns_shell.number_measured_all    ? 
_reflns_shell.number_measured_obs    ? 
_reflns_shell.number_unique_obs      ? 
_reflns_shell.pdbx_chi_squared       ? 
_reflns_shell.pdbx_diffrn_id         ? 
_reflns_shell.pdbx_ordinal           1 
# 
_refine.entry_id                                 2ZTE 
_refine.ls_number_reflns_obs                     3240 
_refine.ls_number_reflns_all                     ? 
_refine.pdbx_ls_sigma_I                          ? 
_refine.pdbx_ls_sigma_F                          0 
_refine.pdbx_data_cutoff_high_absF               ? 
_refine.pdbx_data_cutoff_low_absF                ? 
_refine.pdbx_data_cutoff_high_rms_absF           ? 
_refine.ls_d_res_low                             59.637 
_refine.ls_d_res_high                            3.2 
_refine.ls_percent_reflns_obs                    99.97 
_refine.ls_R_factor_obs                          0.2297 
_refine.ls_R_factor_all                          ? 
_refine.ls_R_factor_R_work                       0.2297 
_refine.ls_R_factor_R_free                       0.3069 
_refine.ls_R_factor_R_free_error                 ? 
_refine.ls_R_factor_R_free_error_details         ? 
_refine.ls_percent_reflns_R_free                 9.75 
_refine.ls_number_reflns_R_free                  316 
_refine.ls_number_parameters                     ? 
_refine.ls_number_restraints                     ? 
_refine.occupancy_min                            ? 
_refine.occupancy_max                            ? 
_refine.correlation_coeff_Fo_to_Fc               ? 
_refine.correlation_coeff_Fo_to_Fc_free          ? 
_refine.B_iso_mean                               ? 
_refine.aniso_B[1][1]                            8.8723 
_refine.aniso_B[2][2]                            8.8723 
_refine.aniso_B[3][3]                            -12.6859 
_refine.aniso_B[1][2]                            0.0000 
_refine.aniso_B[1][3]                            0.0000 
_refine.aniso_B[2][3]                            0.0000 
_refine.solvent_model_details                    ? 
_refine.solvent_model_param_ksol                 ? 
_refine.solvent_model_param_bsol                 ? 
_refine.pdbx_solvent_vdw_probe_radii             ? 
_refine.pdbx_solvent_ion_probe_radii             ? 
_refine.pdbx_solvent_shrinkage_radii             ? 
_refine.pdbx_ls_cross_valid_method               ? 
_refine.details                                  ? 
_refine.pdbx_starting_model                      'PDB ENTRY 2H5X' 
_refine.pdbx_method_to_determine_struct          'MOLECULAR REPLACEMENT' 
_refine.pdbx_isotropic_thermal_model             ? 
_refine.pdbx_stereochemistry_target_values       'Engh & Huber' 
_refine.pdbx_stereochem_target_val_spec_case     ? 
_refine.pdbx_R_Free_selection_details            RANDOM 
_refine.pdbx_overall_ESU_R                       ? 
_refine.pdbx_overall_ESU_R_Free                  ? 
_refine.overall_SU_ML                            ? 
_refine.overall_SU_B                             ? 
_refine.ls_redundancy_reflns_obs                 ? 
_refine.B_iso_min                                ? 
_refine.B_iso_max                                ? 
_refine.overall_SU_R_Cruickshank_DPI             ? 
_refine.overall_SU_R_free                        ? 
_refine.ls_wR_factor_R_free                      ? 
_refine.ls_wR_factor_R_work                      ? 
_refine.overall_FOM_free_R_set                   ? 
_refine.overall_FOM_work_R_set                   ? 
_refine.pdbx_refine_id                           'X-RAY DIFFRACTION' 
_refine.pdbx_overall_phase_error                 ? 
_refine.pdbx_diffrn_id                           1 
_refine.pdbx_TLS_residual_ADP_flag               ? 
_refine.pdbx_overall_SU_R_free_Cruickshank_DPI   ? 
_refine.pdbx_overall_SU_R_Blow_DPI               ? 
_refine.pdbx_overall_SU_R_free_Blow_DPI          ? 
# 
_refine_hist.pdbx_refine_id                   'X-RAY DIFFRACTION' 
_refine_hist.cycle_id                         LAST 
_refine_hist.pdbx_number_atoms_protein        974 
_refine_hist.pdbx_number_atoms_nucleic_acid   0 
_refine_hist.pdbx_number_atoms_ligand         0 
_refine_hist.number_atoms_solvent             6 
_refine_hist.number_atoms_total               980 
_refine_hist.d_res_high                       3.2 
_refine_hist.d_res_low                        59.637 
# 
loop_
_refine_ls_restr.type 
_refine_ls_restr.dev_ideal 
_refine_ls_restr.dev_ideal_target 
_refine_ls_restr.weight 
_refine_ls_restr.number 
_refine_ls_restr.pdbx_refine_id 
_refine_ls_restr.pdbx_restraint_function 
f_bond_d           0.010 ? ? ? 'X-RAY DIFFRACTION' ? 
f_angle_d          1.5   ? ? ? 'X-RAY DIFFRACTION' ? 
f_dihedral_angle_d 17.2  ? ? ? 'X-RAY DIFFRACTION' ? 
f_improper_angle_d 1.8   ? ? ? 'X-RAY DIFFRACTION' ? 
# 
_refine_ls_shell.pdbx_total_number_of_bins_used   ? 
_refine_ls_shell.d_res_high                       3.2 
_refine_ls_shell.d_res_low                        4.0279 
_refine_ls_shell.number_reflns_R_work             ? 
_refine_ls_shell.R_factor_R_work                  0.3135 
_refine_ls_shell.percent_reflns_obs               100 
_refine_ls_shell.R_factor_R_free                  0.3640 
_refine_ls_shell.R_factor_R_free_error            ? 
_refine_ls_shell.percent_reflns_R_free            ? 
_refine_ls_shell.number_reflns_R_free             165 
_refine_ls_shell.number_reflns_all                ? 
_refine_ls_shell.R_factor_all                     ? 
_refine_ls_shell.number_reflns_obs                1412 
_refine_ls_shell.redundancy_reflns_obs            ? 
_refine_ls_shell.pdbx_refine_id                   'X-RAY DIFFRACTION' 
# 
_struct.entry_id                  2ZTE 
_struct.title                     'MtRuvA Form IV' 
_struct.pdbx_model_details        ? 
_struct.pdbx_CASP_flag            ? 
_struct.pdbx_model_type_details   ? 
# 
_struct_keywords.entry_id        2ZTE 
_struct_keywords.pdbx_keywords   'DNA BINDING PROTEIN, RECOMBINATION' 
_struct_keywords.text            
;recombination, branch migration, Holliday junction, DNA binding, oligomerization, acidic pin, DNA BINDING PROTEIN, ATP-binding, DNA damage, DNA recombination, DNA repair, DNA-binding, Helicase, Hydrolase, Nucleotide-binding, SOS response
;
# 
loop_
_struct_asym.id 
_struct_asym.pdbx_blank_PDB_chainid_flag 
_struct_asym.pdbx_modified 
_struct_asym.entity_id 
_struct_asym.details 
A N N 1 ? 
B N N 2 ? 
# 
_struct_biol.id        1 
_struct_biol.details   ? 
# 
loop_
_struct_conf.conf_type_id 
_struct_conf.id 
_struct_conf.pdbx_PDB_helix_id 
_struct_conf.beg_label_comp_id 
_struct_conf.beg_label_asym_id 
_struct_conf.beg_label_seq_id 
_struct_conf.pdbx_beg_PDB_ins_code 
_struct_conf.end_label_comp_id 
_struct_conf.end_label_asym_id 
_struct_conf.end_label_seq_id 
_struct_conf.pdbx_end_PDB_ins_code 
_struct_conf.beg_auth_comp_id 
_struct_conf.beg_auth_asym_id 
_struct_conf.beg_auth_seq_id 
_struct_conf.end_auth_comp_id 
_struct_conf.end_auth_asym_id 
_struct_conf.end_auth_seq_id 
_struct_conf.pdbx_PDB_helix_class 
_struct_conf.details 
_struct_conf.pdbx_PDB_helix_length 
HELX_P HELX_P1 1 THR A 47  ? THR A 53  ? THR A 31  THR A 37  1 ? 7  
HELX_P HELX_P2 2 ASP A 80  ? SER A 92  ? ASP A 64  SER A 76  1 ? 13 
HELX_P HELX_P3 3 GLY A 97  ? HIS A 108 ? GLY A 81  HIS A 92  1 ? 12 
HELX_P HELX_P4 4 ASP A 109 ? GLY A 120 ? ASP A 93  GLY A 104 1 ? 12 
HELX_P HELX_P5 5 ASN A 121 ? ARG A 127 ? ASN A 105 ARG A 111 1 ? 7  
HELX_P HELX_P6 6 GLY A 132 ? ARG A 144 ? GLY A 116 ARG A 128 1 ? 13 
# 
_struct_conf_type.id          HELX_P 
_struct_conf_type.criteria    ? 
_struct_conf_type.reference   ? 
# 
_struct_sheet.id               A 
_struct_sheet.type             ? 
_struct_sheet.number_strands   6 
_struct_sheet.details          ? 
# 
loop_
_struct_sheet_order.sheet_id 
_struct_sheet_order.range_id_1 
_struct_sheet_order.range_id_2 
_struct_sheet_order.offset 
_struct_sheet_order.sense 
A 1 2 ? anti-parallel 
A 2 3 ? anti-parallel 
A 3 4 ? parallel      
A 4 5 ? anti-parallel 
A 5 6 ? anti-parallel 
# 
loop_
_struct_sheet_range.sheet_id 
_struct_sheet_range.id 
_struct_sheet_range.beg_label_comp_id 
_struct_sheet_range.beg_label_asym_id 
_struct_sheet_range.beg_label_seq_id 
_struct_sheet_range.pdbx_beg_PDB_ins_code 
_struct_sheet_range.end_label_comp_id 
_struct_sheet_range.end_label_asym_id 
_struct_sheet_range.end_label_seq_id 
_struct_sheet_range.pdbx_end_PDB_ins_code 
_struct_sheet_range.beg_auth_comp_id 
_struct_sheet_range.beg_auth_asym_id 
_struct_sheet_range.beg_auth_seq_id 
_struct_sheet_range.end_auth_comp_id 
_struct_sheet_range.end_auth_asym_id 
_struct_sheet_range.end_auth_seq_id 
A 1 SER A 20 ? VAL A 28 ? SER A 4  VAL A 12 
A 2 HIS A 32 ? ALA A 37 ? HIS A 16 ALA A 21 
A 3 VAL A 40 ? ASN A 45 ? VAL A 24 ASN A 29 
A 4 SER A 72 ? PHE A 78 ? SER A 56 PHE A 62 
A 5 GLU A 59 ? ARG A 69 ? GLU A 43 ARG A 53 
A 6 SER A 20 ? VAL A 28 ? SER A 4  VAL A 12 
# 
loop_
_pdbx_struct_sheet_hbond.sheet_id 
_pdbx_struct_sheet_hbond.range_id_1 
_pdbx_struct_sheet_hbond.range_id_2 
_pdbx_struct_sheet_hbond.range_1_label_atom_id 
_pdbx_struct_sheet_hbond.range_1_label_comp_id 
_pdbx_struct_sheet_hbond.range_1_label_asym_id 
_pdbx_struct_sheet_hbond.range_1_label_seq_id 
_pdbx_struct_sheet_hbond.range_1_PDB_ins_code 
_pdbx_struct_sheet_hbond.range_1_auth_atom_id 
_pdbx_struct_sheet_hbond.range_1_auth_comp_id 
_pdbx_struct_sheet_hbond.range_1_auth_asym_id 
_pdbx_struct_sheet_hbond.range_1_auth_seq_id 
_pdbx_struct_sheet_hbond.range_2_label_atom_id 
_pdbx_struct_sheet_hbond.range_2_label_comp_id 
_pdbx_struct_sheet_hbond.range_2_label_asym_id 
_pdbx_struct_sheet_hbond.range_2_label_seq_id 
_pdbx_struct_sheet_hbond.range_2_PDB_ins_code 
_pdbx_struct_sheet_hbond.range_2_auth_atom_id 
_pdbx_struct_sheet_hbond.range_2_auth_comp_id 
_pdbx_struct_sheet_hbond.range_2_auth_asym_id 
_pdbx_struct_sheet_hbond.range_2_auth_seq_id 
A 1 2 N GLU A 24 ? N GLU A 8  O GLU A 36 ? O GLU A 20 
A 2 3 N ILE A 35 ? N ILE A 19 O TYR A 42 ? O TYR A 26 
A 3 4 N ASN A 45 ? N ASN A 29 O GLY A 77 ? O GLY A 61 
A 4 5 O TYR A 76 ? O TYR A 60 N ALA A 65 ? N ALA A 49 
A 5 6 O ALA A 60 ? O ALA A 44 N GLY A 23 ? N GLY A 7  
# 
_atom_sites.entry_id                    2ZTE 
_atom_sites.fract_transf_matrix[1][1]   0.00100976 
_atom_sites.fract_transf_matrix[1][2]   -0.00889287 
_atom_sites.fract_transf_matrix[1][3]   -0.00777725 
_atom_sites.fract_transf_matrix[2][1]   -0.01180034 
_atom_sites.fract_transf_matrix[2][2]   -0.00113351 
_atom_sites.fract_transf_matrix[2][3]   -0.00023599 
_atom_sites.fract_transf_matrix[3][1]   -0.00047366 
_atom_sites.fract_transf_matrix[3][2]   0.00648853 
_atom_sites.fract_transf_matrix[3][3]   -0.00748078 
_atom_sites.fract_transf_vector[1]      0.121397 
_atom_sites.fract_transf_vector[2]      0.214044 
_atom_sites.fract_transf_vector[3]      0.310028 
# 
loop_
_atom_type.symbol 
C 
N 
O 
S 
# 
loop_
_atom_site.group_PDB 
_atom_site.id 
_atom_site.type_symbol 
_atom_site.label_atom_id 
_atom_site.label_alt_id 
_atom_site.label_comp_id 
_atom_site.label_asym_id 
_atom_site.label_entity_id 
_atom_site.label_seq_id 
_atom_site.pdbx_PDB_ins_code 
_atom_site.Cartn_x 
_atom_site.Cartn_y 
_atom_site.Cartn_z 
_atom_site.occupancy 
_atom_site.B_iso_or_equiv 
_atom_site.pdbx_formal_charge 
_atom_site.auth_seq_id 
_atom_site.auth_comp_id 
_atom_site.auth_asym_id 
_atom_site.auth_atom_id 
_atom_site.pdbx_PDB_model_num 
ATOM   1   N N   . GLU A 1 15  ? 14.861  -0.339  -4.462  1.00 58.81  ? -1  GLU A N   1 
ATOM   2   C CA  . GLU A 1 15  ? 15.771  0.549   -3.739  1.00 58.81  ? -1  GLU A CA  1 
ATOM   3   C C   . GLU A 1 15  ? 15.038  1.392   -2.687  1.00 58.81  ? -1  GLU A C   1 
ATOM   4   O O   . GLU A 1 15  ? 14.989  2.615   -2.811  1.00 58.81  ? -1  GLU A O   1 
ATOM   5   C CB  . GLU A 1 15  ? 16.494  1.475   -4.726  1.00 58.81  ? -1  GLU A CB  1 
ATOM   6   N N   . PHE A 1 16  ? 14.472  0.702   -1.695  1.00 48.49  ? 0   PHE A N   1 
ATOM   7   C CA  . PHE A 1 16  ? 13.662  1.331   -0.608  1.00 48.49  ? 0   PHE A CA  1 
ATOM   8   C C   . PHE A 1 16  ? 14.235  1.577   0.832   1.00 48.49  ? 0   PHE A C   1 
ATOM   9   O O   . PHE A 1 16  ? 13.694  2.391   1.626   1.00 48.49  ? 0   PHE A O   1 
ATOM   10  C CB  . PHE A 1 16  ? 12.395  0.516   -0.415  1.00 48.49  ? 0   PHE A CB  1 
ATOM   11  N N   . MET A 1 17  ? 15.283  0.860   1.171   1.00 45.36  ? 1   MET A N   1 
ATOM   12  C CA  . MET A 1 17  ? 15.905  0.924   2.502   1.00 44.20  ? 1   MET A CA  1 
ATOM   13  C C   . MET A 1 17  ? 15.312  0.282   3.764   1.00 43.19  ? 1   MET A C   1 
ATOM   14  O O   . MET A 1 17  ? 15.963  -0.513  4.447   1.00 43.08  ? 1   MET A O   1 
ATOM   15  C CB  . MET A 1 17  ? 16.455  2.289   2.873   1.00 43.49  ? 1   MET A CB  1 
ATOM   16  C CG  . MET A 1 17  ? 17.242  2.176   4.175   1.00 42.47  ? 1   MET A CG  1 
ATOM   17  S SD  . MET A 1 17  ? 18.451  3.476   4.447   1.00 42.29  ? 1   MET A SD  1 
ATOM   18  C CE  . MET A 1 17  ? 19.283  3.513   2.862   1.00 44.05  ? 1   MET A CE  1 
ATOM   19  N N   . ILE A 1 18  ? 14.087  0.649   4.079   1.00 31.99  ? 2   ILE A N   1 
ATOM   20  C CA  . ILE A 1 18  ? 13.403  0.083   5.225   1.00 31.35  ? 2   ILE A CA  1 
ATOM   21  C C   . ILE A 1 18  ? 12.268  -0.780  4.691   1.00 32.41  ? 2   ILE A C   1 
ATOM   22  O O   . ILE A 1 18  ? 11.335  -0.262  4.064   1.00 32.97  ? 2   ILE A O   1 
ATOM   23  C CB  . ILE A 1 18  ? 12.820  1.151   6.165   1.00 30.22  ? 2   ILE A CB  1 
ATOM   24  C CG1 . ILE A 1 18  ? 13.852  1.556   7.213   1.00 29.11  ? 2   ILE A CG1 1 
ATOM   25  C CG2 . ILE A 1 18  ? 11.591  0.613   6.857   1.00 30.25  ? 2   ILE A CG2 1 
ATOM   26  C CD1 . ILE A 1 18  ? 13.320  2.506   8.247   1.00 28.04  ? 2   ILE A CD1 1 
ATOM   27  N N   . ALA A 1 19  ? 12.334  -2.088  4.932   1.00 32.36  ? 3   ALA A N   1 
ATOM   28  C CA  . ALA A 1 19  ? 11.380  -3.017  4.325   1.00 33.65  ? 3   ALA A CA  1 
ATOM   29  C C   . ALA A 1 19  ? 10.464  -3.734  5.310   1.00 33.56  ? 3   ALA A C   1 
ATOM   30  O O   . ALA A 1 19  ? 9.560   -4.445  4.896   1.00 34.69  ? 3   ALA A O   1 
ATOM   31  C CB  . ALA A 1 19  ? 12.111  -4.105  3.581   1.00 34.65  ? 3   ALA A CB  1 
ATOM   32  N N   . SER A 1 20  ? 10.698  -3.559  6.606   1.00 36.05  ? 4   SER A N   1 
ATOM   33  C CA  . SER A 1 20  ? 9.863   -4.185  7.616   1.00 36.08  ? 4   SER A CA  1 
ATOM   34  C C   . SER A 1 20  ? 10.185  -3.446  8.887   1.00 34.70  ? 4   SER A C   1 
ATOM   35  O O   . SER A 1 20  ? 11.306  -2.966  9.048   1.00 33.80  ? 4   SER A O   1 
ATOM   36  C CB  . SER A 1 20  ? 10.110  -5.669  7.791   1.00 36.63  ? 4   SER A CB  1 
ATOM   37  O OG  . SER A 1 20  ? 11.083  -5.867  8.812   1.00 35.57  ? 4   SER A OG  1 
ATOM   38  N N   . VAL A 1 21  ? 9.214   -3.364  9.795   1.00 32.64  ? 5   VAL A N   1 
ATOM   39  C CA  . VAL A 1 21  ? 9.397   -2.676  11.079  1.00 31.54  ? 5   VAL A CA  1 
ATOM   40  C C   . VAL A 1 21  ? 8.694   -3.481  12.143  1.00 31.99  ? 5   VAL A C   1 
ATOM   41  O O   . VAL A 1 21  ? 7.495   -3.671  12.060  1.00 33.15  ? 5   VAL A O   1 
ATOM   42  C CB  . VAL A 1 21  ? 8.771   -1.281  11.108  1.00 31.38  ? 5   VAL A CB  1 
ATOM   43  C CG1 . VAL A 1 21  ? 9.099   -0.557  12.410  1.00 30.33  ? 5   VAL A CG1 1 
ATOM   44  C CG2 . VAL A 1 21  ? 9.232   -0.484  9.921   1.00 31.21  ? 5   VAL A CG2 1 
ATOM   45  N N   . ARG A 1 22  ? 9.400   -3.930  13.164  1.00 51.91  ? 6   ARG A N   1 
ATOM   46  C CA  . ARG A 1 22  ? 8.750   -4.805  14.119  1.00 52.48  ? 6   ARG A CA  1 
ATOM   47  C C   . ARG A 1 22  ? 8.828   -4.287  15.550  1.00 51.78  ? 6   ARG A C   1 
ATOM   48  O O   . ARG A 1 22  ? 9.895   -3.918  16.030  1.00 50.65  ? 6   ARG A O   1 
ATOM   49  C CB  . ARG A 1 22  ? 9.362   -6.194  14.008  1.00 52.68  ? 6   ARG A CB  1 
ATOM   50  C CG  . ARG A 1 22  ? 8.666   -7.251  14.807  1.00 53.44  ? 6   ARG A CG  1 
ATOM   51  C CD  . ARG A 1 22  ? 9.562   -8.453  14.917  1.00 53.34  ? 6   ARG A CD  1 
ATOM   52  N NE  . ARG A 1 22  ? 10.915  -8.034  15.245  1.00 52.15  ? 6   ARG A NE  1 
ATOM   53  C CZ  . ARG A 1 22  ? 11.697  -8.676  16.100  1.00 51.78  ? 6   ARG A CZ  1 
ATOM   54  N NH1 . ARG A 1 22  ? 11.236  -9.762  16.700  1.00 52.40  ? 6   ARG A NH1 1 
ATOM   55  N NH2 . ARG A 1 22  ? 12.928  -8.234  16.360  1.00 50.94  ? 6   ARG A NH2 1 
ATOM   56  N N   . GLY A 1 23  ? 7.694   -4.261  16.234  1.00 29.96  ? 7   GLY A N   1 
ATOM   57  C CA  . GLY A 1 23  ? 7.684   -3.799  17.605  1.00 29.60  ? 7   GLY A CA  1 
ATOM   58  C C   . GLY A 1 23  ? 6.310   -3.681  18.223  1.00 31.01  ? 7   GLY A C   1 
ATOM   59  O O   . GLY A 1 23  ? 5.334   -4.143  17.656  1.00 32.35  ? 7   GLY A O   1 
ATOM   60  N N   . GLU A 1 24  ? 6.235   -3.061  19.394  1.00 39.85  ? 8   GLU A N   1 
ATOM   61  C CA  . GLU A 1 24  ? 4.970   -2.914  20.110  1.00 41.43  ? 8   GLU A CA  1 
ATOM   62  C C   . GLU A 1 24  ? 4.133   -1.823  19.462  1.00 42.45  ? 8   GLU A C   1 
ATOM   63  O O   . GLU A 1 24  ? 4.618   -0.729  19.223  1.00 41.71  ? 8   GLU A O   1 
ATOM   64  C CB  . GLU A 1 24  ? 5.228   -2.583  21.593  1.00 41.14  ? 8   GLU A CB  1 
ATOM   65  C CG  . GLU A 1 24  ? 3.969   -2.403  22.462  1.00 42.92  ? 8   GLU A CG  1 
ATOM   66  C CD  . GLU A 1 24  ? 4.203   -1.516  23.686  1.00 42.79  ? 8   GLU A CD  1 
ATOM   67  O OE1 . GLU A 1 24  ? 5.379   -1.235  24.013  1.00 41.29  ? 8   GLU A OE1 1 
ATOM   68  O OE2 . GLU A 1 24  ? 3.208   -1.087  24.316  1.00 44.39  ? 8   GLU A OE2 1 
ATOM   69  N N   . VAL A 1 25  ? 2.872   -2.121  19.182  1.00 39.76  ? 9   VAL A N   1 
ATOM   70  C CA  . VAL A 1 25  ? 1.965   -1.142  18.603  1.00 41.08  ? 9   VAL A CA  1 
ATOM   71  C C   . VAL A 1 25  ? 1.538   -0.110  19.615  1.00 41.87  ? 9   VAL A C   1 
ATOM   72  O O   . VAL A 1 25  ? 0.767   -0.414  20.520  1.00 43.23  ? 9   VAL A O   1 
ATOM   73  C CB  . VAL A 1 25  ? 0.679   -1.781  18.147  1.00 43.18  ? 9   VAL A CB  1 
ATOM   74  C CG1 . VAL A 1 25  ? -0.346  -0.705  17.901  1.00 44.93  ? 9   VAL A CG1 1 
ATOM   75  C CG2 . VAL A 1 25  ? 0.912   -2.599  16.912  1.00 42.88  ? 9   VAL A CG2 1 
ATOM   76  N N   . LEU A 1 26  ? 1.999   1.123   19.455  1.00 37.53  ? 10  LEU A N   1 
ATOM   77  C CA  . LEU A 1 26  ? 1.637   2.165   20.412  1.00 38.43  ? 10  LEU A CA  1 
ATOM   78  C C   . LEU A 1 26  ? 0.235   2.727   20.179  1.00 40.89  ? 10  LEU A C   1 
ATOM   79  O O   . LEU A 1 26  ? -0.521  2.884   21.130  1.00 42.49  ? 10  LEU A O   1 
ATOM   80  C CB  . LEU A 1 26  ? 2.686   3.276   20.447  1.00 36.97  ? 10  LEU A CB  1 
ATOM   81  C CG  . LEU A 1 26  ? 4.116   2.807   20.729  1.00 34.76  ? 10  LEU A CG  1 
ATOM   82  C CD1 . LEU A 1 26  ? 4.963   3.932   21.298  1.00 33.97  ? 10  LEU A CD1 1 
ATOM   83  C CD2 . LEU A 1 26  ? 4.096   1.642   21.686  1.00 34.80  ? 10  LEU A CD2 1 
ATOM   84  N N   . GLU A 1 27  ? -0.112  3.027   18.927  1.00 58.70  ? 11  GLU A N   1 
ATOM   85  C CA  . GLU A 1 27  ? -1.453  3.526   18.601  1.00 61.24  ? 11  GLU A CA  1 
ATOM   86  C C   . GLU A 1 27  ? -1.938  3.052   17.237  1.00 61.85  ? 11  GLU A C   1 
ATOM   87  O O   . GLU A 1 27  ? -1.159  2.915   16.301  1.00 60.20  ? 11  GLU A O   1 
ATOM   88  C CB  . GLU A 1 27  ? -1.521  5.064   18.678  1.00 61.77  ? 11  GLU A CB  1 
ATOM   89  C CG  . GLU A 1 27  ? -1.045  5.802   17.427  1.00 60.75  ? 11  GLU A CG  1 
ATOM   90  C CD  . GLU A 1 27  ? -1.754  7.149   17.214  1.00 62.48  ? 11  GLU A CD  1 
ATOM   91  O OE1 . GLU A 1 27  ? -2.790  7.384   17.877  1.00 64.85  ? 11  GLU A OE1 1 
ATOM   92  O OE2 . GLU A 1 27  ? -1.287  7.971   16.382  1.00 61.60  ? 11  GLU A OE2 1 
ATOM   93  N N   . VAL A 1 28  ? -3.235  2.802   17.136  1.00 45.77  ? 12  VAL A N   1 
ATOM   94  C CA  . VAL A 1 28  ? -3.837  2.420   15.871  1.00 46.82  ? 12  VAL A CA  1 
ATOM   95  C C   . VAL A 1 28  ? -4.900  3.422   15.476  1.00 49.21  ? 12  VAL A C   1 
ATOM   96  O O   . VAL A 1 28  ? -6.012  3.395   15.991  1.00 51.76  ? 12  VAL A O   1 
ATOM   97  C CB  . VAL A 1 28  ? -4.538  1.063   15.974  1.00 48.17  ? 12  VAL A CB  1 
ATOM   98  C CG1 . VAL A 1 28  ? -4.619  0.402   14.605  1.00 48.27  ? 12  VAL A CG1 1 
ATOM   99  C CG2 . VAL A 1 28  ? -3.819  0.176   16.968  1.00 46.65  ? 12  VAL A CG2 1 
ATOM   100 N N   . ALA A 1 29  ? -4.558  4.317   14.565  1.00 69.08  ? 13  ALA A N   1 
ATOM   101 C CA  . ALA A 1 29  ? -5.560  5.191   13.992  1.00 71.43  ? 13  ALA A CA  1 
ATOM   102 C C   . ALA A 1 29  ? -6.042  4.537   12.705  1.00 72.73  ? 13  ALA A C   1 
ATOM   103 O O   . ALA A 1 29  ? -5.644  3.414   12.382  1.00 72.64  ? 13  ALA A O   1 
ATOM   104 C CB  . ALA A 1 29  ? -4.943  6.489   13.541  1.00 70.26  ? 13  ALA A CB  1 
ATOM   105 N N   . LEU A 1 30  ? -6.876  5.249   11.956  1.00 56.29  ? 14  LEU A N   1 
ATOM   106 C CA  . LEU A 1 30  ? -7.556  4.651   10.816  1.00 58.19  ? 14  LEU A CA  1 
ATOM   107 C C   . LEU A 1 30  ? -6.931  4.808   9.417   1.00 56.72  ? 14  LEU A C   1 
ATOM   108 O O   . LEU A 1 30  ? -7.424  4.270   8.422   1.00 57.94  ? 14  LEU A O   1 
ATOM   109 C CB  . LEU A 1 30  ? -8.966  5.249   10.927  1.00 61.84  ? 14  LEU A CB  1 
ATOM   110 C CG  . LEU A 1 30  ? -9.275  5.505   12.421  1.00 62.96  ? 14  LEU A CG  1 
ATOM   111 C CD1 . LEU A 1 30  ? -10.593 6.234   12.675  1.00 65.61  ? 14  LEU A CD1 1 
ATOM   112 C CD2 . LEU A 1 30  ? -9.200  4.225   13.247  1.00 64.40  ? 14  LEU A CD2 1 
ATOM   113 N N   . ASP A 1 31  ? -5.814  5.518   9.363   1.00 61.96  ? 15  ASP A N   1 
ATOM   114 C CA  . ASP A 1 31  ? -5.019  5.600   8.152   1.00 60.18  ? 15  ASP A CA  1 
ATOM   115 C C   . ASP A 1 31  ? -3.599  5.104   8.430   1.00 57.01  ? 15  ASP A C   1 
ATOM   116 O O   . ASP A 1 31  ? -2.799  4.928   7.513   1.00 55.40  ? 15  ASP A O   1 
ATOM   117 C CB  . ASP A 1 31  ? -4.991  7.036   7.617   1.00 60.27  ? 15  ASP A CB  1 
ATOM   118 C CG  . ASP A 1 31  ? -4.545  8.051   8.660   1.00 59.37  ? 15  ASP A CG  1 
ATOM   119 O OD1 . ASP A 1 31  ? -4.280  7.652   9.809   1.00 58.74  ? 15  ASP A OD1 1 
ATOM   120 O OD2 . ASP A 1 31  ? -4.453  9.255   8.338   1.00 59.38  ? 15  ASP A OD2 1 
ATOM   121 N N   . HIS A 1 32  ? -3.291  4.861   9.700   1.00 58.76  ? 16  HIS A N   1 
ATOM   122 C CA  . HIS A 1 32  ? -1.928  4.541   10.083  1.00 55.96  ? 16  HIS A CA  1 
ATOM   123 C C   . HIS A 1 32  ? -1.810  3.805   11.412  1.00 55.71  ? 16  HIS A C   1 
ATOM   124 O O   . HIS A 1 32  ? -2.807  3.535   12.086  1.00 57.71  ? 16  HIS A O   1 
ATOM   125 C CB  . HIS A 1 32  ? -1.119  5.823   10.186  1.00 54.37  ? 16  HIS A CB  1 
ATOM   126 C CG  . HIS A 1 32  ? -1.399  6.607   11.431  1.00 55.06  ? 16  HIS A CG  1 
ATOM   127 N ND1 . HIS A 1 32  ? -2.211  7.716   11.440  1.00 54.11  ? 16  HIS A ND1 1 
ATOM   128 C CD2 . HIS A 1 32  ? -0.977  6.433   12.705  1.00 56.79  ? 16  HIS A CD2 1 
ATOM   129 C CE1 . HIS A 1 32  ? -2.279  8.199   12.672  1.00 55.21  ? 16  HIS A CE1 1 
ATOM   130 N NE2 . HIS A 1 32  ? -1.541  7.440   13.456  1.00 56.88  ? 16  HIS A NE2 1 
ATOM   131 N N   . VAL A 1 33  ? -0.565  3.502   11.774  1.00 43.95  ? 17  VAL A N   1 
ATOM   132 C CA  . VAL A 1 33  ? -0.229  2.906   13.063  1.00 43.36  ? 17  VAL A CA  1 
ATOM   133 C C   . VAL A 1 33  ? 1.198   3.278   13.460  1.00 40.86  ? 17  VAL A C   1 
ATOM   134 O O   . VAL A 1 33  ? 2.047   3.536   12.603  1.00 39.40  ? 17  VAL A O   1 
ATOM   135 C CB  . VAL A 1 33  ? -0.337  1.391   13.025  1.00 43.62  ? 17  VAL A CB  1 
ATOM   136 C CG1 . VAL A 1 33  ? 0.464   0.856   11.883  1.00 42.35  ? 17  VAL A CG1 1 
ATOM   137 C CG2 . VAL A 1 33  ? 0.163   0.816   14.314  1.00 42.74  ? 17  VAL A CG2 1 
ATOM   138 N N   . VAL A 1 34  ? 1.452   3.329   14.763  1.00 41.68  ? 18  VAL A N   1 
ATOM   139 C CA  . VAL A 1 34  ? 2.792   3.590   15.236  1.00 39.54  ? 18  VAL A CA  1 
ATOM   140 C C   . VAL A 1 34  ? 3.362   2.339   15.837  1.00 38.69  ? 18  VAL A C   1 
ATOM   141 O O   . VAL A 1 34  ? 2.819   1.780   16.787  1.00 39.60  ? 18  VAL A O   1 
ATOM   142 C CB  . VAL A 1 34  ? 2.837   4.696   16.278  1.00 39.73  ? 18  VAL A CB  1 
ATOM   143 C CG1 . VAL A 1 34  ? 4.238   4.824   16.836  1.00 37.70  ? 18  VAL A CG1 1 
ATOM   144 C CG2 . VAL A 1 34  ? 2.402   5.987   15.655  1.00 40.51  ? 18  VAL A CG2 1 
ATOM   145 N N   . ILE A 1 35  ? 4.475   1.895   15.281  1.00 33.74  ? 19  ILE A N   1 
ATOM   146 C CA  . ILE A 1 35  ? 5.102   0.691   15.774  1.00 32.99  ? 19  ILE A CA  1 
ATOM   147 C C   . ILE A 1 35  ? 6.438   1.047   16.399  1.00 31.24  ? 19  ILE A C   1 
ATOM   148 O O   . ILE A 1 35  ? 7.341   1.513   15.712  1.00 30.08  ? 19  ILE A O   1 
ATOM   149 C CB  . ILE A 1 35  ? 5.245   -0.321  14.644  1.00 33.02  ? 19  ILE A CB  1 
ATOM   150 C CG1 . ILE A 1 35  ? 3.887   -0.478  13.946  1.00 34.94  ? 19  ILE A CG1 1 
ATOM   151 C CG2 . ILE A 1 35  ? 5.767   -1.668  15.161  1.00 32.61  ? 19  ILE A CG2 1 
ATOM   152 C CD1 . ILE A 1 35  ? 3.746   -1.751  13.172  1.00 35.55  ? 19  ILE A CD1 1 
ATOM   153 N N   . GLU A 1 36  ? 6.541   0.851   17.713  1.00 42.64  ? 20  GLU A N   1 
ATOM   154 C CA  . GLU A 1 36  ? 7.756   1.164   18.445  1.00 41.24  ? 20  GLU A CA  1 
ATOM   155 C C   . GLU A 1 36  ? 8.757   0.065   18.185  1.00 40.19  ? 20  GLU A C   1 
ATOM   156 O O   . GLU A 1 36  ? 8.513   -1.087  18.513  1.00 40.62  ? 20  GLU A O   1 
ATOM   157 C CB  . GLU A 1 36  ? 7.475   1.287   19.947  1.00 41.79  ? 20  GLU A CB  1 
ATOM   158 C CG  . GLU A 1 36  ? 8.722   1.494   20.822  1.00 40.57  ? 20  GLU A CG  1 
ATOM   159 C CD  . GLU A 1 36  ? 8.457   2.393   22.024  1.00 41.30  ? 20  GLU A CD  1 
ATOM   160 O OE1 . GLU A 1 36  ? 8.292   3.627   21.840  1.00 41.73  ? 20  GLU A OE1 1 
ATOM   161 O OE2 . GLU A 1 36  ? 8.424   1.866   23.156  1.00 41.56  ? 20  GLU A OE2 1 
ATOM   162 N N   . ALA A 1 37  ? 9.874   0.431   17.573  1.00 28.87  ? 21  ALA A N   1 
ATOM   163 C CA  . ALA A 1 37  ? 10.946  -0.503  17.276  1.00 28.15  ? 21  ALA A CA  1 
ATOM   164 C C   . ALA A 1 37  ? 12.186  -0.042  18.010  1.00 27.46  ? 21  ALA A C   1 
ATOM   165 O O   . ALA A 1 37  ? 12.975  0.741   17.484  1.00 27.79  ? 21  ALA A O   1 
ATOM   166 C CB  . ALA A 1 37  ? 11.201  -0.548  15.793  1.00 28.18  ? 21  ALA A CB  1 
ATOM   167 N N   . ALA A 1 38  ? 12.341  -0.502  19.243  1.00 31.30  ? 22  ALA A N   1 
ATOM   168 C CA  . ALA A 1 38  ? 13.529  -0.171  20.011  1.00 31.84  ? 22  ALA A CA  1 
ATOM   169 C C   . ALA A 1 38  ? 13.582  1.260   20.515  1.00 31.96  ? 22  ALA A C   1 
ATOM   170 O O   . ALA A 1 38  ? 14.596  1.927   20.343  1.00 32.35  ? 22  ALA A O   1 
ATOM   171 C CB  . ALA A 1 38  ? 14.766  -0.483  19.196  1.00 32.32  ? 22  ALA A CB  1 
ATOM   172 N N   . GLY A 1 39  ? 12.501  1.733   21.129  1.00 32.24  ? 23  GLY A N   1 
ATOM   173 C CA  . GLY A 1 39  ? 12.459  3.105   21.609  1.00 32.36  ? 23  GLY A CA  1 
ATOM   174 C C   . GLY A 1 39  ? 11.919  4.094   20.574  1.00 32.17  ? 23  GLY A C   1 
ATOM   175 O O   . GLY A 1 39  ? 11.241  5.068   20.932  1.00 33.14  ? 23  GLY A O   1 
ATOM   176 N N   . VAL A 1 40  ? 12.220  3.854   19.297  1.00 25.65  ? 24  VAL A N   1 
ATOM   177 C CA  . VAL A 1 40  ? 11.764  4.721   18.215  1.00 25.49  ? 24  VAL A CA  1 
ATOM   178 C C   . VAL A 1 40  ? 10.370  4.325   17.743  1.00 26.11  ? 24  VAL A C   1 
ATOM   179 O O   . VAL A 1 40  ? 10.195  3.231   17.214  1.00 26.10  ? 24  VAL A O   1 
ATOM   180 C CB  . VAL A 1 40  ? 12.692  4.627   16.979  1.00 25.72  ? 24  VAL A CB  1 
ATOM   181 C CG1 . VAL A 1 40  ? 12.102  5.395   15.827  1.00 25.52  ? 24  VAL A CG1 1 
ATOM   182 C CG2 . VAL A 1 40  ? 14.079  5.138   17.288  1.00 26.29  ? 24  VAL A CG2 1 
ATOM   183 N N   . GLY A 1 41  ? 9.384   5.206   17.912  1.00 28.08  ? 25  GLY A N   1 
ATOM   184 C CA  . GLY A 1 41  ? 8.039   4.942   17.424  1.00 29.40  ? 25  GLY A CA  1 
ATOM   185 C C   . GLY A 1 41  ? 7.925   5.219   15.938  1.00 29.21  ? 25  GLY A C   1 
ATOM   186 O O   . GLY A 1 41  ? 7.975   6.360   15.522  1.00 29.18  ? 25  GLY A O   1 
ATOM   187 N N   . TYR A 1 42  ? 7.784   4.182   15.129  1.00 29.82  ? 26  TYR A N   1 
ATOM   188 C CA  . TYR A 1 42  ? 7.656   4.370   13.687  1.00 29.85  ? 26  TYR A CA  1 
ATOM   189 C C   . TYR A 1 42  ? 6.211   4.488   13.245  1.00 31.62  ? 26  TYR A C   1 
ATOM   190 O O   . TYR A 1 42  ? 5.352   3.732   13.703  1.00 32.84  ? 26  TYR A O   1 
ATOM   191 C CB  . TYR A 1 42  ? 8.302   3.218   12.942  1.00 29.35  ? 26  TYR A CB  1 
ATOM   192 C CG  . TYR A 1 42  ? 9.787   3.281   12.982  1.00 27.87  ? 26  TYR A CG  1 
ATOM   193 C CD1 . TYR A 1 42  ? 10.461  4.205   12.223  1.00 27.17  ? 26  TYR A CD1 1 
ATOM   194 C CD2 . TYR A 1 42  ? 10.521  2.429   13.796  1.00 27.34  ? 26  TYR A CD2 1 
ATOM   195 C CE1 . TYR A 1 42  ? 11.827  4.284   12.250  1.00 26.67  ? 26  TYR A CE1 1 
ATOM   196 C CE2 . TYR A 1 42  ? 11.896  2.496   13.832  1.00 26.59  ? 26  TYR A CE2 1 
ATOM   197 C CZ  . TYR A 1 42  ? 12.546  3.435   13.049  1.00 26.90  ? 26  TYR A CZ  1 
ATOM   198 O OH  . TYR A 1 42  ? 13.920  3.534   13.057  1.00 27.50  ? 26  TYR A OH  1 
ATOM   199 N N   . ARG A 1 43  ? 5.940   5.428   12.347  1.00 44.96  ? 27  ARG A N   1 
ATOM   200 C CA  . ARG A 1 43  ? 4.587   5.605   11.840  1.00 46.81  ? 27  ARG A CA  1 
ATOM   201 C C   . ARG A 1 43  ? 4.470   5.095   10.427  1.00 47.06  ? 27  ARG A C   1 
ATOM   202 O O   . ARG A 1 43  ? 5.040   5.663   9.491   1.00 46.26  ? 27  ARG A O   1 
ATOM   203 C CB  . ARG A 1 43  ? 4.151   7.068   11.878  1.00 47.44  ? 27  ARG A CB  1 
ATOM   204 C CG  . ARG A 1 43  ? 2.899   7.323   11.047  1.00 49.34  ? 27  ARG A CG  1 
ATOM   205 C CD  . ARG A 1 43  ? 2.325   8.719   11.237  1.00 50.44  ? 27  ARG A CD  1 
ATOM   206 N NE  . ARG A 1 43  ? 1.138   8.910   10.410  1.00 52.43  ? 27  ARG A NE  1 
ATOM   207 C CZ  . ARG A 1 43  ? 0.593   10.089  10.134  1.00 53.60  ? 27  ARG A CZ  1 
ATOM   208 N NH1 . ARG A 1 43  ? 1.139   11.195  10.625  1.00 52.92  ? 27  ARG A NH1 1 
ATOM   209 N NH2 . ARG A 1 43  ? -0.493  10.163  9.361   1.00 55.60  ? 27  ARG A NH2 1 
ATOM   210 N N   . VAL A 1 44  ? 3.714   4.021   10.274  1.00 37.25  ? 28  VAL A N   1 
ATOM   211 C CA  . VAL A 1 44  ? 3.461   3.467   8.961   1.00 37.95  ? 28  VAL A CA  1 
ATOM   212 C C   . VAL A 1 44  ? 1.980   3.646   8.669   1.00 40.18  ? 28  VAL A C   1 
ATOM   213 O O   . VAL A 1 44  ? 1.175   3.717   9.594   1.00 41.35  ? 28  VAL A O   1 
ATOM   214 C CB  . VAL A 1 44  ? 3.866   1.977   8.900   1.00 37.82  ? 28  VAL A CB  1 
ATOM   215 C CG1 . VAL A 1 44  ? 5.372   1.830   9.110   1.00 36.25  ? 28  VAL A CG1 1 
ATOM   216 C CG2 . VAL A 1 44  ? 3.129   1.188   9.934   1.00 39.69  ? 28  VAL A CG2 1 
ATOM   217 N N   . ASN A 1 45  ? 1.625   3.759   7.394   1.00 44.61  ? 29  ASN A N   1 
ATOM   218 C CA  . ASN A 1 45  ? 0.229   3.860   7.001   1.00 46.98  ? 29  ASN A CA  1 
ATOM   219 C C   . ASN A 1 45  ? -0.157  2.548   6.356   1.00 48.13  ? 29  ASN A C   1 
ATOM   220 O O   . ASN A 1 45  ? 0.708   1.889   5.786   1.00 47.11  ? 29  ASN A O   1 
ATOM   221 C CB  . ASN A 1 45  ? 0.054   4.989   5.999   1.00 47.28  ? 29  ASN A CB  1 
ATOM   222 C CG  . ASN A 1 45  ? 0.800   6.230   6.399   1.00 45.66  ? 29  ASN A CG  1 
ATOM   223 O OD1 . ASN A 1 45  ? 1.162   6.401   7.558   1.00 45.22  ? 29  ASN A OD1 1 
ATOM   224 N ND2 . ASN A 1 45  ? 1.032   7.113   5.441   1.00 44.86  ? 29  ASN A ND2 1 
ATOM   225 N N   . ALA A 1 46  ? -1.426  2.153   6.459   1.00 43.76  ? 30  ALA A N   1 
ATOM   226 C CA  . ALA A 1 46  ? -1.907  0.946   5.773   1.00 45.17  ? 30  ALA A CA  1 
ATOM   227 C C   . ALA A 1 46  ? -3.407  0.947   5.524   1.00 48.09  ? 30  ALA A C   1 
ATOM   228 O O   . ALA A 1 46  ? -4.161  1.790   6.039   1.00 49.28  ? 30  ALA A O   1 
ATOM   229 C CB  . ALA A 1 46  ? -1.497  -0.327  6.512   1.00 44.56  ? 30  ALA A CB  1 
ATOM   230 N N   . THR A 1 47  ? -3.838  -0.013  4.721   1.00 48.43  ? 31  THR A N   1 
ATOM   231 C CA  . THR A 1 47  ? -5.246  -0.123  4.420   1.00 51.44  ? 31  THR A CA  1 
ATOM   232 C C   . THR A 1 47  ? -5.952  -0.514  5.689   1.00 52.61  ? 31  THR A C   1 
ATOM   233 O O   . THR A 1 47  ? -5.424  -1.291  6.485   1.00 51.40  ? 31  THR A O   1 
ATOM   234 C CB  . THR A 1 47  ? -5.496  -1.186  3.366   1.00 52.71  ? 31  THR A CB  1 
ATOM   235 O OG1 . THR A 1 47  ? -4.571  -2.257  3.570   1.00 51.12  ? 31  THR A OG1 1 
ATOM   236 C CG2 . THR A 1 47  ? -5.272  -0.607  1.979   1.00 52.72  ? 31  THR A CG2 1 
ATOM   237 N N   . PRO A 1 48  ? -7.140  0.046   5.903   1.00 67.64  ? 32  PRO A N   1 
ATOM   238 C CA  . PRO A 1 48  ? -7.967  -0.301  7.056   1.00 69.40  ? 32  PRO A CA  1 
ATOM   239 C C   . PRO A 1 48  ? -7.938  -1.797  7.333   1.00 69.44  ? 32  PRO A C   1 
ATOM   240 O O   . PRO A 1 48  ? -7.826  -2.228  8.486   1.00 68.92  ? 32  PRO A O   1 
ATOM   241 C CB  . PRO A 1 48  ? -9.361  0.124   6.589   1.00 72.87  ? 32  PRO A CB  1 
ATOM   242 C CG  . PRO A 1 48  ? -9.093  1.260   5.560   1.00 72.36  ? 32  PRO A CG  1 
ATOM   243 C CD  . PRO A 1 48  ? -7.598  1.311   5.310   1.00 69.26  ? 32  PRO A CD  1 
ATOM   244 N N   . ALA A 1 49  ? -8.040  -2.582  6.268   1.00 71.61  ? 33  ALA A N   1 
ATOM   245 C CA  . ALA A 1 49  ? -7.981  -4.023  6.391   1.00 71.62  ? 33  ALA A CA  1 
ATOM   246 C C   . ALA A 1 49  ? -6.745  -4.374  7.275   1.00 68.75  ? 33  ALA A C   1 
ATOM   247 O O   . ALA A 1 49  ? -6.897  -4.911  8.374   1.00 68.90  ? 33  ALA A O   1 
ATOM   248 C CB  . ALA A 1 49  ? -7.845  -4.669  5.040   1.00 72.00  ? 33  ALA A CB  1 
ATOM   249 N N   . THR A 1 50  ? -5.531  -4.064  6.796   1.00 54.38  ? 34  THR A N   1 
ATOM   250 C CA  . THR A 1 50  ? -4.313  -4.347  7.539   1.00 51.75  ? 34  THR A CA  1 
ATOM   251 C C   . THR A 1 50  ? -4.507  -3.902  8.977   1.00 51.52  ? 34  THR A C   1 
ATOM   252 O O   . THR A 1 50  ? -4.350  -4.688  9.912   1.00 51.15  ? 34  THR A O   1 
ATOM   253 C CB  . THR A 1 50  ? -3.087  -3.615  6.986   1.00 49.37  ? 34  THR A CB  1 
ATOM   254 O OG1 . THR A 1 50  ? -3.066  -3.659  5.557   1.00 49.96  ? 34  THR A OG1 1 
ATOM   255 C CG2 . THR A 1 50  ? -1.851  -4.280  7.487   1.00 47.21  ? 34  THR A CG2 1 
ATOM   256 N N   . LEU A 1 51  ? -4.874  -2.638  9.141   1.00 54.16  ? 35  LEU A N   1 
ATOM   257 C CA  . LEU A 1 51  ? -5.080  -2.044  10.460  1.00 54.18  ? 35  LEU A CA  1 
ATOM   258 C C   . LEU A 1 51  ? -5.920  -2.917  11.382  1.00 55.95  ? 35  LEU A C   1 
ATOM   259 O O   . LEU A 1 51  ? -5.504  -3.245  12.495  1.00 54.92  ? 35  LEU A O   1 
ATOM   260 C CB  . LEU A 1 51  ? -5.751  -0.679  10.306  1.00 55.46  ? 35  LEU A CB  1 
ATOM   261 C CG  . LEU A 1 51  ? -4.859  0.419   9.722   1.00 53.49  ? 35  LEU A CG  1 
ATOM   262 C CD1 . LEU A 1 51  ? -5.705  1.502   9.064   1.00 55.35  ? 35  LEU A CD1 1 
ATOM   263 C CD2 . LEU A 1 51  ? -3.968  0.993   10.804  1.00 51.43  ? 35  LEU A CD2 1 
ATOM   264 N N   . ALA A 1 52  ? -7.108  -3.276  10.909  1.00 56.02  ? 36  ALA A N   1 
ATOM   265 C CA  . ALA A 1 52  ? -8.027  -4.126  11.654  1.00 58.11  ? 36  ALA A CA  1 
ATOM   266 C C   . ALA A 1 52  ? -7.311  -5.210  12.461  1.00 56.50  ? 36  ALA A C   1 
ATOM   267 O O   . ALA A 1 52  ? -7.496  -5.314  13.672  1.00 56.72  ? 36  ALA A O   1 
ATOM   268 C CB  . ALA A 1 52  ? -9.024  -4.764  10.700  1.00 60.77  ? 36  ALA A CB  1 
ATOM   269 N N   . THR A 1 53  ? -6.494  -6.009  11.779  1.00 62.23  ? 37  THR A N   1 
ATOM   270 C CA  . THR A 1 53  ? -5.864  -7.178  12.383  1.00 61.05  ? 37  THR A CA  1 
ATOM   271 C C   . THR A 1 53  ? -4.860  -6.798  13.448  1.00 58.64  ? 37  THR A C   1 
ATOM   272 O O   . THR A 1 53  ? -4.160  -7.663  13.964  1.00 57.37  ? 37  THR A O   1 
ATOM   273 C CB  . THR A 1 53  ? -5.122  -8.037  11.339  1.00 60.09  ? 37  THR A CB  1 
ATOM   274 O OG1 . THR A 1 53  ? -4.049  -7.282  10.761  1.00 57.91  ? 37  THR A OG1 1 
ATOM   275 C CG2 . THR A 1 53  ? -6.069  -8.495  10.244  1.00 62.54  ? 37  THR A CG2 1 
ATOM   276 N N   . LEU A 1 54  ? -4.792  -5.510  13.774  1.00 62.21  ? 38  LEU A N   1 
ATOM   277 C CA  . LEU A 1 54  ? -3.767  -4.988  14.681  1.00 59.91  ? 38  LEU A CA  1 
ATOM   278 C C   . LEU A 1 54  ? -4.313  -4.507  16.022  1.00 60.77  ? 38  LEU A C   1 
ATOM   279 O O   . LEU A 1 54  ? -5.208  -3.666  16.073  1.00 62.53  ? 38  LEU A O   1 
ATOM   280 C CB  . LEU A 1 54  ? -3.006  -3.846  14.007  1.00 58.33  ? 38  LEU A CB  1 
ATOM   281 C CG  . LEU A 1 54  ? -2.196  -4.232  12.774  1.00 57.09  ? 38  LEU A CG  1 
ATOM   282 C CD1 . LEU A 1 54  ? -1.241  -3.113  12.399  1.00 55.18  ? 38  LEU A CD1 1 
ATOM   283 C CD2 . LEU A 1 54  ? -1.438  -5.517  13.038  1.00 56.01  ? 38  LEU A CD2 1 
ATOM   284 N N   . ARG A 1 55  ? -3.751  -5.041  17.104  1.00 69.53  ? 39  ARG A N   1 
ATOM   285 C CA  . ARG A 1 55  ? -4.149  -4.661  18.453  1.00 70.21  ? 39  ARG A CA  1 
ATOM   286 C C   . ARG A 1 55  ? -3.041  -3.863  19.095  1.00 67.95  ? 39  ARG A C   1 
ATOM   287 O O   . ARG A 1 55  ? -1.872  -4.223  18.989  1.00 65.76  ? 39  ARG A O   1 
ATOM   288 C CB  . ARG A 1 55  ? -4.421  -5.894  19.323  1.00 70.81  ? 39  ARG A CB  1 
ATOM   289 C CG  . ARG A 1 55  ? -5.474  -6.832  18.771  1.00 73.12  ? 39  ARG A CG  1 
ATOM   290 C CD  . ARG A 1 55  ? -6.877  -6.245  18.905  1.00 76.08  ? 39  ARG A CD  1 
ATOM   291 N NE  . ARG A 1 55  ? -7.865  -7.038  18.179  1.00 78.43  ? 39  ARG A NE  1 
ATOM   292 C CZ  . ARG A 1 55  ? -8.480  -6.629  17.077  1.00 79.91  ? 39  ARG A CZ  1 
ATOM   293 N NH1 . ARG A 1 55  ? -8.215  -5.429  16.583  1.00 79.22  ? 39  ARG A NH1 1 
ATOM   294 N NH2 . ARG A 1 55  ? -9.363  -7.415  16.476  1.00 82.17  ? 39  ARG A NH2 1 
ATOM   295 N N   . GLN A 1 56  ? -3.408  -2.781  19.769  1.00 58.04  ? 40  GLN A N   1 
ATOM   296 C CA  . GLN A 1 56  ? -2.449  -2.014  20.542  1.00 56.24  ? 40  GLN A CA  1 
ATOM   297 C C   . GLN A 1 56  ? -1.912  -2.879  21.662  1.00 55.25  ? 40  GLN A C   1 
ATOM   298 O O   . GLN A 1 56  ? -2.573  -3.820  22.093  1.00 56.49  ? 40  GLN A O   1 
ATOM   299 C CB  . GLN A 1 56  ? -3.114  -0.778  21.122  1.00 57.73  ? 40  GLN A CB  1 
ATOM   300 C CG  . GLN A 1 56  ? -2.325  -0.136  22.219  1.00 56.44  ? 40  GLN A CG  1 
ATOM   301 C CD  . GLN A 1 56  ? -2.804  1.257   22.497  1.00 57.73  ? 40  GLN A CD  1 
ATOM   302 O OE1 . GLN A 1 56  ? -3.426  1.891   21.636  1.00 58.97  ? 40  GLN A OE1 1 
ATOM   303 N NE2 . GLN A 1 56  ? -2.524  1.751   23.703  1.00 57.58  ? 40  GLN A NE2 1 
ATOM   304 N N   . GLY A 1 57  ? -0.715  -2.564  22.134  1.00 50.17  ? 41  GLY A N   1 
ATOM   305 C CA  . GLY A 1 57  ? -0.107  -3.329  23.203  1.00 49.16  ? 41  GLY A CA  1 
ATOM   306 C C   . GLY A 1 57  ? 0.739   -4.487  22.702  1.00 47.68  ? 41  GLY A C   1 
ATOM   307 O O   . GLY A 1 57  ? 1.779   -4.785  23.285  1.00 46.06  ? 41  GLY A O   1 
ATOM   308 N N   . THR A 1 58  ? 0.311   -5.128  21.615  1.00 44.92  ? 42  THR A N   1 
ATOM   309 C CA  . THR A 1 58  ? 0.965   -6.341  21.117  1.00 43.99  ? 42  THR A CA  1 
ATOM   310 C C   . THR A 1 58  ? 2.069   -6.058  20.097  1.00 42.30  ? 42  THR A C   1 
ATOM   311 O O   . THR A 1 58  ? 2.028   -5.042  19.419  1.00 42.23  ? 42  THR A O   1 
ATOM   312 C CB  . THR A 1 58  ? -0.063  -7.249  20.448  1.00 45.84  ? 42  THR A CB  1 
ATOM   313 O OG1 . THR A 1 58  ? -0.677  -6.537  19.369  1.00 47.30  ? 42  THR A OG1 1 
ATOM   314 C CG2 . THR A 1 58  ? -1.143  -7.675  21.433  1.00 47.23  ? 42  THR A CG2 1 
ATOM   315 N N   . GLU A 1 59  ? 3.040   -6.963  19.982  1.00 50.86  ? 43  GLU A N   1 
ATOM   316 C CA  . GLU A 1 59  ? 4.096   -6.838  18.980  1.00 49.52  ? 43  GLU A CA  1 
ATOM   317 C C   . GLU A 1 59  ? 3.479   -7.060  17.604  1.00 50.59  ? 43  GLU A C   1 
ATOM   318 O O   . GLU A 1 59  ? 2.414   -7.659  17.493  1.00 52.26  ? 43  GLU A O   1 
ATOM   319 C CB  . GLU A 1 59  ? 5.211   -7.863  19.227  1.00 48.42  ? 43  GLU A CB  1 
ATOM   320 C CG  . GLU A 1 59  ? 6.624   -7.437  18.775  1.00 46.76  ? 43  GLU A CG  1 
ATOM   321 C CD  . GLU A 1 59  ? 7.442   -8.578  18.116  1.00 46.53  ? 43  GLU A CD  1 
ATOM   322 O OE1 . GLU A 1 59  ? 6.842   -9.510  17.523  1.00 47.66  ? 43  GLU A OE1 1 
ATOM   323 O OE2 . GLU A 1 59  ? 8.696   -8.534  18.171  1.00 45.39  ? 43  GLU A OE2 1 
ATOM   324 N N   . ALA A 1 60  ? 4.152   -6.574  16.560  1.00 39.57  ? 44  ALA A N   1 
ATOM   325 C CA  . ALA A 1 60  ? 3.634   -6.634  15.187  1.00 40.55  ? 44  ALA A CA  1 
ATOM   326 C C   . ALA A 1 60  ? 4.707   -6.292  14.151  1.00 39.36  ? 44  ALA A C   1 
ATOM   327 O O   . ALA A 1 60  ? 5.638   -5.534  14.438  1.00 37.90  ? 44  ALA A O   1 
ATOM   328 C CB  . ALA A 1 60  ? 2.452   -5.707  15.032  1.00 41.90  ? 44  ALA A CB  1 
ATOM   329 N N   . ARG A 1 61  ? 4.575   -6.854  12.949  1.00 45.08  ? 45  ARG A N   1 
ATOM   330 C CA  . ARG A 1 61  ? 5.548   -6.635  11.881  1.00 44.29  ? 45  ARG A CA  1 
ATOM   331 C C   . ARG A 1 61  ? 4.886   -6.352  10.540  1.00 45.46  ? 45  ARG A C   1 
ATOM   332 O O   . ARG A 1 61  ? 4.076   -7.144  10.050  1.00 47.00  ? 45  ARG A O   1 
ATOM   333 C CB  . ARG A 1 61  ? 6.487   -7.831  11.738  1.00 43.99  ? 45  ARG A CB  1 
ATOM   334 C CG  . ARG A 1 61  ? 7.111   -7.931  10.364  1.00 44.14  ? 45  ARG A CG  1 
ATOM   335 C CD  . ARG A 1 61  ? 7.691   -9.299  10.117  1.00 44.56  ? 45  ARG A CD  1 
ATOM   336 N NE  . ARG A 1 61  ? 9.038   -9.402  10.674  1.00 43.31  ? 45  ARG A NE  1 
ATOM   337 C CZ  . ARG A 1 61  ? 9.500   -10.463 11.339  1.00 43.28  ? 45  ARG A CZ  1 
ATOM   338 N NH1 . ARG A 1 61  ? 8.706   -11.515 11.544  1.00 44.34  ? 45  ARG A NH1 1 
ATOM   339 N NH2 . ARG A 1 61  ? 10.750  -10.468 11.814  1.00 42.30  ? 45  ARG A NH2 1 
ATOM   340 N N   . LEU A 1 62  ? 5.244   -5.218  9.943   1.00 37.37  ? 46  LEU A N   1 
ATOM   341 C CA  . LEU A 1 62  ? 4.771   -4.868  8.609   1.00 38.37  ? 46  LEU A CA  1 
ATOM   342 C C   . LEU A 1 62  ? 5.916   -4.862  7.621   1.00 37.73  ? 46  LEU A C   1 
ATOM   343 O O   . LEU A 1 62  ? 7.024   -4.399  7.921   1.00 36.29  ? 46  LEU A O   1 
ATOM   344 C CB  . LEU A 1 62  ? 4.109   -3.496  8.612   1.00 38.49  ? 46  LEU A CB  1 
ATOM   345 C CG  . LEU A 1 62  ? 2.636   -3.462  9.004   1.00 40.22  ? 46  LEU A CG  1 
ATOM   346 C CD1 . LEU A 1 62  ? 2.499   -3.865  10.445  1.00 40.78  ? 46  LEU A CD1 1 
ATOM   347 C CD2 . LEU A 1 62  ? 2.038   -2.096  8.770   1.00 40.00  ? 46  LEU A CD2 1 
ATOM   348 N N   . ILE A 1 63  ? 5.651   -5.402  6.443   1.00 38.41  ? 47  ILE A N   1 
ATOM   349 C CA  . ILE A 1 63  ? 6.589   -5.279  5.360   1.00 38.25  ? 47  ILE A CA  1 
ATOM   350 C C   . ILE A 1 63  ? 6.260   -3.953  4.717   1.00 38.27  ? 47  ILE A C   1 
ATOM   351 O O   . ILE A 1 63  ? 5.149   -3.739  4.238   1.00 39.53  ? 47  ILE A O   1 
ATOM   352 C CB  . ILE A 1 63  ? 6.417   -6.414  4.355   1.00 39.80  ? 47  ILE A CB  1 
ATOM   353 C CG1 . ILE A 1 63  ? 6.503   -7.744  5.091   1.00 39.95  ? 47  ILE A CG1 1 
ATOM   354 C CG2 . ILE A 1 63  ? 7.468   -6.324  3.255   1.00 39.84  ? 47  ILE A CG2 1 
ATOM   355 C CD1 . ILE A 1 63  ? 7.684   -7.831  5.997   1.00 38.38  ? 47  ILE A CD1 1 
ATOM   356 N N   . THR A 1 64  ? 7.230   -3.052  4.737   1.00 36.39  ? 48  THR A N   1 
ATOM   357 C CA  . THR A 1 64  ? 6.992   -1.653  4.429   1.00 36.08  ? 48  THR A CA  1 
ATOM   358 C C   . THR A 1 64  ? 7.580   -1.210  3.099   1.00 36.46  ? 48  THR A C   1 
ATOM   359 O O   . THR A 1 64  ? 8.622   -1.707  2.667   1.00 36.42  ? 48  THR A O   1 
ATOM   360 C CB  . THR A 1 64  ? 7.616   -0.767  5.502   1.00 34.36  ? 48  THR A CB  1 
ATOM   361 O OG1 . THR A 1 64  ? 9.042   -0.873  5.430   1.00 33.49  ? 48  THR A OG1 1 
ATOM   362 C CG2 . THR A 1 64  ? 7.157   -1.209  6.867   1.00 34.06  ? 48  THR A CG2 1 
ATOM   363 N N   . ALA A 1 65  ? 6.908   -0.263  2.456   1.00 37.97  ? 49  ALA A N   1 
ATOM   364 C CA  . ALA A 1 65  ? 7.534   0.500   1.394   1.00 38.08  ? 49  ALA A CA  1 
ATOM   365 C C   . ALA A 1 65  ? 7.924   1.845   1.984   1.00 36.65  ? 49  ALA A C   1 
ATOM   366 O O   . ALA A 1 65  ? 7.118   2.509   2.640   1.00 36.31  ? 49  ALA A O   1 
ATOM   367 C CB  . ALA A 1 65  ? 6.599   0.675   0.218   1.00 39.76  ? 49  ALA A CB  1 
ATOM   368 N N   . MET A 1 66  ? 9.173   2.236   1.777   1.00 37.96  ? 50  MET A N   1 
ATOM   369 C CA  . MET A 1 66  ? 9.618   3.543   2.222   1.00 36.76  ? 50  MET A CA  1 
ATOM   370 C C   . MET A 1 66  ? 9.736   4.481   1.026   1.00 37.49  ? 50  MET A C   1 
ATOM   371 O O   . MET A 1 66  ? 10.330  4.109   0.014   1.00 38.48  ? 50  MET A O   1 
ATOM   372 C CB  . MET A 1 66  ? 10.964  3.435   2.918   1.00 35.68  ? 50  MET A CB  1 
ATOM   373 C CG  . MET A 1 66  ? 11.502  4.784   3.307   1.00 34.68  ? 50  MET A CG  1 
ATOM   374 S SD  . MET A 1 66  ? 13.093  4.739   4.117   1.00 33.76  ? 50  MET A SD  1 
ATOM   375 C CE  . MET A 1 66  ? 12.898  6.180   5.144   1.00 32.44  ? 50  MET A CE  1 
ATOM   376 N N   . ILE A 1 67  ? 9.184   5.691   1.159   1.00 39.25  ? 51  ILE A N   1 
ATOM   377 C CA  . ILE A 1 67  ? 9.108   6.662   0.060   1.00 40.04  ? 51  ILE A CA  1 
ATOM   378 C C   . ILE A 1 67  ? 9.678   8.031   0.406   1.00 39.05  ? 51  ILE A C   1 
ATOM   379 O O   . ILE A 1 67  ? 9.116   8.742   1.241   1.00 38.15  ? 51  ILE A O   1 
ATOM   380 C CB  . ILE A 1 67  ? 7.660   6.878   -0.381  1.00 41.07  ? 51  ILE A CB  1 
ATOM   381 C CG1 . ILE A 1 67  ? 7.234   5.765   -1.318  1.00 42.72  ? 51  ILE A CG1 1 
ATOM   382 C CG2 . ILE A 1 67  ? 7.511   8.225   -1.068  1.00 41.38  ? 51  ILE A CG2 1 
ATOM   383 C CD1 . ILE A 1 67  ? 5.756   5.547   -1.335  1.00 43.78  ? 51  ILE A CD1 1 
ATOM   384 N N   . VAL A 1 68  ? 10.763  8.405   -0.275  1.00 38.57  ? 52  VAL A N   1 
ATOM   385 C CA  . VAL A 1 68  ? 11.532  9.601   0.060   1.00 37.90  ? 52  VAL A CA  1 
ATOM   386 C C   . VAL A 1 68  ? 11.410  10.679  -0.989  1.00 38.92  ? 52  VAL A C   1 
ATOM   387 O O   . VAL A 1 68  ? 11.660  10.423  -2.163  1.00 40.31  ? 52  VAL A O   1 
ATOM   388 C CB  . VAL A 1 68  ? 13.037  9.293   0.116   1.00 37.95  ? 52  VAL A CB  1 
ATOM   389 C CG1 . VAL A 1 68  ? 13.805  10.490  0.632   1.00 37.43  ? 52  VAL A CG1 1 
ATOM   390 C CG2 . VAL A 1 68  ? 13.298  8.108   0.979   1.00 37.24  ? 52  VAL A CG2 1 
ATOM   391 N N   . ARG A 1 69  ? 11.077  11.897  -0.575  1.00 59.08  ? 53  ARG A N   1 
ATOM   392 C CA  . ARG A 1 69  ? 11.128  13.030  -1.489  1.00 60.08  ? 53  ARG A CA  1 
ATOM   393 C C   . ARG A 1 69  ? 11.897  14.177  -0.847  1.00 59.53  ? 53  ARG A C   1 
ATOM   394 O O   . ARG A 1 69  ? 12.458  14.026  0.236   1.00 58.48  ? 53  ARG A O   1 
ATOM   395 C CB  . ARG A 1 69  ? 9.720   13.457  -1.899  1.00 60.53  ? 53  ARG A CB  1 
ATOM   396 C CG  . ARG A 1 69  ? 8.889   12.330  -2.516  1.00 61.44  ? 53  ARG A CG  1 
ATOM   397 C CD  . ARG A 1 69  ? 9.448   11.858  -3.871  1.00 63.09  ? 53  ARG A CD  1 
ATOM   398 N NE  . ARG A 1 69  ? 8.684   10.738  -4.439  1.00 64.14  ? 53  ARG A NE  1 
ATOM   399 C CZ  . ARG A 1 69  ? 9.007   9.447   -4.304  1.00 64.17  ? 53  ARG A CZ  1 
ATOM   400 N NH1 . ARG A 1 69  ? 10.089  9.093   -3.622  1.00 63.17  ? 53  ARG A NH1 1 
ATOM   401 N NH2 . ARG A 1 69  ? 8.248   8.500   -4.853  1.00 65.34  ? 53  ARG A NH2 1 
ATOM   402 N N   . GLU A 1 70  ? 11.935  15.322  -1.513  1.00 65.63  ? 54  GLU A N   1 
ATOM   403 C CA  . GLU A 1 70  ? 12.731  16.434  -1.014  1.00 65.57  ? 54  GLU A CA  1 
ATOM   404 C C   . GLU A 1 70  ? 12.211  16.956  0.315   1.00 64.29  ? 54  GLU A C   1 
ATOM   405 O O   . GLU A 1 70  ? 12.956  17.567  1.071   1.00 64.11  ? 54  GLU A O   1 
ATOM   406 C CB  . GLU A 1 70  ? 12.794  17.578  -2.028  1.00 67.02  ? 54  GLU A CB  1 
ATOM   407 C CG  . GLU A 1 70  ? 13.879  18.610  -1.714  1.00 67.46  ? 54  GLU A CG  1 
ATOM   408 C CD  . GLU A 1 70  ? 13.790  19.879  -2.565  1.00 68.89  ? 54  GLU A CD  1 
ATOM   409 O OE1 . GLU A 1 70  ? 12.708  20.508  -2.587  1.00 68.87  ? 54  GLU A OE1 1 
ATOM   410 O OE2 . GLU A 1 70  ? 14.813  20.251  -3.193  1.00 70.11  ? 54  GLU A OE2 1 
ATOM   411 N N   . ASP A 1 71  ? 10.939  16.708  0.606   1.00 62.58  ? 55  ASP A N   1 
ATOM   412 C CA  . ASP A 1 71  ? 10.308  17.304  1.781   1.00 61.63  ? 55  ASP A CA  1 
ATOM   413 C C   . ASP A 1 71  ? 9.530   16.336  2.660   1.00 60.34  ? 55  ASP A C   1 
ATOM   414 O O   . ASP A 1 71  ? 8.653   16.749  3.414   1.00 60.39  ? 55  ASP A O   1 
ATOM   415 C CB  . ASP A 1 71  ? 9.376   18.425  1.358   1.00 62.31  ? 55  ASP A CB  1 
ATOM   416 C CG  . ASP A 1 71  ? 10.110  19.711  1.103   1.00 63.41  ? 55  ASP A CG  1 
ATOM   417 O OD1 . ASP A 1 71  ? 11.199  19.897  1.695   1.00 63.38  ? 55  ASP A OD1 1 
ATOM   418 O OD2 . ASP A 1 71  ? 9.608   20.543  0.315   1.00 64.43  ? 55  ASP A OD2 1 
ATOM   419 N N   . SER A 1 72  ? 9.848   15.053  2.575   1.00 32.71  ? 56  SER A N   1 
ATOM   420 C CA  . SER A 1 72  ? 9.095   14.065  3.316   1.00 31.83  ? 56  SER A CA  1 
ATOM   421 C C   . SER A 1 72  ? 9.754   12.708  3.229   1.00 31.91  ? 56  SER A C   1 
ATOM   422 O O   . SER A 1 72  ? 10.531  12.440  2.316   1.00 32.80  ? 56  SER A O   1 
ATOM   423 C CB  . SER A 1 72  ? 7.694   13.942  2.729   1.00 33.25  ? 56  SER A CB  1 
ATOM   424 O OG  . SER A 1 72  ? 7.664   12.943  1.719   1.00 33.75  ? 56  SER A OG  1 
ATOM   425 N N   . MET A 1 73  ? 9.436   11.855  4.195   1.00 35.47  ? 57  MET A N   1 
ATOM   426 C CA  . MET A 1 73  ? 9.711   10.435  4.089   1.00 35.80  ? 57  MET A CA  1 
ATOM   427 C C   . MET A 1 73  ? 8.534   9.727   4.672   1.00 35.97  ? 57  MET A C   1 
ATOM   428 O O   . MET A 1 73  ? 8.344   9.759   5.883   1.00 35.22  ? 57  MET A O   1 
ATOM   429 C CB  . MET A 1 73  ? 10.902  10.029  4.928   1.00 34.96  ? 57  MET A CB  1 
ATOM   430 C CG  . MET A 1 73  ? 12.089  10.896  4.775   1.00 35.05  ? 57  MET A CG  1 
ATOM   431 S SD  . MET A 1 73  ? 13.549  10.110  5.473   1.00 34.77  ? 57  MET A SD  1 
ATOM   432 C CE  . MET A 1 73  ? 14.713  11.467  5.330   1.00 35.38  ? 57  MET A CE  1 
ATOM   433 N N   . THR A 1 74  ? 7.746   9.072   3.834   1.00 36.21  ? 58  THR A N   1 
ATOM   434 C CA  . THR A 1 74  ? 6.631   8.328   4.374   1.00 36.95  ? 58  THR A CA  1 
ATOM   435 C C   . THR A 1 74  ? 6.886   6.824   4.299   1.00 37.37  ? 58  THR A C   1 
ATOM   436 O O   . THR A 1 74  ? 7.607   6.353   3.418   1.00 37.68  ? 58  THR A O   1 
ATOM   437 C CB  . THR A 1 74  ? 5.303   8.741   3.727   1.00 38.47  ? 58  THR A CB  1 
ATOM   438 O OG1 . THR A 1 74  ? 5.277   10.163  3.542   1.00 38.09  ? 58  THR A OG1 1 
ATOM   439 C CG2 . THR A 1 74  ? 4.139   8.338   4.616   1.00 39.53  ? 58  THR A CG2 1 
ATOM   440 N N   . LEU A 1 75  ? 6.322   6.089   5.256   1.00 33.87  ? 59  LEU A N   1 
ATOM   441 C CA  . LEU A 1 75  ? 6.411   4.638   5.306   1.00 34.34  ? 59  LEU A CA  1 
ATOM   442 C C   . LEU A 1 75  ? 5.064   4.064   4.961   1.00 36.14  ? 59  LEU A C   1 
ATOM   443 O O   . LEU A 1 75  ? 4.046   4.576   5.421   1.00 36.88  ? 59  LEU A O   1 
ATOM   444 C CB  . LEU A 1 75  ? 6.723   4.194   6.721   1.00 33.44  ? 59  LEU A CB  1 
ATOM   445 C CG  . LEU A 1 75  ? 8.188   4.239   7.094   1.00 31.94  ? 59  LEU A CG  1 
ATOM   446 C CD1 . LEU A 1 75  ? 8.423   3.360   8.282   1.00 31.48  ? 59  LEU A CD1 1 
ATOM   447 C CD2 . LEU A 1 75  ? 8.968   3.753   5.913   1.00 32.33  ? 59  LEU A CD2 1 
ATOM   448 N N   . TYR A 1 76  ? 5.031   2.989   4.182   1.00 39.00  ? 60  TYR A N   1 
ATOM   449 C CA  . TYR A 1 76  ? 3.762   2.339   3.887   1.00 40.87  ? 60  TYR A CA  1 
ATOM   450 C C   . TYR A 1 76  ? 3.798   0.881   4.284   1.00 41.23  ? 60  TYR A C   1 
ATOM   451 O O   . TYR A 1 76  ? 4.708   0.153   3.915   1.00 40.82  ? 60  TYR A O   1 
ATOM   452 C CB  . TYR A 1 76  ? 3.418   2.514   2.418   1.00 42.16  ? 60  TYR A CB  1 
ATOM   453 C CG  . TYR A 1 76  ? 3.200   3.968   2.072   1.00 42.00  ? 60  TYR A CG  1 
ATOM   454 C CD1 . TYR A 1 76  ? 4.269   4.831   1.963   1.00 40.52  ? 60  TYR A CD1 1 
ATOM   455 C CD2 . TYR A 1 76  ? 1.926   4.482   1.890   1.00 43.49  ? 60  TYR A CD2 1 
ATOM   456 C CE1 . TYR A 1 76  ? 4.084   6.143   1.669   1.00 40.37  ? 60  TYR A CE1 1 
ATOM   457 C CE2 . TYR A 1 76  ? 1.735   5.804   1.598   1.00 43.39  ? 60  TYR A CE2 1 
ATOM   458 C CZ  . TYR A 1 76  ? 2.820   6.627   1.490   1.00 41.73  ? 60  TYR A CZ  1 
ATOM   459 O OH  . TYR A 1 76  ? 2.651   7.952   1.197   1.00 41.61  ? 60  TYR A OH  1 
ATOM   460 N N   . GLY A 1 77  ? 2.803   0.462   5.053   1.00 38.62  ? 61  GLY A N   1 
ATOM   461 C CA  . GLY A 1 77  ? 2.776   -0.878  5.611   1.00 38.93  ? 61  GLY A CA  1 
ATOM   462 C C   . GLY A 1 77  ? 1.778   -1.893  5.058   1.00 41.02  ? 61  GLY A C   1 
ATOM   463 O O   . GLY A 1 77  ? 0.654   -1.577  4.664   1.00 42.68  ? 61  GLY A O   1 
ATOM   464 N N   . PHE A 1 78  ? 2.198   -3.148  5.070   1.00 43.87  ? 62  PHE A N   1 
ATOM   465 C CA  . PHE A 1 78  ? 1.365   -4.229  4.569   1.00 45.81  ? 62  PHE A CA  1 
ATOM   466 C C   . PHE A 1 78  ? 1.695   -5.500  5.326   1.00 45.51  ? 62  PHE A C   1 
ATOM   467 O O   . PHE A 1 78  ? 2.720   -5.535  6.032   1.00 43.81  ? 62  PHE A O   1 
ATOM   468 C CB  . PHE A 1 78  ? 1.620   -4.400  3.083   1.00 46.56  ? 62  PHE A CB  1 
ATOM   469 C CG  . PHE A 1 78  ? 1.593   -3.111  2.325   1.00 46.47  ? 62  PHE A CG  1 
ATOM   470 C CD1 . PHE A 1 78  ? 0.389   -2.532  1.971   1.00 48.03  ? 62  PHE A CD1 1 
ATOM   471 C CD2 . PHE A 1 78  ? 2.765   -2.462  1.992   1.00 44.95  ? 62  PHE A CD2 1 
ATOM   472 C CE1 . PHE A 1 78  ? 0.354   -1.343  1.282   1.00 47.97  ? 62  PHE A CE1 1 
ATOM   473 C CE2 . PHE A 1 78  ? 2.732   -1.274  1.303   1.00 44.91  ? 62  PHE A CE2 1 
ATOM   474 C CZ  . PHE A 1 78  ? 1.525   -0.714  0.948   1.00 46.36  ? 62  PHE A CZ  1 
ATOM   475 N N   . PRO A 1 79  ? 0.858   -6.529  5.179   1.00 45.56  ? 63  PRO A N   1 
ATOM   476 C CA  . PRO A 1 79  ? 1.001   -7.748  5.961   1.00 45.60  ? 63  PRO A CA  1 
ATOM   477 C C   . PRO A 1 79  ? 2.010   -8.640  5.289   1.00 45.22  ? 63  PRO A C   1 
ATOM   478 O O   . PRO A 1 79  ? 2.535   -9.545  5.910   1.00 44.70  ? 63  PRO A O   1 
ATOM   479 C CB  . PRO A 1 79  ? -0.392  -8.382  5.824   1.00 48.00  ? 63  PRO A CB  1 
ATOM   480 C CG  . PRO A 1 79  ? -0.916  -7.875  4.487   1.00 49.18  ? 63  PRO A CG  1 
ATOM   481 C CD  . PRO A 1 79  ? 0.085   -6.821  3.969   1.00 47.81  ? 63  PRO A CD  1 
ATOM   482 N N   . ASP A 1 80  ? 2.297   -8.359  4.017   1.00 47.33  ? 64  ASP A N   1 
ATOM   483 C CA  . ASP A 1 80  ? 3.311   -9.106  3.319   1.00 47.36  ? 64  ASP A CA  1 
ATOM   484 C C   . ASP A 1 80  ? 3.891   -8.307  2.170   1.00 47.38  ? 64  ASP A C   1 
ATOM   485 O O   . ASP A 1 80  ? 3.275   -7.361  1.684   1.00 48.06  ? 64  ASP A O   1 
ATOM   486 C CB  . ASP A 1 80  ? 2.780   -10.433 2.841   1.00 50.00  ? 64  ASP A CB  1 
ATOM   487 C CG  . ASP A 1 80  ? 1.729   -10.266 1.784   1.00 52.81  ? 64  ASP A CG  1 
ATOM   488 O OD1 . ASP A 1 80  ? 1.015   -9.237  1.810   1.00 52.86  ? 64  ASP A OD1 1 
ATOM   489 O OD2 . ASP A 1 80  ? 1.619   -11.162 0.929   1.00 55.07  ? 64  ASP A OD2 1 
ATOM   490 N N   . GLY A 1 81  ? 5.074   -8.703  1.726   1.00 56.15  ? 65  GLY A N   1 
ATOM   491 C CA  . GLY A 1 81  ? 5.775   -7.955  0.704   1.00 55.96  ? 65  GLY A CA  1 
ATOM   492 C C   . GLY A 1 81  ? 5.244   -8.235  -0.682  1.00 58.68  ? 65  GLY A C   1 
ATOM   493 O O   . GLY A 1 81  ? 5.480   -7.480  -1.616  1.00 59.00  ? 65  GLY A O   1 
ATOM   494 N N   . GLU A 1 82  ? 4.532   -9.336  -0.831  1.00 93.77  ? 66  GLU A N   1 
ATOM   495 C CA  . GLU A 1 82  ? 3.928   -9.632  -2.111  1.00 96.64  ? 66  GLU A CA  1 
ATOM   496 C C   . GLU A 1 82  ? 2.892   -8.545  -2.355  1.00 97.42  ? 66  GLU A C   1 
ATOM   497 O O   . GLU A 1 82  ? 2.654   -8.141  -3.491  1.00 98.96  ? 66  GLU A O   1 
ATOM   498 C CB  . GLU A 1 82  ? 3.312   -11.031 -2.101  1.00 98.94  ? 66  GLU A CB  1 
ATOM   499 C CG  . GLU A 1 82  ? 4.353   -12.164 -1.948  1.00 98.40  ? 66  GLU A CG  1 
ATOM   500 C CD  . GLU A 1 82  ? 5.257   -12.021 -0.704  1.00 95.23  ? 66  GLU A CD  1 
ATOM   501 O OE1 . GLU A 1 82  ? 4.746   -11.669 0.386   1.00 94.10  ? 66  GLU A OE1 1 
ATOM   502 O OE2 . GLU A 1 82  ? 6.483   -12.262 -0.821  1.00 93.95  ? 66  GLU A OE2 1 
ATOM   503 N N   . THR A 1 83  ? 2.301   -8.047  -1.272  1.00 50.69  ? 67  THR A N   1 
ATOM   504 C CA  . THR A 1 83  ? 1.374   -6.924  -1.365  1.00 51.17  ? 67  THR A CA  1 
ATOM   505 C C   . THR A 1 83  ? 2.143   -5.621  -1.487  1.00 49.11  ? 67  THR A C   1 
ATOM   506 O O   . THR A 1 83  ? 1.883   -4.824  -2.386  1.00 50.02  ? 67  THR A O   1 
ATOM   507 C CB  . THR A 1 83  ? 0.463   -6.823  -0.142  1.00 50.82  ? 67  THR A CB  1 
ATOM   508 O OG1 . THR A 1 83  ? -0.360  -7.987  -0.051  1.00 53.08  ? 67  THR A OG1 1 
ATOM   509 C CG2 . THR A 1 83  ? -0.423  -5.608  -0.251  1.00 51.27  ? 67  THR A CG2 1 
ATOM   510 N N   . ARG A 1 84  ? 3.092   -5.407  -0.576  1.00 49.66  ? 68  ARG A N   1 
ATOM   511 C CA  . ARG A 1 84  ? 3.923   -4.199  -0.586  1.00 47.76  ? 68  ARG A CA  1 
ATOM   512 C C   . ARG A 1 84  ? 4.540   -3.972  -1.945  1.00 48.58  ? 68  ARG A C   1 
ATOM   513 O O   . ARG A 1 84  ? 4.551   -2.855  -2.455  1.00 48.54  ? 68  ARG A O   1 
ATOM   514 C CB  . ARG A 1 84  ? 5.054   -4.298  0.432   1.00 45.16  ? 68  ARG A CB  1 
ATOM   515 C CG  . ARG A 1 84  ? 6.089   -3.220  0.252   1.00 43.58  ? 68  ARG A CG  1 
ATOM   516 C CD  . ARG A 1 84  ? 7.427   -3.647  0.824   1.00 41.64  ? 68  ARG A CD  1 
ATOM   517 N NE  . ARG A 1 84  ? 8.127   -4.593  -0.042  1.00 42.48  ? 68  ARG A NE  1 
ATOM   518 C CZ  . ARG A 1 84  ? 9.119   -5.384  0.370   1.00 41.37  ? 68  ARG A CZ  1 
ATOM   519 N NH1 . ARG A 1 84  ? 9.527   -5.352  1.642   1.00 39.34  ? 68  ARG A NH1 1 
ATOM   520 N NH2 . ARG A 1 84  ? 9.707   -6.220  -0.481  1.00 42.34  ? 68  ARG A NH2 1 
ATOM   521 N N   . ASP A 1 85  ? 5.059   -5.050  -2.517  1.00 49.29  ? 69  ASP A N   1 
ATOM   522 C CA  . ASP A 1 85  ? 5.721   -4.996  -3.804  1.00 50.15  ? 69  ASP A CA  1 
ATOM   523 C C   . ASP A 1 85  ? 4.764   -4.513  -4.877  1.00 52.40  ? 69  ASP A C   1 
ATOM   524 O O   . ASP A 1 85  ? 5.134   -3.685  -5.707  1.00 52.49  ? 69  ASP A O   1 
ATOM   525 C CB  . ASP A 1 85  ? 6.302   -6.359  -4.175  1.00 50.93  ? 69  ASP A CB  1 
ATOM   526 C CG  . ASP A 1 85  ? 7.624   -6.640  -3.484  1.00 48.66  ? 69  ASP A CG  1 
ATOM   527 O OD1 . ASP A 1 85  ? 8.205   -5.714  -2.881  1.00 46.59  ? 69  ASP A OD1 1 
ATOM   528 O OD2 . ASP A 1 85  ? 8.081   -7.796  -3.543  1.00 49.08  ? 69  ASP A OD2 1 
ATOM   529 N N   . LEU A 1 86  ? 3.537   -5.031  -4.858  1.00 48.82  ? 70  LEU A N   1 
ATOM   530 C CA  . LEU A 1 86  ? 2.505   -4.597  -5.804  1.00 51.18  ? 70  LEU A CA  1 
ATOM   531 C C   . LEU A 1 86  ? 2.265   -3.089  -5.673  1.00 50.15  ? 70  LEU A C   1 
ATOM   532 O O   . LEU A 1 86  ? 2.177   -2.358  -6.668  1.00 51.09  ? 70  LEU A O   1 
ATOM   533 C CB  . LEU A 1 86  ? 1.208   -5.377  -5.570  1.00 53.40  ? 70  LEU A CB  1 
ATOM   534 C CG  . LEU A 1 86  ? -0.076  -4.849  -6.221  1.00 55.85  ? 70  LEU A CG  1 
ATOM   535 C CD1 . LEU A 1 86  ? -0.018  -4.987  -7.724  1.00 58.10  ? 70  LEU A CD1 1 
ATOM   536 C CD2 . LEU A 1 86  ? -1.300  -5.566  -5.687  1.00 57.79  ? 70  LEU A CD2 1 
ATOM   537 N N   . PHE A 1 87  ? 2.172   -2.632  -4.428  1.00 50.27  ? 71  PHE A N   1 
ATOM   538 C CA  . PHE A 1 87  ? 2.081   -1.207  -4.123  1.00 49.09  ? 71  PHE A CA  1 
ATOM   539 C C   . PHE A 1 87  ? 3.134   -0.400  -4.853  1.00 48.30  ? 71  PHE A C   1 
ATOM   540 O O   . PHE A 1 87  ? 2.808   0.521   -5.595  1.00 49.18  ? 71  PHE A O   1 
ATOM   541 C CB  . PHE A 1 87  ? 2.248   -0.972  -2.630  1.00 46.87  ? 71  PHE A CB  1 
ATOM   542 C CG  . PHE A 1 87  ? 2.276   0.466   -2.253  1.00 45.70  ? 71  PHE A CG  1 
ATOM   543 C CD1 . PHE A 1 87  ? 1.149   1.243   -2.394  1.00 46.92  ? 71  PHE A CD1 1 
ATOM   544 C CD2 . PHE A 1 87  ? 3.423   1.036   -1.748  1.00 43.58  ? 71  PHE A CD2 1 
ATOM   545 C CE1 . PHE A 1 87  ? 1.163   2.560   -2.040  1.00 46.08  ? 71  PHE A CE1 1 
ATOM   546 C CE2 . PHE A 1 87  ? 3.445   2.361   -1.392  1.00 42.82  ? 71  PHE A CE2 1 
ATOM   547 C CZ  . PHE A 1 87  ? 2.310   3.126   -1.536  1.00 44.09  ? 71  PHE A CZ  1 
ATOM   548 N N   . LEU A 1 88  ? 4.401   -0.728  -4.625  1.00 47.43  ? 72  LEU A N   1 
ATOM   549 C CA  . LEU A 1 88  ? 5.474   -0.036  -5.320  1.00 46.86  ? 72  LEU A CA  1 
ATOM   550 C C   . LEU A 1 88  ? 5.160   0.021   -6.796  1.00 49.05  ? 72  LEU A C   1 
ATOM   551 O O   . LEU A 1 88  ? 5.355   1.056   -7.423  1.00 49.26  ? 72  LEU A O   1 
ATOM   552 C CB  . LEU A 1 88  ? 6.814   -0.727  -5.098  1.00 45.49  ? 72  LEU A CB  1 
ATOM   553 C CG  . LEU A 1 88  ? 7.400   -0.546  -3.700  1.00 43.09  ? 72  LEU A CG  1 
ATOM   554 C CD1 . LEU A 1 88  ? 8.808   -1.081  -3.683  1.00 41.94  ? 72  LEU A CD1 1 
ATOM   555 C CD2 . LEU A 1 88  ? 7.376   0.918   -3.289  1.00 42.19  ? 72  LEU A CD2 1 
ATOM   556 N N   . THR A 1 89  ? 4.653   -1.077  -7.351  1.00 48.51  ? 73  THR A N   1 
ATOM   557 C CA  . THR A 1 89  ? 4.329   -1.089  -8.771  1.00 50.78  ? 73  THR A CA  1 
ATOM   558 C C   . THR A 1 89  ? 3.281   -0.068  -9.173  1.00 51.84  ? 73  THR A C   1 
ATOM   559 O O   . THR A 1 89  ? 3.489   0.691   -10.112 1.00 52.19  ? 73  THR A O   1 
ATOM   560 C CB  . THR A 1 89  ? 3.772   -2.430  -9.241  1.00 52.98  ? 73  THR A CB  1 
ATOM   561 O OG1 . THR A 1 89  ? 4.602   -3.487  -8.761  1.00 52.04  ? 73  THR A OG1 1 
ATOM   562 C CG2 . THR A 1 89  ? 3.756   -2.477  -10.748 1.00 55.18  ? 73  THR A CG2 1 
ATOM   563 N N   . LEU A 1 90  ? 2.152   -0.057  -8.470  1.00 52.24  ? 74  LEU A N   1 
ATOM   564 C CA  . LEU A 1 90  ? 1.098   0.901   -8.776  1.00 53.31  ? 74  LEU A CA  1 
ATOM   565 C C   . LEU A 1 90  ? 1.702   2.266   -8.957  1.00 52.14  ? 74  LEU A C   1 
ATOM   566 O O   . LEU A 1 90  ? 1.321   3.009   -9.855  1.00 53.46  ? 74  LEU A O   1 
ATOM   567 C CB  . LEU A 1 90  ? 0.108   0.984   -7.630  1.00 53.05  ? 74  LEU A CB  1 
ATOM   568 C CG  . LEU A 1 90  ? -0.766  -0.232  -7.408  1.00 54.82  ? 74  LEU A CG  1 
ATOM   569 C CD1 . LEU A 1 90  ? -1.959  0.193   -6.575  1.00 55.19  ? 74  LEU A CD1 1 
ATOM   570 C CD2 . LEU A 1 90  ? -1.209  -0.802  -8.746  1.00 57.88  ? 74  LEU A CD2 1 
ATOM   571 N N   . LEU A 1 91  ? 2.643   2.586   -8.077  1.00 49.81  ? 75  LEU A N   1 
ATOM   572 C CA  . LEU A 1 91  ? 3.281   3.891   -8.043  1.00 48.91  ? 75  LEU A CA  1 
ATOM   573 C C   . LEU A 1 91  ? 4.043   4.170   -9.327  1.00 49.75  ? 75  LEU A C   1 
ATOM   574 O O   . LEU A 1 91  ? 4.272   5.330   -9.697  1.00 50.16  ? 75  LEU A O   1 
ATOM   575 C CB  . LEU A 1 91  ? 4.228   3.967   -6.853  1.00 46.51  ? 75  LEU A CB  1 
ATOM   576 C CG  . LEU A 1 91  ? 3.573   4.241   -5.507  1.00 45.52  ? 75  LEU A CG  1 
ATOM   577 C CD1 . LEU A 1 91  ? 4.647   4.475   -4.476  1.00 43.24  ? 75  LEU A CD1 1 
ATOM   578 C CD2 . LEU A 1 91  ? 2.625   5.434   -5.566  1.00 46.68  ? 75  LEU A CD2 1 
ATOM   579 N N   . SER A 1 92  ? 4.431   3.094   -10.002 1.00 57.21  ? 76  SER A N   1 
ATOM   580 C CA  . SER A 1 92  ? 5.185   3.197   -11.240 1.00 58.06  ? 76  SER A CA  1 
ATOM   581 C C   . SER A 1 92  ? 4.344   3.767   -12.396 1.00 60.27  ? 76  SER A C   1 
ATOM   582 O O   . SER A 1 92  ? 4.866   4.026   -13.475 1.00 61.15  ? 76  SER A O   1 
ATOM   583 C CB  . SER A 1 92  ? 5.782   1.836   -11.617 1.00 58.29  ? 76  SER A CB  1 
ATOM   584 O OG  . SER A 1 92  ? 4.898   1.084   -12.428 1.00 60.55  ? 76  SER A OG  1 
ATOM   585 N N   . VAL A 1 93  ? 3.051   3.981   -12.170 1.00 55.58  ? 77  VAL A N   1 
ATOM   586 C CA  . VAL A 1 93  ? 2.196   4.546   -13.212 1.00 60.27  ? 77  VAL A CA  1 
ATOM   587 C C   . VAL A 1 93  ? 2.122   6.068   -13.119 1.00 61.40  ? 77  VAL A C   1 
ATOM   588 O O   . VAL A 1 93  ? 1.965   6.630   -12.030 1.00 59.83  ? 77  VAL A O   1 
ATOM   589 C CB  . VAL A 1 93  ? 0.785   3.960   -13.168 1.00 63.25  ? 77  VAL A CB  1 
ATOM   590 C CG1 . VAL A 1 93  ? -0.078  4.549   -14.273 1.00 68.40  ? 77  VAL A CG1 1 
ATOM   591 C CG2 . VAL A 1 93  ? 0.858   2.462   -13.295 1.00 62.45  ? 77  VAL A CG2 1 
ATOM   592 N N   . SER A 1 94  ? 2.246   6.728   -14.268 1.00 73.45  ? 78  SER A N   1 
ATOM   593 C CA  . SER A 1 94  ? 2.137   8.177   -14.342 1.00 75.26  ? 78  SER A CA  1 
ATOM   594 C C   . SER A 1 94  ? 0.770   8.635   -13.882 1.00 78.05  ? 78  SER A C   1 
ATOM   595 O O   . SER A 1 94  ? -0.229  8.391   -14.547 1.00 81.95  ? 78  SER A O   1 
ATOM   596 C CB  . SER A 1 94  ? 2.391   8.649   -15.768 1.00 78.46  ? 78  SER A CB  1 
ATOM   597 O OG  . SER A 1 94  ? 3.724   8.371   -16.151 1.00 76.13  ? 78  SER A OG  1 
ATOM   598 N N   . GLY A 1 95  ? 0.731   9.302   -12.739 1.00 66.34  ? 79  GLY A N   1 
ATOM   599 C CA  . GLY A 1 95  ? -0.522  9.776   -12.198 1.00 68.71  ? 79  GLY A CA  1 
ATOM   600 C C   . GLY A 1 95  ? -1.017  8.928   -11.046 1.00 66.35  ? 79  GLY A C   1 
ATOM   601 O O   . GLY A 1 95  ? -2.153  9.088   -10.607 1.00 68.34  ? 79  GLY A O   1 
ATOM   602 N N   . VAL A 1 96  ? -0.173  8.027   -10.552 1.00 62.69  ? 80  VAL A N   1 
ATOM   603 C CA  . VAL A 1 96  ? -0.516  7.233   -9.378  1.00 60.17  ? 80  VAL A CA  1 
ATOM   604 C C   . VAL A 1 96  ? 0.267   7.688   -8.161  1.00 56.03  ? 80  VAL A C   1 
ATOM   605 O O   . VAL A 1 96  ? 1.458   7.405   -8.050  1.00 52.83  ? 80  VAL A O   1 
ATOM   606 C CB  . VAL A 1 96  ? -0.228  5.753   -9.587  1.00 58.78  ? 80  VAL A CB  1 
ATOM   607 C CG1 . VAL A 1 96  ? -0.569  4.999   -8.327  1.00 56.33  ? 80  VAL A CG1 1 
ATOM   608 C CG2 . VAL A 1 96  ? -1.024  5.224   -10.754 1.00 62.97  ? 80  VAL A CG2 1 
ATOM   609 N N   . GLY A 1 97  ? -0.411  8.347   -7.228  1.00 57.44  ? 81  GLY A N   1 
ATOM   610 C CA  . GLY A 1 97  ? 0.225   8.782   -6.000  1.00 53.83  ? 81  GLY A CA  1 
ATOM   611 C C   . GLY A 1 97  ? 0.046   7.737   -4.913  1.00 51.54  ? 81  GLY A C   1 
ATOM   612 O O   . GLY A 1 97  ? -0.764  6.821   -5.054  1.00 52.27  ? 81  GLY A O   1 
ATOM   613 N N   . PRO A 1 98  ? 0.806   7.866   -3.832  1.00 56.06  ? 82  PRO A N   1 
ATOM   614 C CA  . PRO A 1 98  ? 0.705   6.926   -2.715  1.00 54.35  ? 82  PRO A CA  1 
ATOM   615 C C   . PRO A 1 98  ? -0.728  6.825   -2.193  1.00 55.21  ? 82  PRO A C   1 
ATOM   616 O O   . PRO A 1 98  ? -1.298  5.732   -2.172  1.00 55.58  ? 82  PRO A O   1 
ATOM   617 C CB  . PRO A 1 98  ? 1.625   7.554   -1.670  1.00 52.29  ? 82  PRO A CB  1 
ATOM   618 C CG  . PRO A 1 98  ? 2.698   8.220   -2.489  1.00 52.67  ? 82  PRO A CG  1 
ATOM   619 C CD  . PRO A 1 98  ? 2.113   8.548   -3.848  1.00 55.30  ? 82  PRO A CD  1 
ATOM   620 N N   . ARG A 1 99  ? -1.308  7.949   -1.787  1.00 79.72  ? 83  ARG A N   1 
ATOM   621 C CA  . ARG A 1 99  ? -2.682  7.940   -1.296  1.00 80.68  ? 83  ARG A CA  1 
ATOM   622 C C   . ARG A 1 99  ? -3.512  7.032   -2.176  1.00 83.27  ? 83  ARG A C   1 
ATOM   623 O O   . ARG A 1 99  ? -4.236  6.156   -1.704  1.00 83.39  ? 83  ARG A O   1 
ATOM   624 C CB  . ARG A 1 99  ? -3.274  9.339   -1.347  1.00 82.77  ? 83  ARG A CB  1 
ATOM   625 C CG  . ARG A 1 99  ? -2.413  10.381  -0.713  1.00 81.23  ? 83  ARG A CG  1 
ATOM   626 C CD  . ARG A 1 99  ? -3.131  11.714  -0.624  1.00 83.24  ? 83  ARG A CD  1 
ATOM   627 N NE  . ARG A 1 99  ? -2.513  12.557  0.399   1.00 81.87  ? 83  ARG A NE  1 
ATOM   628 C CZ  . ARG A 1 99  ? -3.036  13.688  0.871   1.00 83.09  ? 83  ARG A CZ  1 
ATOM   629 N NH1 . ARG A 1 99  ? -4.206  14.135  0.409   1.00 86.01  ? 83  ARG A NH1 1 
ATOM   630 N NH2 . ARG A 1 99  ? -2.383  14.373  1.809   1.00 81.71  ? 83  ARG A NH2 1 
ATOM   631 N N   . LEU A 1 100 ? -3.376  7.250   -3.477  1.00 53.89  ? 84  LEU A N   1 
ATOM   632 C CA  . LEU A 1 100 ? -4.129  6.505   -4.471  1.00 57.33  ? 84  LEU A CA  1 
ATOM   633 C C   . LEU A 1 100 ? -3.906  5.002   -4.386  1.00 55.66  ? 84  LEU A C   1 
ATOM   634 O O   . LEU A 1 100 ? -4.854  4.241   -4.202  1.00 57.18  ? 84  LEU A O   1 
ATOM   635 C CB  . LEU A 1 100 ? -3.761  6.994   -5.864  1.00 59.87  ? 84  LEU A CB  1 
ATOM   636 C CG  . LEU A 1 100 ? -4.568  6.368   -6.988  1.00 63.99  ? 84  LEU A CG  1 
ATOM   637 C CD1 . LEU A 1 100 ? -6.050  6.461   -6.667  1.00 67.15  ? 84  LEU A CD1 1 
ATOM   638 C CD2 . LEU A 1 100 ? -4.240  7.063   -8.295  1.00 66.70  ? 84  LEU A CD2 1 
ATOM   639 N N   . ALA A 1 101 ? -2.653  4.586   -4.548  1.00 67.24  ? 85  ALA A N   1 
ATOM   640 C CA  . ALA A 1 101 ? -2.299  3.175   -4.517  1.00 66.25  ? 85  ALA A CA  1 
ATOM   641 C C   . ALA A 1 101 ? -2.898  2.554   -3.281  1.00 65.87  ? 85  ALA A C   1 
ATOM   642 O O   . ALA A 1 101 ? -3.435  1.441   -3.325  1.00 67.36  ? 85  ALA A O   1 
ATOM   643 C CB  . ALA A 1 101 ? -0.797  3.001   -4.514  1.00 64.37  ? 85  ALA A CB  1 
ATOM   644 N N   . MET A 1 102 ? -2.809  3.282   -2.173  1.00 58.27  ? 86  MET A N   1 
ATOM   645 C CA  . MET A 1 102 ? -3.393  2.819   -0.923  1.00 57.82  ? 86  MET A CA  1 
ATOM   646 C C   . MET A 1 102 ? -4.915  2.609   -1.029  1.00 60.35  ? 86  MET A C   1 
ATOM   647 O O   . MET A 1 102 ? -5.438  1.641   -0.480  1.00 61.14  ? 86  MET A O   1 
ATOM   648 C CB  . MET A 1 102 ? -3.036  3.773   0.224   1.00 55.69  ? 86  MET A CB  1 
ATOM   649 C CG  . MET A 1 102 ? -1.569  3.726   0.656   1.00 53.31  ? 86  MET A CG  1 
ATOM   650 S SD  . MET A 1 102 ? -1.022  2.085   1.163   1.00 52.47  ? 86  MET A SD  1 
ATOM   651 C CE  . MET A 1 102 ? -2.148  1.737   2.497   1.00 52.61  ? 86  MET A CE  1 
ATOM   652 N N   . ALA A 1 103 ? -5.616  3.498   -1.738  1.00 56.45  ? 87  ALA A N   1 
ATOM   653 C CA  . ALA A 1 103 ? -7.073  3.391   -1.900  1.00 60.35  ? 87  ALA A CA  1 
ATOM   654 C C   . ALA A 1 103 ? -7.442  2.233   -2.814  1.00 62.89  ? 87  ALA A C   1 
ATOM   655 O O   . ALA A 1 103 ? -8.491  1.598   -2.662  1.00 65.12  ? 87  ALA A O   1 
ATOM   656 C CB  . ALA A 1 103 ? -7.650  4.688   -2.444  1.00 63.59  ? 87  ALA A CB  1 
ATOM   657 N N   . ALA A 1 104 ? -6.564  1.974   -3.773  1.00 66.67  ? 88  ALA A N   1 
ATOM   658 C CA  . ALA A 1 104 ? -6.754  0.901   -4.738  1.00 69.00  ? 88  ALA A CA  1 
ATOM   659 C C   . ALA A 1 104 ? -6.693  -0.455  -4.052  1.00 68.44  ? 88  ALA A C   1 
ATOM   660 O O   . ALA A 1 104 ? -7.458  -1.372  -4.376  1.00 71.45  ? 88  ALA A O   1 
ATOM   661 C CB  . ALA A 1 104 ? -5.695  0.988   -5.804  1.00 68.62  ? 88  ALA A CB  1 
ATOM   662 N N   . LEU A 1 105 ? -5.751  -0.567  -3.116  1.00 59.93  ? 89  LEU A N   1 
ATOM   663 C CA  . LEU A 1 105 ? -5.552  -1.777  -2.326  1.00 59.49  ? 89  LEU A CA  1 
ATOM   664 C C   . LEU A 1 105 ? -6.636  -1.925  -1.247  1.00 60.24  ? 89  LEU A C   1 
ATOM   665 O O   . LEU A 1 105 ? -7.044  -3.034  -0.913  1.00 61.60  ? 89  LEU A O   1 
ATOM   666 C CB  . LEU A 1 105 ? -4.145  -1.777  -1.716  1.00 56.07  ? 89  LEU A CB  1 
ATOM   667 C CG  . LEU A 1 105 ? -2.990  -1.611  -2.714  1.00 55.28  ? 89  LEU A CG  1 
ATOM   668 C CD1 . LEU A 1 105 ? -1.755  -1.045  -2.048  1.00 52.05  ? 89  LEU A CD1 1 
ATOM   669 C CD2 . LEU A 1 105 ? -2.664  -2.922  -3.398  1.00 56.75  ? 89  LEU A CD2 1 
ATOM   670 N N   . ALA A 1 106 ? -7.110  -0.800  -0.720  1.00 62.80  ? 90  ALA A N   1 
ATOM   671 C CA  . ALA A 1 106 ? -8.210  -0.803  0.236   1.00 63.77  ? 90  ALA A CA  1 
ATOM   672 C C   . ALA A 1 106 ? -9.427  -1.474  -0.379  1.00 67.89  ? 90  ALA A C   1 
ATOM   673 O O   . ALA A 1 106 ? -10.314 -1.939  0.333   1.00 69.31  ? 90  ALA A O   1 
ATOM   674 C CB  . ALA A 1 106 ? -8.552  0.614   0.650   1.00 62.82  ? 90  ALA A CB  1 
ATOM   675 N N   . VAL A 1 107 ? -9.455  -1.526  -1.707  1.00 66.34  ? 91  VAL A N   1 
ATOM   676 C CA  . VAL A 1 107 ? -10.641 -1.951  -2.443  1.00 70.81  ? 91  VAL A CA  1 
ATOM   677 C C   . VAL A 1 107 ? -10.420 -3.256  -3.203  1.00 72.74  ? 91  VAL A C   1 
ATOM   678 O O   . VAL A 1 107 ? -11.339 -4.064  -3.374  1.00 76.21  ? 91  VAL A O   1 
ATOM   679 C CB  . VAL A 1 107 ? -11.082 -0.855  -3.424  1.00 72.66  ? 91  VAL A CB  1 
ATOM   680 C CG1 . VAL A 1 107 ? -12.192 -1.366  -4.338  1.00 77.80  ? 91  VAL A CG1 1 
ATOM   681 C CG2 . VAL A 1 107 ? -11.504 0.411   -2.667  1.00 71.48  ? 91  VAL A CG2 1 
ATOM   682 N N   . HIS A 1 108 ? -9.195  -3.446  -3.671  1.00 85.90  ? 92  HIS A N   1 
ATOM   683 C CA  . HIS A 1 108 ? -8.803  -4.696  -4.303  1.00 87.28  ? 92  HIS A CA  1 
ATOM   684 C C   . HIS A 1 108 ? -7.596  -5.270  -3.613  1.00 83.95  ? 92  HIS A C   1 
ATOM   685 O O   . HIS A 1 108 ? -6.501  -4.761  -3.756  1.00 81.24  ? 92  HIS A O   1 
ATOM   686 C CB  . HIS A 1 108 ? -8.423  -4.470  -5.760  1.00 88.61  ? 92  HIS A CB  1 
ATOM   687 C CG  . HIS A 1 108 ? -9.554  -4.650  -6.720  1.00 93.37  ? 92  HIS A CG  1 
ATOM   688 N ND1 . HIS A 1 108 ? -10.244 -3.591  -7.252  1.00 95.14  ? 92  HIS A ND1 1 
ATOM   689 C CD2 . HIS A 1 108 ? -10.105 -5.773  -7.237  1.00 96.99  ? 92  HIS A CD2 1 
ATOM   690 C CE1 . HIS A 1 108 ? -11.180 -4.051  -8.072  1.00 99.82  ? 92  HIS A CE1 1 
ATOM   691 N NE2 . HIS A 1 108 ? -11.115 -5.367  -8.074  1.00 100.96 ? 92  HIS A NE2 1 
ATOM   692 N N   . ASP A 1 109 ? -7.798  -6.341  -2.872  1.00 69.12  ? 93  ASP A N   1 
ATOM   693 C CA  . ASP A 1 109 ? -6.703  -7.045  -2.230  1.00 66.50  ? 93  ASP A CA  1 
ATOM   694 C C   . ASP A 1 109 ? -5.637  -7.334  -3.275  1.00 66.19  ? 93  ASP A C   1 
ATOM   695 O O   . ASP A 1 109 ? -5.894  -7.243  -4.470  1.00 68.51  ? 93  ASP A O   1 
ATOM   696 C CB  . ASP A 1 109 ? -7.248  -8.330  -1.653  1.00 68.24  ? 93  ASP A CB  1 
ATOM   697 C CG  . ASP A 1 109 ? -8.726  -8.216  -1.362  1.00 70.96  ? 93  ASP A CG  1 
ATOM   698 O OD1 . ASP A 1 109 ? -9.132  -7.253  -0.655  1.00 69.68  ? 93  ASP A OD1 1 
ATOM   699 O OD2 . ASP A 1 109 ? -9.499  -9.064  -1.860  1.00 74.57  ? 93  ASP A OD2 1 
ATOM   700 N N   . ALA A 1 110 ? -4.438  -7.684  -2.830  1.00 69.51  ? 94  ALA A N   1 
ATOM   701 C CA  . ALA A 1 110 ? -3.328  -7.875  -3.754  1.00 68.97  ? 94  ALA A CA  1 
ATOM   702 C C   . ALA A 1 110 ? -3.666  -8.868  -4.870  1.00 72.47  ? 94  ALA A C   1 
ATOM   703 O O   . ALA A 1 110 ? -3.713  -8.475  -6.038  1.00 73.96  ? 94  ALA A O   1 
ATOM   704 C CB  . ALA A 1 110 ? -2.059  -8.251  -3.016  1.00 65.95  ? 94  ALA A CB  1 
ATOM   705 N N   . PRO A 1 111 ? -3.890  -10.156 -4.530  1.00 67.51  ? 95  PRO A N   1 
ATOM   706 C CA  . PRO A 1 111 ? -4.379  -11.119 -5.520  1.00 71.31  ? 95  PRO A CA  1 
ATOM   707 C C   . PRO A 1 111 ? -5.546  -10.610 -6.368  1.00 74.57  ? 95  PRO A C   1 
ATOM   708 O O   . PRO A 1 111 ? -5.473  -10.687 -7.598  1.00 76.62  ? 95  PRO A O   1 
ATOM   709 C CB  . PRO A 1 111 ? -4.837  -12.283 -4.643  1.00 72.36  ? 95  PRO A CB  1 
ATOM   710 C CG  . PRO A 1 111 ? -3.828  -12.312 -3.599  1.00 68.64  ? 95  PRO A CG  1 
ATOM   711 C CD  . PRO A 1 111 ? -3.537  -10.853 -3.285  1.00 65.72  ? 95  PRO A CD  1 
ATOM   712 N N   . ALA A 1 112 ? -6.597  -10.096 -5.730  1.00 105.06 ? 96  ALA A N   1 
ATOM   713 C CA  . ALA A 1 112 ? -7.748  -9.541  -6.451  1.00 108.29 ? 96  ALA A CA  1 
ATOM   714 C C   . ALA A 1 112 ? -7.318  -8.541  -7.530  1.00 107.94 ? 96  ALA A C   1 
ATOM   715 O O   . ALA A 1 112 ? -7.842  -8.537  -8.641  1.00 111.25 ? 96  ALA A O   1 
ATOM   716 C CB  . ALA A 1 112 ? -8.710  -8.885  -5.471  1.00 108.07 ? 96  ALA A CB  1 
ATOM   717 N N   . LEU A 1 113 ? -6.353  -7.701  -7.179  1.00 73.97  ? 97  LEU A N   1 
ATOM   718 C CA  . LEU A 1 113 ? -5.900  -6.641  -8.045  1.00 73.22  ? 97  LEU A CA  1 
ATOM   719 C C   . LEU A 1 113 ? -5.075  -7.183  -9.194  1.00 74.01  ? 97  LEU A C   1 
ATOM   720 O O   . LEU A 1 113 ? -5.399  -6.945  -10.353 1.00 76.57  ? 97  LEU A O   1 
ATOM   721 C CB  . LEU A 1 113 ? -5.090  -5.641  -7.236  1.00 68.92  ? 97  LEU A CB  1 
ATOM   722 C CG  . LEU A 1 113 ? -4.697  -4.358  -7.969  1.00 68.21  ? 97  LEU A CG  1 
ATOM   723 C CD1 . LEU A 1 113 ? -4.666  -3.202  -6.977  1.00 72.23  ? 97  LEU A CD1 1 
ATOM   724 C CD2 . LEU A 1 113 ? -3.362  -4.501  -8.719  1.00 65.06  ? 97  LEU A CD2 1 
ATOM   725 N N   . ARG A 1 114 ? -4.015  -7.913  -8.871  1.00 119.53 ? 98  ARG A N   1 
ATOM   726 C CA  . ARG A 1 114 ? -3.119  -8.456  -9.882  1.00 120.04 ? 98  ARG A CA  1 
ATOM   727 C C   . ARG A 1 114 ? -3.897  -9.010  -11.058 1.00 124.48 ? 98  ARG A C   1 
ATOM   728 O O   . ARG A 1 114 ? -3.522  -8.822  -12.215 1.00 125.55 ? 98  ARG A O   1 
ATOM   729 C CB  . ARG A 1 114 ? -2.309  -9.608  -9.305  1.00 118.80 ? 98  ARG A CB  1 
ATOM   730 C CG  . ARG A 1 114 ? -1.784  -9.405  -7.914  1.00 115.21 ? 98  ARG A CG  1 
ATOM   731 C CD  . ARG A 1 114 ? -1.662  -10.770 -7.237  1.00 115.54 ? 98  ARG A CD  1 
ATOM   732 N NE  . ARG A 1 114 ? -0.513  -10.878 -6.347  1.00 112.04 ? 98  ARG A NE  1 
ATOM   733 C CZ  . ARG A 1 114 ? 0.737   -11.033 -6.770  1.00 110.08 ? 98  ARG A CZ  1 
ATOM   734 N NH1 . ARG A 1 114 ? 0.987   -11.082 -8.080  1.00 111.21 ? 98  ARG A NH1 1 
ATOM   735 N NH2 . ARG A 1 114 ? 1.733   -11.126 -5.890  1.00 107.13 ? 98  ARG A NH2 1 
ATOM   736 N N   . GLN A 1 115 ? -4.981  -9.712  -10.750 1.00 108.16 ? 99  GLN A N   1 
ATOM   737 C CA  . GLN A 1 115 ? -5.734  -10.428 -11.768 1.00 112.78 ? 99  GLN A CA  1 
ATOM   738 C C   . GLN A 1 115 ? -6.606  -9.482  -12.594 1.00 115.35 ? 99  GLN A C   1 
ATOM   739 O O   . GLN A 1 115 ? -6.744  -9.659  -13.805 1.00 118.40 ? 99  GLN A O   1 
ATOM   740 C CB  . GLN A 1 115 ? -6.575  -11.524 -11.126 1.00 115.06 ? 99  GLN A CB  1 
ATOM   741 C CG  . GLN A 1 115 ? -7.158  -12.504 -12.110 1.00 118.81 ? 99  GLN A CG  1 
ATOM   742 C CD  . GLN A 1 115 ? -6.327  -13.758 -12.185 1.00 123.32 ? 99  GLN A CD  1 
ATOM   743 O OE1 . GLN A 1 115 ? -6.631  -14.749 -11.519 1.00 123.65 ? 99  GLN A OE1 1 
ATOM   744 N NE2 . GLN A 1 115 ? -5.284  -13.738 -13.002 1.00 127.01 ? 99  GLN A NE2 1 
ATOM   745 N N   . VAL A 1 116 ? -7.187  -8.476  -11.941 1.00 86.10  ? 100 VAL A N   1 
ATOM   746 C CA  . VAL A 1 116 ? -7.932  -7.444  -12.653 1.00 88.28  ? 100 VAL A CA  1 
ATOM   747 C C   . VAL A 1 116 ? -7.018  -6.861  -13.717 1.00 87.42  ? 100 VAL A C   1 
ATOM   748 O O   . VAL A 1 116 ? -7.410  -6.694  -14.871 1.00 90.78  ? 100 VAL A O   1 
ATOM   749 C CB  . VAL A 1 116 ? -8.397  -6.324  -11.710 1.00 86.31  ? 100 VAL A CB  1 
ATOM   750 C CG1 . VAL A 1 116 ? -8.978  -5.168  -12.500 1.00 88.37  ? 100 VAL A CG1 1 
ATOM   751 C CG2 . VAL A 1 116 ? -9.419  -6.848  -10.737 1.00 87.67  ? 100 VAL A CG2 1 
ATOM   752 N N   . LEU A 1 117 ? -5.783  -6.590  -13.316 1.00 82.70  ? 101 LEU A N   1 
ATOM   753 C CA  . LEU A 1 117 ? -4.803  -5.939  -14.177 1.00 81.30  ? 101 LEU A CA  1 
ATOM   754 C C   . LEU A 1 117 ? -4.274  -6.819  -15.292 1.00 83.28  ? 101 LEU A C   1 
ATOM   755 O O   . LEU A 1 117 ? -3.905  -6.327  -16.358 1.00 84.05  ? 101 LEU A O   1 
ATOM   756 C CB  . LEU A 1 117 ? -3.615  -5.463  -13.356 1.00 76.35  ? 101 LEU A CB  1 
ATOM   757 C CG  . LEU A 1 117 ? -3.827  -4.207  -12.529 1.00 73.88  ? 101 LEU A CG  1 
ATOM   758 C CD1 . LEU A 1 117 ? -2.521  -3.863  -11.852 1.00 69.45  ? 101 LEU A CD1 1 
ATOM   759 C CD2 . LEU A 1 117 ? -4.303  -3.072  -13.427 1.00 75.57  ? 101 LEU A CD2 1 
ATOM   760 N N   . ALA A 1 118 ? -4.187  -8.114  -15.036 1.00 83.96  ? 102 ALA A N   1 
ATOM   761 C CA  . ALA A 1 118 ? -3.791  -9.023  -16.089 1.00 86.27  ? 102 ALA A CA  1 
ATOM   762 C C   . ALA A 1 118 ? -4.942  -9.080  -17.079 1.00 91.29  ? 102 ALA A C   1 
ATOM   763 O O   . ALA A 1 118 ? -4.749  -8.906  -18.279 1.00 93.21  ? 102 ALA A O   1 
ATOM   764 C CB  . ALA A 1 118 ? -3.495  -10.391 -15.525 1.00 86.13  ? 102 ALA A CB  1 
ATOM   765 N N   . ASP A 1 119 ? -6.146  -9.285  -16.548 1.00 96.10  ? 103 ASP A N   1 
ATOM   766 C CA  . ASP A 1 119 ? -7.349  -9.469  -17.359 1.00 101.43 ? 103 ASP A CA  1 
ATOM   767 C C   . ASP A 1 119 ? -7.743  -8.200  -18.121 1.00 102.86 ? 103 ASP A C   1 
ATOM   768 O O   . ASP A 1 119 ? -8.475  -8.258  -19.115 1.00 107.49 ? 103 ASP A O   1 
ATOM   769 C CB  . ASP A 1 119 ? -8.518  -9.953  -16.484 1.00 103.35 ? 103 ASP A CB  1 
ATOM   770 C CG  . ASP A 1 119 ? -8.277  -11.331 -15.892 1.00 103.09 ? 103 ASP A CG  1 
ATOM   771 O OD1 . ASP A 1 119 ? -7.148  -11.850 -16.031 1.00 100.95 ? 103 ASP A OD1 1 
ATOM   772 O OD2 . ASP A 1 119 ? -9.216  -11.896 -15.290 1.00 105.17 ? 103 ASP A OD2 1 
ATOM   773 N N   . GLY A 1 120 ? -7.250  -7.057  -17.656 1.00 98.48  ? 104 GLY A N   1 
ATOM   774 C CA  . GLY A 1 120 ? -7.637  -5.790  -18.239 1.00 99.73  ? 104 GLY A CA  1 
ATOM   775 C C   . GLY A 1 120 ? -9.018  -5.359  -17.783 1.00 102.38 ? 104 GLY A C   1 
ATOM   776 O O   . GLY A 1 120 ? -9.711  -4.629  -18.489 1.00 106.40 ? 104 GLY A O   1 
ATOM   777 N N   . ASN A 1 121 ? -9.415  -5.800  -16.593 1.00 98.23  ? 105 ASN A N   1 
ATOM   778 C CA  . ASN A 1 121 ? -10.760 -5.523  -16.086 1.00 100.91 ? 105 ASN A CA  1 
ATOM   779 C C   . ASN A 1 121 ? -10.995 -4.079  -15.640 1.00 100.18 ? 105 ASN A C   1 
ATOM   780 O O   . ASN A 1 121 ? -11.097 -3.784  -14.450 1.00 97.35  ? 105 ASN A O   1 
ATOM   781 C CB  . ASN A 1 121 ? -11.134 -6.483  -14.955 1.00 100.26 ? 105 ASN A CB  1 
ATOM   782 C CG  . ASN A 1 121 ? -12.606 -6.390  -14.576 1.00 103.93 ? 105 ASN A CG  1 
ATOM   783 O OD1 . ASN A 1 121 ? -13.385 -5.712  -15.248 1.00 107.52 ? 105 ASN A OD1 1 
ATOM   784 N ND2 . ASN A 1 121 ? -12.992 -7.070  -13.498 1.00 103.25 ? 105 ASN A ND2 1 
ATOM   785 N N   . VAL A 1 122 ? -11.109 -3.185  -16.611 1.00 104.63 ? 106 VAL A N   1 
ATOM   786 C CA  . VAL A 1 122 ? -11.339 -1.781  -16.323 1.00 104.83 ? 106 VAL A CA  1 
ATOM   787 C C   . VAL A 1 122 ? -12.516 -1.611  -15.368 1.00 106.20 ? 106 VAL A C   1 
ATOM   788 O O   . VAL A 1 122 ? -12.408 -0.943  -14.344 1.00 103.16 ? 106 VAL A O   1 
ATOM   789 C CB  . VAL A 1 122 ? -11.581 -0.985  -17.610 1.00 109.43 ? 106 VAL A CB  1 
ATOM   790 C CG1 . VAL A 1 122 ? -11.918 0.461   -17.290 1.00 110.17 ? 106 VAL A CG1 1 
ATOM   791 C CG2 . VAL A 1 122 ? -10.367 -1.072  -18.526 1.00 107.84 ? 106 VAL A CG2 1 
ATOM   792 N N   . ALA A 1 123 ? -13.640 -2.223  -15.713 1.00 109.59 ? 107 ALA A N   1 
ATOM   793 C CA  . ALA A 1 123 ? -14.850 -2.107  -14.912 1.00 111.57 ? 107 ALA A CA  1 
ATOM   794 C C   . ALA A 1 123 ? -14.504 -2.204  -13.440 1.00 106.22 ? 107 ALA A C   1 
ATOM   795 O O   . ALA A 1 123 ? -14.872 -1.346  -12.638 1.00 105.37 ? 107 ALA A O   1 
ATOM   796 C CB  . ALA A 1 123 ? -15.854 -3.185  -15.298 1.00 116.12 ? 107 ALA A CB  1 
ATOM   797 N N   . ALA A 1 124 ? -13.784 -3.263  -13.101 1.00 103.41 ? 108 ALA A N   1 
ATOM   798 C CA  . ALA A 1 124 ? -13.359 -3.503  -11.736 1.00 98.33  ? 108 ALA A CA  1 
ATOM   799 C C   . ALA A 1 124 ? -12.643 -2.289  -11.163 1.00 94.52  ? 108 ALA A C   1 
ATOM   800 O O   . ALA A 1 124 ? -13.084 -1.715  -10.167 1.00 93.38  ? 108 ALA A O   1 
ATOM   801 C CB  . ALA A 1 124 ? -12.459 -4.715  -11.681 1.00 95.76  ? 108 ALA A CB  1 
ATOM   802 N N   . LEU A 1 125 ? -11.536 -1.911  -11.796 1.00 93.92  ? 109 LEU A N   1 
ATOM   803 C CA  . LEU A 1 125 ? -10.727 -0.789  -11.325 1.00 90.32  ? 109 LEU A CA  1 
ATOM   804 C C   . LEU A 1 125 ? -11.568 0.462   -11.135 1.00 92.77  ? 109 LEU A C   1 
ATOM   805 O O   . LEU A 1 125 ? -11.339 1.236   -10.209 1.00 89.88  ? 109 LEU A O   1 
ATOM   806 C CB  . LEU A 1 125 ? -9.592  -0.477  -12.304 1.00 89.38  ? 109 LEU A CB  1 
ATOM   807 C CG  . LEU A 1 125 ? -8.483  -1.489  -12.601 1.00 86.51  ? 109 LEU A CG  1 
ATOM   808 C CD1 . LEU A 1 125 ? -7.559  -0.942  -13.688 1.00 86.56  ? 109 LEU A CD1 1 
ATOM   809 C CD2 . LEU A 1 125 ? -7.686  -1.850  -11.353 1.00 80.98  ? 109 LEU A CD2 1 
ATOM   810 N N   . THR A 1 126 ? -12.536 0.656   -12.029 1.00 98.88  ? 110 THR A N   1 
ATOM   811 C CA  . THR A 1 126 ? -13.358 1.871   -12.053 1.00 102.08 ? 110 THR A CA  1 
ATOM   812 C C   . THR A 1 126 ? -14.115 2.097   -10.743 1.00 101.06 ? 110 THR A C   1 
ATOM   813 O O   . THR A 1 126 ? -14.483 3.230   -10.408 1.00 101.85 ? 110 THR A O   1 
ATOM   814 C CB  . THR A 1 126 ? -14.357 1.856   -13.215 1.00 108.65 ? 110 THR A CB  1 
ATOM   815 O OG1 . THR A 1 126 ? -13.656 1.632   -14.445 1.00 109.65 ? 110 THR A OG1 1 
ATOM   816 C CG2 . THR A 1 126 ? -15.095 3.181   -13.278 1.00 111.97 ? 110 THR A CG2 1 
ATOM   817 N N   . ARG A 1 127 ? -14.336 1.007   -10.011 1.00 122.30 ? 111 ARG A N   1 
ATOM   818 C CA  . ARG A 1 127 ? -15.019 1.053   -8.726  1.00 121.09 ? 111 ARG A CA  1 
ATOM   819 C C   . ARG A 1 127 ? -14.128 1.652   -7.641  1.00 115.52 ? 111 ARG A C   1 
ATOM   820 O O   . ARG A 1 127 ? -14.531 1.762   -6.484  1.00 113.80 ? 111 ARG A O   1 
ATOM   821 C CB  . ARG A 1 127 ? -15.500 -0.343  -8.338  1.00 121.31 ? 111 ARG A CB  1 
ATOM   822 C CG  . ARG A 1 127 ? -16.697 -0.788  -9.151  1.00 127.43 ? 111 ARG A CG  1 
ATOM   823 C CD  . ARG A 1 127 ? -16.542 -2.210  -9.649  1.00 128.14 ? 111 ARG A CD  1 
ATOM   824 N NE  . ARG A 1 127 ? -17.451 -2.483  -10.759 1.00 134.33 ? 111 ARG A NE  1 
ATOM   825 C CZ  . ARG A 1 127 ? -17.526 -3.647  -11.399 1.00 136.40 ? 111 ARG A CZ  1 
ATOM   826 N NH1 . ARG A 1 127 ? -16.743 -4.656  -11.038 1.00 133.05 ? 111 ARG A NH1 1 
ATOM   827 N NH2 . ARG A 1 127 ? -18.384 -3.806  -12.400 1.00 142.31 ? 111 ARG A NH2 1 
ATOM   828 N N   . VAL A 1 128 ? -12.919 2.045   -8.028  1.00 117.73 ? 112 VAL A N   1 
ATOM   829 C CA  . VAL A 1 128 ? -11.978 2.679   -7.112  1.00 112.74 ? 112 VAL A CA  1 
ATOM   830 C C   . VAL A 1 128 ? -12.171 4.186   -7.097  1.00 113.96 ? 112 VAL A C   1 
ATOM   831 O O   . VAL A 1 128 ? -12.359 4.800   -8.149  1.00 117.59 ? 112 VAL A O   1 
ATOM   832 C CB  . VAL A 1 128 ? -10.531 2.399   -7.526  1.00 109.36 ? 112 VAL A CB  1 
ATOM   833 C CG1 . VAL A 1 128 ? -9.573  3.092   -6.575  1.00 104.53 ? 112 VAL A CG1 1 
ATOM   834 C CG2 . VAL A 1 128 ? -10.273 0.901   -7.576  1.00 108.24 ? 112 VAL A CG2 1 
ATOM   835 N N   . PRO A 1 129 ? -12.132 4.790   -5.900  1.00 84.29  ? 113 PRO A N   1 
ATOM   836 C CA  . PRO A 1 129 ? -12.238 6.247   -5.775  1.00 85.14  ? 113 PRO A CA  1 
ATOM   837 C C   . PRO A 1 129 ? -11.071 6.971   -6.442  1.00 83.92  ? 113 PRO A C   1 
ATOM   838 O O   . PRO A 1 129 ? -9.930  6.819   -6.010  1.00 79.45  ? 113 PRO A O   1 
ATOM   839 C CB  . PRO A 1 129 ? -12.207 6.470   -4.260  1.00 81.36  ? 113 PRO A CB  1 
ATOM   840 C CG  . PRO A 1 129 ? -12.706 5.199   -3.690  1.00 80.64  ? 113 PRO A CG  1 
ATOM   841 C CD  . PRO A 1 129 ? -12.187 4.121   -4.594  1.00 80.84  ? 113 PRO A CD  1 
ATOM   842 N N   . GLY A 1 130 ? -11.360 7.741   -7.490  1.00 107.86 ? 114 GLY A N   1 
ATOM   843 C CA  . GLY A 1 130 ? -10.350 8.551   -8.151  1.00 107.28 ? 114 GLY A CA  1 
ATOM   844 C C   . GLY A 1 130 ? -9.840  8.008   -9.475  1.00 108.77 ? 114 GLY A C   1 
ATOM   845 O O   . GLY A 1 130 ? -8.883  8.544   -10.039 1.00 107.91 ? 114 GLY A O   1 
ATOM   846 N N   . ILE A 1 131 ? -10.474 6.954   -9.981  1.00 87.77  ? 115 ILE A N   1 
ATOM   847 C CA  . ILE A 1 131 ? -10.027 6.351   -11.238 1.00 89.29  ? 115 ILE A CA  1 
ATOM   848 C C   . ILE A 1 131 ? -11.100 6.341   -12.334 1.00 95.57  ? 115 ILE A C   1 
ATOM   849 O O   . ILE A 1 131 ? -11.978 5.472   -12.352 1.00 97.77  ? 115 ILE A O   1 
ATOM   850 C CB  . ILE A 1 131 ? -9.487  4.929   -11.021 1.00 86.09  ? 115 ILE A CB  1 
ATOM   851 C CG1 . ILE A 1 131 ? -8.449  4.927   -9.901  1.00 80.14  ? 115 ILE A CG1 1 
ATOM   852 C CG2 . ILE A 1 131 ? -8.878  4.378   -12.301 1.00 87.24  ? 115 ILE A CG2 1 
ATOM   853 C CD1 . ILE A 1 131 ? -7.867  3.565   -9.622  1.00 76.97  ? 115 ILE A CD1 1 
ATOM   854 N N   . GLY A 1 132 ? -11.013 7.307   -13.248 1.00 122.10 ? 116 GLY A N   1 
ATOM   855 C CA  . GLY A 1 132 ? -11.906 7.362   -14.395 1.00 128.26 ? 116 GLY A CA  1 
ATOM   856 C C   . GLY A 1 132 ? -11.568 6.266   -15.391 1.00 129.08 ? 116 GLY A C   1 
ATOM   857 O O   . GLY A 1 132 ? -10.745 5.391   -15.104 1.00 124.89 ? 116 GLY A O   1 
ATOM   858 N N   . LYS A 1 133 ? -12.200 6.299   -16.561 1.00 111.66 ? 117 LYS A N   1 
ATOM   859 C CA  . LYS A 1 133 ? -11.873 5.332   -17.599 1.00 112.82 ? 117 LYS A CA  1 
ATOM   860 C C   . LYS A 1 133 ? -10.383 5.437   -17.872 1.00 108.67 ? 117 LYS A C   1 
ATOM   861 O O   . LYS A 1 133 ? -9.625  4.471   -17.715 1.00 104.98 ? 117 LYS A O   1 
ATOM   862 C CB  . LYS A 1 133 ? -12.664 5.618   -18.857 1.00 119.53 ? 117 LYS A CB  1 
ATOM   863 N N   . ARG A 1 134 ? -9.981  6.647   -18.246 1.00 146.66 ? 118 ARG A N   1 
ATOM   864 C CA  . ARG A 1 134 ? -8.629  6.947   -18.699 1.00 143.80 ? 118 ARG A CA  1 
ATOM   865 C C   . ARG A 1 134 ? -7.548  6.485   -17.726 1.00 137.16 ? 118 ARG A C   1 
ATOM   866 O O   . ARG A 1 134 ? -6.556  5.884   -18.134 1.00 134.65 ? 118 ARG A O   1 
ATOM   867 C CB  . ARG A 1 134 ? -8.498  8.444   -19.019 1.00 145.79 ? 118 ARG A CB  1 
ATOM   868 C CG  . ARG A 1 134 ? -9.208  8.856   -20.329 1.00 152.44 ? 118 ARG A CG  1 
ATOM   869 C CD  . ARG A 1 134 ? -9.964  10.199  -20.238 1.00 156.27 ? 118 ARG A CD  1 
ATOM   870 N NE  . ARG A 1 134 ? -9.225  11.324  -20.812 1.00 156.93 ? 118 ARG A NE  1 
ATOM   871 C CZ  . ARG A 1 134 ? -9.411  11.813  -22.039 1.00 161.99 ? 118 ARG A CZ  1 
ATOM   872 N NH1 . ARG A 1 134 ? -10.322 11.287  -22.854 1.00 166.98 ? 118 ARG A NH1 1 
ATOM   873 N NH2 . ARG A 1 134 ? -8.681  12.843  -22.455 1.00 162.25 ? 118 ARG A NH2 1 
ATOM   874 N N   . GLY A 1 135 ? -7.742  6.754   -16.440 1.00 97.59  ? 119 GLY A N   1 
ATOM   875 C CA  . GLY A 1 135 ? -6.803  6.296   -15.431 1.00 91.57  ? 119 GLY A CA  1 
ATOM   876 C C   . GLY A 1 135 ? -6.689  4.784   -15.414 1.00 90.00  ? 119 GLY A C   1 
ATOM   877 O O   . GLY A 1 135 ? -5.614  4.217   -15.613 1.00 86.90  ? 119 GLY A O   1 
ATOM   878 N N   . ALA A 1 136 ? -7.819  4.132   -15.180 1.00 99.84  ? 120 ALA A N   1 
ATOM   879 C CA  . ALA A 1 136 ? -7.883  2.681   -15.151 1.00 99.08  ? 120 ALA A CA  1 
ATOM   880 C C   . ALA A 1 136 ? -7.104  2.059   -16.302 1.00 99.39  ? 120 ALA A C   1 
ATOM   881 O O   . ALA A 1 136 ? -6.427  1.048   -16.136 1.00 96.38  ? 120 ALA A O   1 
ATOM   882 C CB  . ALA A 1 136 ? -9.328  2.231   -15.195 1.00 103.50 ? 120 ALA A CB  1 
ATOM   883 N N   . GLU A 1 137 ? -7.198  2.671   -17.473 1.00 95.57  ? 121 GLU A N   1 
ATOM   884 C CA  . GLU A 1 137 ? -6.644  2.059   -18.665 1.00 96.70  ? 121 GLU A CA  1 
ATOM   885 C C   . GLU A 1 137 ? -5.142  2.276   -18.799 1.00 92.49  ? 121 GLU A C   1 
ATOM   886 O O   . GLU A 1 137 ? -4.432  1.445   -19.367 1.00 91.34  ? 121 GLU A O   1 
ATOM   887 C CB  . GLU A 1 137 ? -7.408  2.549   -19.883 1.00 102.79 ? 121 GLU A CB  1 
ATOM   888 C CG  . GLU A 1 137 ? -8.901  2.280   -19.735 1.00 107.13 ? 121 GLU A CG  1 
ATOM   889 C CD  . GLU A 1 137 ? -9.733  2.800   -20.898 1.00 113.62 ? 121 GLU A CD  1 
ATOM   890 O OE1 . GLU A 1 137 ? -9.347  3.818   -21.515 1.00 114.82 ? 121 GLU A OE1 1 
ATOM   891 O OE2 . GLU A 1 137 ? -10.783 2.186   -21.188 1.00 117.73 ? 121 GLU A OE2 1 
ATOM   892 N N   . ARG A 1 138 ? -4.655  3.382   -18.252 1.00 90.06  ? 122 ARG A N   1 
ATOM   893 C CA  . ARG A 1 138 ? -3.223  3.651   -18.262 1.00 86.00  ? 122 ARG A CA  1 
ATOM   894 C C   . ARG A 1 138 ? -2.526  2.540   -17.497 1.00 81.29  ? 122 ARG A C   1 
ATOM   895 O O   . ARG A 1 138 ? -1.442  2.074   -17.863 1.00 78.84  ? 122 ARG A O   1 
ATOM   896 C CB  . ARG A 1 138 ? -2.924  5.005   -17.610 1.00 84.45  ? 122 ARG A CB  1 
ATOM   897 C CG  . ARG A 1 138 ? -1.753  5.755   -18.251 1.00 83.35  ? 122 ARG A CG  1 
ATOM   898 C CD  . ARG A 1 138 ? -1.379  7.007   -17.474 1.00 81.46  ? 122 ARG A CD  1 
ATOM   899 N NE  . ARG A 1 138 ? -2.542  7.623   -16.833 1.00 83.68  ? 122 ARG A NE  1 
ATOM   900 C CZ  . ARG A 1 138 ? -3.432  8.388   -17.457 1.00 88.64  ? 122 ARG A CZ  1 
ATOM   901 N NH1 . ARG A 1 138 ? -3.306  8.633   -18.752 1.00 91.99  ? 122 ARG A NH1 1 
ATOM   902 N NH2 . ARG A 1 138 ? -4.453  8.903   -16.786 1.00 90.39  ? 122 ARG A NH2 1 
ATOM   903 N N   . MET A 1 139 ? -3.179  2.117   -16.424 1.00 80.83  ? 123 MET A N   1 
ATOM   904 C CA  . MET A 1 139 ? -2.687  1.027   -15.603 1.00 76.87  ? 123 MET A CA  1 
ATOM   905 C C   . MET A 1 139 ? -2.612  -0.254  -16.391 1.00 78.05  ? 123 MET A C   1 
ATOM   906 O O   . MET A 1 139 ? -1.540  -0.816  -16.599 1.00 75.31  ? 123 MET A O   1 
ATOM   907 C CB  . MET A 1 139 ? -3.653  0.785   -14.461 1.00 76.72  ? 123 MET A CB  1 
ATOM   908 C CG  . MET A 1 139 ? -3.710  1.911   -13.473 1.00 78.24  ? 123 MET A CG  1 
ATOM   909 S SD  . MET A 1 139 ? -4.956  1.515   -12.238 1.00 74.65  ? 123 MET A SD  1 
ATOM   910 C CE  . MET A 1 139 ? -4.886  2.995   -11.231 1.00 68.68  ? 123 MET A CE  1 
ATOM   911 N N   . VAL A 1 140 ? -3.784  -0.721  -16.806 1.00 84.37  ? 124 VAL A N   1 
ATOM   912 C CA  . VAL A 1 140 ? -3.907  -1.982  -17.514 1.00 86.13  ? 124 VAL A CA  1 
ATOM   913 C C   . VAL A 1 140 ? -2.909  -2.056  -18.656 1.00 85.99  ? 124 VAL A C   1 
ATOM   914 O O   . VAL A 1 140 ? -2.381  -3.124  -18.968 1.00 85.02  ? 124 VAL A O   1 
ATOM   915 C CB  . VAL A 1 140 ? -5.301  -2.142  -18.095 1.00 91.80  ? 124 VAL A CB  1 
ATOM   916 C CG1 . VAL A 1 140 ? -5.452  -3.533  -18.677 1.00 93.50  ? 124 VAL A CG1 1 
ATOM   917 C CG2 . VAL A 1 140 ? -6.359  -1.861  -17.036 1.00 92.41  ? 124 VAL A CG2 1 
ATOM   918 N N   . LEU A 1 141 ? -2.665  -0.901  -19.270 1.00 84.15  ? 125 LEU A N   1 
ATOM   919 C CA  . LEU A 1 141 ? -1.784  -0.786  -20.424 1.00 84.49  ? 125 LEU A CA  1 
ATOM   920 C C   . LEU A 1 141 ? -0.322  -0.927  -20.047 1.00 79.23  ? 125 LEU A C   1 
ATOM   921 O O   . LEU A 1 141 ? 0.444   -1.639  -20.700 1.00 78.38  ? 125 LEU A O   1 
ATOM   922 C CB  . LEU A 1 141 ? -1.971  0.559   -21.097 1.00 87.38  ? 125 LEU A CB  1 
ATOM   923 C CG  . LEU A 1 141 ? -0.874  0.722   -22.131 1.00 86.86  ? 125 LEU A CG  1 
ATOM   924 C CD1 . LEU A 1 141 ? -0.873  -0.496  -23.044 1.00 88.59  ? 125 LEU A CD1 1 
ATOM   925 C CD2 . LEU A 1 141 ? -1.045  1.999   -22.920 1.00 90.19  ? 125 LEU A CD2 1 
ATOM   926 N N   . GLU A 1 142 ? 0.065   -0.218  -18.998 1.00 101.68 ? 126 GLU A N   1 
ATOM   927 C CA  . GLU A 1 142 ? 1.448   -0.195  -18.579 1.00 96.88  ? 126 GLU A CA  1 
ATOM   928 C C   . GLU A 1 142 ? 1.767   -1.372  -17.668 1.00 94.40  ? 126 GLU A C   1 
ATOM   929 O O   . GLU A 1 142 ? 2.939   -1.679  -17.441 1.00 92.21  ? 126 GLU A O   1 
ATOM   930 C CB  . GLU A 1 142 ? 1.743   1.123   -17.869 1.00 95.06  ? 126 GLU A CB  1 
ATOM   931 C CG  . GLU A 1 142 ? 1.219   2.338   -18.616 1.00 98.93  ? 126 GLU A CG  1 
ATOM   932 C CD  . GLU A 1 142 ? 1.867   3.638   -18.156 1.00 96.96  ? 126 GLU A CD  1 
ATOM   933 O OE1 . GLU A 1 142 ? 3.111   3.753   -18.256 1.00 94.03  ? 126 GLU A OE1 1 
ATOM   934 O OE2 . GLU A 1 142 ? 1.132   4.550   -17.713 1.00 98.54  ? 126 GLU A OE2 1 
ATOM   935 N N   . LEU A 1 143 ? 0.724   -2.046  -17.174 1.00 81.70  ? 127 LEU A N   1 
ATOM   936 C CA  . LEU A 1 143 ? 0.871   -3.047  -16.101 1.00 80.34  ? 127 LEU A CA  1 
ATOM   937 C C   . LEU A 1 143 ? 0.448   -4.465  -16.468 1.00 83.28  ? 127 LEU A C   1 
ATOM   938 O O   . LEU A 1 143 ? 0.824   -5.411  -15.783 1.00 82.28  ? 127 LEU A O   1 
ATOM   939 C CB  . LEU A 1 143 ? 0.096   -2.615  -14.849 1.00 79.06  ? 127 LEU A CB  1 
ATOM   940 C CG  . LEU A 1 143 ? 0.454   -1.249  -14.258 1.00 76.04  ? 127 LEU A CG  1 
ATOM   941 C CD1 . LEU A 1 143 ? -0.588  -0.783  -13.259 1.00 75.73  ? 127 LEU A CD1 1 
ATOM   942 C CD2 . LEU A 1 143 ? 1.821   -1.296  -13.619 1.00 72.76  ? 127 LEU A CD2 1 
ATOM   943 N N   . ARG A 1 144 ? -0.338  -4.604  -17.533 1.00 106.25 ? 128 ARG A N   1 
ATOM   944 C CA  . ARG A 1 144 ? -0.901  -5.896  -17.927 1.00 109.63 ? 128 ARG A CA  1 
ATOM   945 C C   . ARG A 1 144 ? 0.144   -6.998  -17.991 1.00 108.74 ? 128 ARG A C   1 
ATOM   946 O O   . ARG A 1 144 ? -0.043  -8.083  -17.436 1.00 109.28 ? 128 ARG A O   1 
ATOM   947 C CB  . ARG A 1 144 ? -1.573  -5.788  -19.285 1.00 113.91 ? 128 ARG A CB  1 
ATOM   948 C CG  . ARG A 1 144 ? -2.549  -6.907  -19.558 1.00 118.06 ? 128 ARG A CG  1 
ATOM   949 C CD  . ARG A 1 144 ? -2.857  -6.979  -21.032 1.00 122.24 ? 128 ARG A CD  1 
ATOM   950 N NE  . ARG A 1 144 ? -2.832  -5.647  -21.628 1.00 122.25 ? 128 ARG A NE  1 
ATOM   951 C CZ  . ARG A 1 144 ? -3.918  -4.958  -21.964 1.00 125.39 ? 128 ARG A CZ  1 
ATOM   952 N NH1 . ARG A 1 144 ? -5.122  -5.488  -21.767 1.00 128.77 ? 128 ARG A NH1 1 
ATOM   953 N NH2 . ARG A 1 144 ? -3.798  -3.747  -22.503 1.00 125.79 ? 128 ARG A NH2 1 
ATOM   954 N N   . ASP A 1 145 ? 1.233   -6.721  -18.698 1.00 107.03 ? 129 ASP A N   1 
ATOM   955 C CA  . ASP A 1 145 ? 2.360   -7.639  -18.761 1.00 105.97 ? 129 ASP A CA  1 
ATOM   956 C C   . ASP A 1 145 ? 3.034   -7.770  -17.392 1.00 102.33 ? 129 ASP A C   1 
ATOM   957 O O   . ASP A 1 145 ? 3.452   -8.859  -16.998 1.00 102.11 ? 129 ASP A O   1 
ATOM   958 C CB  . ASP A 1 145 ? 3.363   -7.161  -19.805 1.00 105.58 ? 129 ASP A CB  1 
ATOM   959 N N   . LYS A 1 146 ? 3.091   -6.657  -16.662 1.00 104.07 ? 130 LYS A N   1 
ATOM   960 C CA  . LYS A 1 146 ? 3.922   -6.521  -15.459 1.00 100.47 ? 130 LYS A CA  1 
ATOM   961 C C   . LYS A 1 146 ? 3.516   -7.295  -14.187 1.00 99.78  ? 130 LYS A C   1 
ATOM   962 O O   . LYS A 1 146 ? 4.319   -7.399  -13.257 1.00 97.12  ? 130 LYS A O   1 
ATOM   963 C CB  . LYS A 1 146 ? 4.103   -5.036  -15.113 1.00 98.14  ? 130 LYS A CB  1 
ATOM   964 C CG  . LYS A 1 146 ? 4.969   -4.252  -16.100 1.00 97.77  ? 130 LYS A CG  1 
ATOM   965 C CD  . LYS A 1 146 ? 5.205   -2.820  -15.612 1.00 95.39  ? 130 LYS A CD  1 
ATOM   966 C CE  . LYS A 1 146 ? 6.368   -2.139  -16.339 1.00 94.53  ? 130 LYS A CE  1 
ATOM   967 N NZ  . LYS A 1 146 ? 6.804   -0.873  -15.658 1.00 92.08  ? 130 LYS A NZ  1 
ATOM   968 N N   . VAL A 1 147 ? 2.292   -7.822  -14.131 1.00 84.38  ? 131 VAL A N   1 
ATOM   969 C CA  . VAL A 1 147 ? 1.821   -8.536  -12.935 1.00 83.96  ? 131 VAL A CA  1 
ATOM   970 C C   . VAL A 1 147 ? 1.850   -10.065 -13.083 1.00 85.94  ? 131 VAL A C   1 
ATOM   971 O O   . VAL A 1 147 ? 2.900   -10.698 -12.987 1.00 84.70  ? 131 VAL A O   1 
ATOM   972 C CB  . VAL A 1 147 ? 0.400   -8.105  -12.517 1.00 85.30  ? 131 VAL A CB  1 
ATOM   973 C CG1 . VAL A 1 147 ? -0.057  -8.914  -11.304 1.00 85.01  ? 131 VAL A CG1 1 
ATOM   974 C CG2 . VAL A 1 147 ? 0.351   -6.609  -12.232 1.00 83.23  ? 131 VAL A CG2 1 
HETATM 975 O O   . HOH B 2 .   ? -1.204  11.122  -3.766  1.00 30.92  ? 197 HOH A O   1 
HETATM 976 O O   . HOH B 2 .   ? 1.059   -12.442 -3.802  1.00 26.67  ? 198 HOH A O   1 
HETATM 977 O O   . HOH B 2 .   ? -10.822 -9.997  -14.133 1.00 27.74  ? 199 HOH A O   1 
HETATM 978 O O   . HOH B 2 .   ? -5.680  10.841  -15.019 1.00 40.40  ? 200 HOH A O   1 
HETATM 979 O O   . HOH B 2 .   ? 11.569  -5.071  18.385  1.00 27.62  ? 201 HOH A O   1 
HETATM 980 O O   . HOH B 2 .   ? 12.741  21.743  0.097   1.00 27.56  ? 202 HOH A O   1 
# 
loop_
_pdbx_poly_seq_scheme.asym_id 
_pdbx_poly_seq_scheme.entity_id 
_pdbx_poly_seq_scheme.seq_id 
_pdbx_poly_seq_scheme.mon_id 
_pdbx_poly_seq_scheme.ndb_seq_num 
_pdbx_poly_seq_scheme.pdb_seq_num 
_pdbx_poly_seq_scheme.auth_seq_num 
_pdbx_poly_seq_scheme.pdb_mon_id 
_pdbx_poly_seq_scheme.auth_mon_id 
_pdbx_poly_seq_scheme.pdb_strand_id 
_pdbx_poly_seq_scheme.pdb_ins_code 
_pdbx_poly_seq_scheme.hetero 
A 1 1   MET 1   -15 ?   ?   ?   A . n 
A 1 2   ALA 2   -14 ?   ?   ?   A . n 
A 1 3   SER 3   -13 ?   ?   ?   A . n 
A 1 4   MET 4   -12 ?   ?   ?   A . n 
A 1 5   THR 5   -11 ?   ?   ?   A . n 
A 1 6   GLY 6   -10 ?   ?   ?   A . n 
A 1 7   GLY 7   -9  ?   ?   ?   A . n 
A 1 8   GLN 8   -8  ?   ?   ?   A . n 
A 1 9   GLN 9   -7  ?   ?   ?   A . n 
A 1 10  MET 10  -6  ?   ?   ?   A . n 
A 1 11  GLY 11  -5  ?   ?   ?   A . n 
A 1 12  ARG 12  -4  ?   ?   ?   A . n 
A 1 13  GLY 13  -3  ?   ?   ?   A . n 
A 1 14  SER 14  -2  ?   ?   ?   A . n 
A 1 15  GLU 15  -1  -1  GLU GLU A . n 
A 1 16  PHE 16  0   0   PHE PHE A . n 
A 1 17  MET 17  1   1   MET MET A . n 
A 1 18  ILE 18  2   2   ILE ILE A . n 
A 1 19  ALA 19  3   3   ALA ALA A . n 
A 1 20  SER 20  4   4   SER SER A . n 
A 1 21  VAL 21  5   5   VAL VAL A . n 
A 1 22  ARG 22  6   6   ARG ARG A . n 
A 1 23  GLY 23  7   7   GLY GLY A . n 
A 1 24  GLU 24  8   8   GLU GLU A . n 
A 1 25  VAL 25  9   9   VAL VAL A . n 
A 1 26  LEU 26  10  10  LEU LEU A . n 
A 1 27  GLU 27  11  11  GLU GLU A . n 
A 1 28  VAL 28  12  12  VAL VAL A . n 
A 1 29  ALA 29  13  13  ALA ALA A . n 
A 1 30  LEU 30  14  14  LEU LEU A . n 
A 1 31  ASP 31  15  15  ASP ASP A . n 
A 1 32  HIS 32  16  16  HIS HIS A . n 
A 1 33  VAL 33  17  17  VAL VAL A . n 
A 1 34  VAL 34  18  18  VAL VAL A . n 
A 1 35  ILE 35  19  19  ILE ILE A . n 
A 1 36  GLU 36  20  20  GLU GLU A . n 
A 1 37  ALA 37  21  21  ALA ALA A . n 
A 1 38  ALA 38  22  22  ALA ALA A . n 
A 1 39  GLY 39  23  23  GLY GLY A . n 
A 1 40  VAL 40  24  24  VAL VAL A . n 
A 1 41  GLY 41  25  25  GLY GLY A . n 
A 1 42  TYR 42  26  26  TYR TYR A . n 
A 1 43  ARG 43  27  27  ARG ARG A . n 
A 1 44  VAL 44  28  28  VAL VAL A . n 
A 1 45  ASN 45  29  29  ASN ASN A . n 
A 1 46  ALA 46  30  30  ALA ALA A . n 
A 1 47  THR 47  31  31  THR THR A . n 
A 1 48  PRO 48  32  32  PRO PRO A . n 
A 1 49  ALA 49  33  33  ALA ALA A . n 
A 1 50  THR 50  34  34  THR THR A . n 
A 1 51  LEU 51  35  35  LEU LEU A . n 
A 1 52  ALA 52  36  36  ALA ALA A . n 
A 1 53  THR 53  37  37  THR THR A . n 
A 1 54  LEU 54  38  38  LEU LEU A . n 
A 1 55  ARG 55  39  39  ARG ARG A . n 
A 1 56  GLN 56  40  40  GLN GLN A . n 
A 1 57  GLY 57  41  41  GLY GLY A . n 
A 1 58  THR 58  42  42  THR THR A . n 
A 1 59  GLU 59  43  43  GLU GLU A . n 
A 1 60  ALA 60  44  44  ALA ALA A . n 
A 1 61  ARG 61  45  45  ARG ARG A . n 
A 1 62  LEU 62  46  46  LEU LEU A . n 
A 1 63  ILE 63  47  47  ILE ILE A . n 
A 1 64  THR 64  48  48  THR THR A . n 
A 1 65  ALA 65  49  49  ALA ALA A . n 
A 1 66  MET 66  50  50  MET MET A . n 
A 1 67  ILE 67  51  51  ILE ILE A . n 
A 1 68  VAL 68  52  52  VAL VAL A . n 
A 1 69  ARG 69  53  53  ARG ARG A . n 
A 1 70  GLU 70  54  54  GLU GLU A . n 
A 1 71  ASP 71  55  55  ASP ASP A . n 
A 1 72  SER 72  56  56  SER SER A . n 
A 1 73  MET 73  57  57  MET MET A . n 
A 1 74  THR 74  58  58  THR THR A . n 
A 1 75  LEU 75  59  59  LEU LEU A . n 
A 1 76  TYR 76  60  60  TYR TYR A . n 
A 1 77  GLY 77  61  61  GLY GLY A . n 
A 1 78  PHE 78  62  62  PHE PHE A . n 
A 1 79  PRO 79  63  63  PRO PRO A . n 
A 1 80  ASP 80  64  64  ASP ASP A . n 
A 1 81  GLY 81  65  65  GLY GLY A . n 
A 1 82  GLU 82  66  66  GLU GLU A . n 
A 1 83  THR 83  67  67  THR THR A . n 
A 1 84  ARG 84  68  68  ARG ARG A . n 
A 1 85  ASP 85  69  69  ASP ASP A . n 
A 1 86  LEU 86  70  70  LEU LEU A . n 
A 1 87  PHE 87  71  71  PHE PHE A . n 
A 1 88  LEU 88  72  72  LEU LEU A . n 
A 1 89  THR 89  73  73  THR THR A . n 
A 1 90  LEU 90  74  74  LEU LEU A . n 
A 1 91  LEU 91  75  75  LEU LEU A . n 
A 1 92  SER 92  76  76  SER SER A . n 
A 1 93  VAL 93  77  77  VAL VAL A . n 
A 1 94  SER 94  78  78  SER SER A . n 
A 1 95  GLY 95  79  79  GLY GLY A . n 
A 1 96  VAL 96  80  80  VAL VAL A . n 
A 1 97  GLY 97  81  81  GLY GLY A . n 
A 1 98  PRO 98  82  82  PRO PRO A . n 
A 1 99  ARG 99  83  83  ARG ARG A . n 
A 1 100 LEU 100 84  84  LEU LEU A . n 
A 1 101 ALA 101 85  85  ALA ALA A . n 
A 1 102 MET 102 86  86  MET MET A . n 
A 1 103 ALA 103 87  87  ALA ALA A . n 
A 1 104 ALA 104 88  88  ALA ALA A . n 
A 1 105 LEU 105 89  89  LEU LEU A . n 
A 1 106 ALA 106 90  90  ALA ALA A . n 
A 1 107 VAL 107 91  91  VAL VAL A . n 
A 1 108 HIS 108 92  92  HIS HIS A . n 
A 1 109 ASP 109 93  93  ASP ASP A . n 
A 1 110 ALA 110 94  94  ALA ALA A . n 
A 1 111 PRO 111 95  95  PRO PRO A . n 
A 1 112 ALA 112 96  96  ALA ALA A . n 
A 1 113 LEU 113 97  97  LEU LEU A . n 
A 1 114 ARG 114 98  98  ARG ARG A . n 
A 1 115 GLN 115 99  99  GLN GLN A . n 
A 1 116 VAL 116 100 100 VAL VAL A . n 
A 1 117 LEU 117 101 101 LEU LEU A . n 
A 1 118 ALA 118 102 102 ALA ALA A . n 
A 1 119 ASP 119 103 103 ASP ASP A . n 
A 1 120 GLY 120 104 104 GLY GLY A . n 
A 1 121 ASN 121 105 105 ASN ASN A . n 
A 1 122 VAL 122 106 106 VAL VAL A . n 
A 1 123 ALA 123 107 107 ALA ALA A . n 
A 1 124 ALA 124 108 108 ALA ALA A . n 
A 1 125 LEU 125 109 109 LEU LEU A . n 
A 1 126 THR 126 110 110 THR THR A . n 
A 1 127 ARG 127 111 111 ARG ARG A . n 
A 1 128 VAL 128 112 112 VAL VAL A . n 
A 1 129 PRO 129 113 113 PRO PRO A . n 
A 1 130 GLY 130 114 114 GLY GLY A . n 
A 1 131 ILE 131 115 115 ILE ILE A . n 
A 1 132 GLY 132 116 116 GLY GLY A . n 
A 1 133 LYS 133 117 117 LYS LYS A . n 
A 1 134 ARG 134 118 118 ARG ARG A . n 
A 1 135 GLY 135 119 119 GLY GLY A . n 
A 1 136 ALA 136 120 120 ALA ALA A . n 
A 1 137 GLU 137 121 121 GLU GLU A . n 
A 1 138 ARG 138 122 122 ARG ARG A . n 
A 1 139 MET 139 123 123 MET MET A . n 
A 1 140 VAL 140 124 124 VAL VAL A . n 
A 1 141 LEU 141 125 125 LEU LEU A . n 
A 1 142 GLU 142 126 126 GLU GLU A . n 
A 1 143 LEU 143 127 127 LEU LEU A . n 
A 1 144 ARG 144 128 128 ARG ARG A . n 
A 1 145 ASP 145 129 129 ASP ASP A . n 
A 1 146 LYS 146 130 130 LYS LYS A . n 
A 1 147 VAL 147 131 131 VAL VAL A . n 
A 1 148 GLY 148 132 ?   ?   ?   A . n 
A 1 149 VAL 149 133 ?   ?   ?   A . n 
A 1 150 ALA 150 134 ?   ?   ?   A . n 
A 1 151 ALA 151 135 ?   ?   ?   A . n 
A 1 152 THR 152 136 ?   ?   ?   A . n 
A 1 153 GLY 153 137 ?   ?   ?   A . n 
A 1 154 GLY 154 138 ?   ?   ?   A . n 
A 1 155 ALA 155 139 ?   ?   ?   A . n 
A 1 156 LEU 156 140 ?   ?   ?   A . n 
A 1 157 SER 157 141 ?   ?   ?   A . n 
A 1 158 THR 158 142 ?   ?   ?   A . n 
A 1 159 ASN 159 143 ?   ?   ?   A . n 
A 1 160 GLY 160 144 ?   ?   ?   A . n 
A 1 161 HIS 161 145 ?   ?   ?   A . n 
A 1 162 ALA 162 146 ?   ?   ?   A . n 
A 1 163 VAL 163 147 ?   ?   ?   A . n 
A 1 164 ARG 164 148 ?   ?   ?   A . n 
A 1 165 SER 165 149 ?   ?   ?   A . n 
A 1 166 PRO 166 150 ?   ?   ?   A . n 
A 1 167 VAL 167 151 ?   ?   ?   A . n 
A 1 168 VAL 168 152 ?   ?   ?   A . n 
A 1 169 GLU 169 153 ?   ?   ?   A . n 
A 1 170 ALA 170 154 ?   ?   ?   A . n 
A 1 171 LEU 171 155 ?   ?   ?   A . n 
A 1 172 VAL 172 156 ?   ?   ?   A . n 
A 1 173 GLY 173 157 ?   ?   ?   A . n 
A 1 174 LEU 174 158 ?   ?   ?   A . n 
A 1 175 GLY 175 159 ?   ?   ?   A . n 
A 1 176 PHE 176 160 ?   ?   ?   A . n 
A 1 177 ALA 177 161 ?   ?   ?   A . n 
A 1 178 ALA 178 162 ?   ?   ?   A . n 
A 1 179 LYS 179 163 ?   ?   ?   A . n 
A 1 180 GLN 180 164 ?   ?   ?   A . n 
A 1 181 ALA 181 165 ?   ?   ?   A . n 
A 1 182 GLU 182 166 ?   ?   ?   A . n 
A 1 183 GLU 183 167 ?   ?   ?   A . n 
A 1 184 ALA 184 168 ?   ?   ?   A . n 
A 1 185 THR 185 169 ?   ?   ?   A . n 
A 1 186 ASP 186 170 ?   ?   ?   A . n 
A 1 187 THR 187 171 ?   ?   ?   A . n 
A 1 188 VAL 188 172 ?   ?   ?   A . n 
A 1 189 LEU 189 173 ?   ?   ?   A . n 
A 1 190 ALA 190 174 ?   ?   ?   A . n 
A 1 191 ALA 191 175 ?   ?   ?   A . n 
A 1 192 ASN 192 176 ?   ?   ?   A . n 
A 1 193 HIS 193 177 ?   ?   ?   A . n 
A 1 194 ASP 194 178 ?   ?   ?   A . n 
A 1 195 ALA 195 179 ?   ?   ?   A . n 
A 1 196 THR 196 180 ?   ?   ?   A . n 
A 1 197 THR 197 181 ?   ?   ?   A . n 
A 1 198 SER 198 182 ?   ?   ?   A . n 
A 1 199 SER 199 183 ?   ?   ?   A . n 
A 1 200 ALA 200 184 ?   ?   ?   A . n 
A 1 201 LEU 201 185 ?   ?   ?   A . n 
A 1 202 ARG 202 186 ?   ?   ?   A . n 
A 1 203 SER 203 187 ?   ?   ?   A . n 
A 1 204 ALA 204 188 ?   ?   ?   A . n 
A 1 205 LEU 205 189 ?   ?   ?   A . n 
A 1 206 SER 206 190 ?   ?   ?   A . n 
A 1 207 LEU 207 191 ?   ?   ?   A . n 
A 1 208 LEU 208 192 ?   ?   ?   A . n 
A 1 209 GLY 209 193 ?   ?   ?   A . n 
A 1 210 LYS 210 194 ?   ?   ?   A . n 
A 1 211 ALA 211 195 ?   ?   ?   A . n 
A 1 212 ARG 212 196 ?   ?   ?   A . n 
# 
loop_
_pdbx_nonpoly_scheme.asym_id 
_pdbx_nonpoly_scheme.entity_id 
_pdbx_nonpoly_scheme.mon_id 
_pdbx_nonpoly_scheme.ndb_seq_num 
_pdbx_nonpoly_scheme.pdb_seq_num 
_pdbx_nonpoly_scheme.auth_seq_num 
_pdbx_nonpoly_scheme.pdb_mon_id 
_pdbx_nonpoly_scheme.auth_mon_id 
_pdbx_nonpoly_scheme.pdb_strand_id 
_pdbx_nonpoly_scheme.pdb_ins_code 
B 2 HOH 1 197 1  HOH HOH A . 
B 2 HOH 2 198 4  HOH HOH A . 
B 2 HOH 3 199 9  HOH HOH A . 
B 2 HOH 4 200 10 HOH HOH A . 
B 2 HOH 5 201 12 HOH HOH A . 
B 2 HOH 6 202 17 HOH HOH A . 
# 
loop_
_pdbx_struct_assembly.id 
_pdbx_struct_assembly.details 
_pdbx_struct_assembly.method_details 
_pdbx_struct_assembly.oligomeric_details 
_pdbx_struct_assembly.oligomeric_count 
1 author_defined_assembly   ?    octameric  8 
2 software_defined_assembly PISA tetrameric 4 
# 
loop_
_pdbx_struct_assembly_gen.assembly_id 
_pdbx_struct_assembly_gen.oper_expression 
_pdbx_struct_assembly_gen.asym_id_list 
1 1,2,3,4,5,6,7,8 A,B 
2 1,2,3,4         A,B 
# 
loop_
_pdbx_struct_assembly_prop.biol_id 
_pdbx_struct_assembly_prop.type 
_pdbx_struct_assembly_prop.value 
_pdbx_struct_assembly_prop.details 
2 'ABSA (A^2)' 6380  ? 
2 MORE         -27.6 ? 
2 'SSA (A^2)'  23630 ? 
# 
loop_
_pdbx_struct_oper_list.id 
_pdbx_struct_oper_list.type 
_pdbx_struct_oper_list.name 
_pdbx_struct_oper_list.symmetry_operation 
_pdbx_struct_oper_list.matrix[1][1] 
_pdbx_struct_oper_list.matrix[1][2] 
_pdbx_struct_oper_list.matrix[1][3] 
_pdbx_struct_oper_list.vector[1] 
_pdbx_struct_oper_list.matrix[2][1] 
_pdbx_struct_oper_list.matrix[2][2] 
_pdbx_struct_oper_list.matrix[2][3] 
_pdbx_struct_oper_list.vector[2] 
_pdbx_struct_oper_list.matrix[3][1] 
_pdbx_struct_oper_list.matrix[3][2] 
_pdbx_struct_oper_list.matrix[3][3] 
_pdbx_struct_oper_list.vector[3] 
1 'identity operation'         1_555 x,y,z      1.0000000000  0.0000000000  0.0000000000  0.0000000000  0.0000000000  1.0000000000  0.0000000000  0.0000000000  0.0000000000  0.0000000000  1.0000000000  0.0000000000   
2 'crystal symmetry operation' 2_555 -x,-y,z    -0.9954347151 -0.0625383116 0.0721019251  34.1879203011 -0.0625383116 -0.1433085822 -0.9877001619 18.8093400398 0.0721019251  -0.9877001619 0.1387432972  14.1497854449  
3 'crystal symmetry operation' 3_555 -y,x,z     0.0022826425  0.7232980371  0.6905322143  5.3671200483  -0.7858363487 0.4283457089  -0.4460730733 21.9651943425 -0.6184302892 -0.5416270886 0.5693716486  18.7118961513  
4 'crystal symmetry operation' 4_555 y,-x,z     0.0022826425  -0.7858363487 -0.6184302892 28.8208002529 0.7232980371  0.4283457089  -0.5416270886 -3.1558543027 0.6905322143  -0.4460730733 0.5693716486  -4.5621107064  
5 'crystal symmetry operation' 5_556 -x,y,-z+1  0.9809297516  0.1902823059  0.0396164928  -3.5749690022 0.1902823059  -0.9817220394 0.0038054442  40.4418827169 0.0396164928  0.0038054442  -0.9992077122 -15.4888077133 
6 'crystal symmetry operation' 6_556 x,-y,-z+1  -0.9854950365 -0.1277439943 -0.1117184180 34.1006286345 -0.1277439943 0.1250306216  0.9838947177  28.5355415796 -0.1117184180 0.9838947177  -0.1395355850 -28.2013990628 
7 'crystal symmetry operation' 7_556 y,x,-z+1   -0.1717916797 0.7695538074  0.6150402883  6.6106862614  0.7695538074  -0.2849467363 0.5714825413  19.9706423860 0.6150402883  0.5714825413  -0.5432615841 -33.8896648633 
8 'crystal symmetry operation' 8_556 -y,-x,-z+1 0.1672263948  -0.7070154958 -0.6871422135 23.9149733709 -0.7070154958 -0.5717446816 0.4162176206  49.0067819105 -0.6871422135 0.4162176206  -0.5954817132 -9.8005419127 
# 
loop_
_pdbx_audit_revision_history.ordinal 
_pdbx_audit_revision_history.data_content_type 
_pdbx_audit_revision_history.major_revision 
_pdbx_audit_revision_history.minor_revision 
_pdbx_audit_revision_history.revision_date 
1 'Structure model' 1 0 2009-05-05 
2 'Structure model' 1 1 2011-07-13 
3 'Structure model' 1 2 2023-11-01 
# 
_pdbx_audit_revision_details.ordinal             1 
_pdbx_audit_revision_details.revision_ordinal    1 
_pdbx_audit_revision_details.data_content_type   'Structure model' 
_pdbx_audit_revision_details.provider            repository 
_pdbx_audit_revision_details.type                'Initial release' 
_pdbx_audit_revision_details.description         ? 
_pdbx_audit_revision_details.details             ? 
# 
loop_
_pdbx_audit_revision_group.ordinal 
_pdbx_audit_revision_group.revision_ordinal 
_pdbx_audit_revision_group.data_content_type 
_pdbx_audit_revision_group.group 
1 2 'Structure model' 'Version format compliance' 
2 3 'Structure model' 'Data collection'           
3 3 'Structure model' 'Database references'       
4 3 'Structure model' 'Refinement description'    
# 
loop_
_pdbx_audit_revision_category.ordinal 
_pdbx_audit_revision_category.revision_ordinal 
_pdbx_audit_revision_category.data_content_type 
_pdbx_audit_revision_category.category 
1 3 'Structure model' chem_comp_atom                
2 3 'Structure model' chem_comp_bond                
3 3 'Structure model' database_2                    
4 3 'Structure model' pdbx_initial_refinement_model 
5 3 'Structure model' struct_ref_seq_dif            
# 
loop_
_pdbx_audit_revision_item.ordinal 
_pdbx_audit_revision_item.revision_ordinal 
_pdbx_audit_revision_item.data_content_type 
_pdbx_audit_revision_item.item 
1 3 'Structure model' '_database_2.pdbx_DOI'                
2 3 'Structure model' '_database_2.pdbx_database_accession' 
3 3 'Structure model' '_struct_ref_seq_dif.details'         
# 
loop_
_pdbx_refine_tls.id 
_pdbx_refine_tls.details 
_pdbx_refine_tls.method 
_pdbx_refine_tls.origin_x 
_pdbx_refine_tls.origin_y 
_pdbx_refine_tls.origin_z 
_pdbx_refine_tls.T[1][1] 
_pdbx_refine_tls.T[2][2] 
_pdbx_refine_tls.T[3][3] 
_pdbx_refine_tls.T[1][2] 
_pdbx_refine_tls.T[1][3] 
_pdbx_refine_tls.T[2][3] 
_pdbx_refine_tls.L[1][1] 
_pdbx_refine_tls.L[2][2] 
_pdbx_refine_tls.L[3][3] 
_pdbx_refine_tls.L[1][2] 
_pdbx_refine_tls.L[1][3] 
_pdbx_refine_tls.L[2][3] 
_pdbx_refine_tls.S[1][1] 
_pdbx_refine_tls.S[1][2] 
_pdbx_refine_tls.S[1][3] 
_pdbx_refine_tls.S[2][1] 
_pdbx_refine_tls.S[2][2] 
_pdbx_refine_tls.S[2][3] 
_pdbx_refine_tls.S[3][1] 
_pdbx_refine_tls.S[3][2] 
_pdbx_refine_tls.S[3][3] 
_pdbx_refine_tls.pdbx_refine_id 
1 ? refined 3.9708  1.4154  10.2580 -0.1018 0.3257 0.2415 -0.1614 -0.0781 0.0646 -0.1203 2.7104 2.2122 0.6576  -0.0180 -0.2702 -0.2783 -0.1648 0.0614 -0.4224 0.6278 0.6848 -0.0184 -0.9082 -1.0279 'X-RAY DIFFRACTION' 
2 ? refined -3.6684 -1.1372 -9.7200 0.7283  0.5583 0.5000 -0.5603 -0.4521 0.1586 1.6878  0.4524 3.1553 -0.3007 -2.4878 1.0516  0.0500  1.1826  0.1354 -1.2452 0.2208 1.2022 -0.0607 -1.6852 -0.7133 'X-RAY DIFFRACTION' 
# 
loop_
_pdbx_refine_tls_group.id 
_pdbx_refine_tls_group.refine_tls_id 
_pdbx_refine_tls_group.beg_auth_asym_id 
_pdbx_refine_tls_group.beg_auth_seq_id 
_pdbx_refine_tls_group.beg_label_asym_id 
_pdbx_refine_tls_group.beg_label_seq_id 
_pdbx_refine_tls_group.end_auth_asym_id 
_pdbx_refine_tls_group.end_auth_seq_id 
_pdbx_refine_tls_group.end_label_asym_id 
_pdbx_refine_tls_group.end_label_seq_id 
_pdbx_refine_tls_group.selection 
_pdbx_refine_tls_group.selection_details 
_pdbx_refine_tls_group.pdbx_refine_id 
1 1 ? ? ? ? ? ? ? ? ? 'chain A 1-63'   'X-RAY DIFFRACTION' 
2 2 ? ? ? ? ? ? ? ? ? 'chain A 64-131' 'X-RAY DIFFRACTION' 
# 
loop_
_software.name 
_software.classification 
_software.version 
_software.citation_id 
_software.pdbx_ordinal 
PHENIX    refinement        . ? 1 
MAR345dtb 'data collection' . ? 2 
MOSFLM    'data reduction'  . ? 3 
SCALA     'data scaling'    . ? 4 
PHASES    phasing           . ? 5 
# 
loop_
_pdbx_validate_torsion.id 
_pdbx_validate_torsion.PDB_model_num 
_pdbx_validate_torsion.auth_comp_id 
_pdbx_validate_torsion.auth_asym_id 
_pdbx_validate_torsion.auth_seq_id 
_pdbx_validate_torsion.PDB_ins_code 
_pdbx_validate_torsion.label_alt_id 
_pdbx_validate_torsion.phi 
_pdbx_validate_torsion.psi 
1 1 MET A 1  ? ? 75.32  -56.28 
2 1 ALA A 22 ? ? 73.10  48.73  
3 1 THR A 37 ? ? -67.05 6.58   
# 
loop_
_pdbx_unobs_or_zero_occ_atoms.id 
_pdbx_unobs_or_zero_occ_atoms.PDB_model_num 
_pdbx_unobs_or_zero_occ_atoms.polymer_flag 
_pdbx_unobs_or_zero_occ_atoms.occupancy_flag 
_pdbx_unobs_or_zero_occ_atoms.auth_asym_id 
_pdbx_unobs_or_zero_occ_atoms.auth_comp_id 
_pdbx_unobs_or_zero_occ_atoms.auth_seq_id 
_pdbx_unobs_or_zero_occ_atoms.PDB_ins_code 
_pdbx_unobs_or_zero_occ_atoms.auth_atom_id 
_pdbx_unobs_or_zero_occ_atoms.label_alt_id 
_pdbx_unobs_or_zero_occ_atoms.label_asym_id 
_pdbx_unobs_or_zero_occ_atoms.label_comp_id 
_pdbx_unobs_or_zero_occ_atoms.label_seq_id 
_pdbx_unobs_or_zero_occ_atoms.label_atom_id 
1  1 Y 1 A GLU -1  ? CG  ? A GLU 15  CG  
2  1 Y 1 A GLU -1  ? CD  ? A GLU 15  CD  
3  1 Y 1 A GLU -1  ? OE1 ? A GLU 15  OE1 
4  1 Y 1 A GLU -1  ? OE2 ? A GLU 15  OE2 
5  1 Y 1 A PHE 0   ? CG  ? A PHE 16  CG  
6  1 Y 1 A PHE 0   ? CD1 ? A PHE 16  CD1 
7  1 Y 1 A PHE 0   ? CD2 ? A PHE 16  CD2 
8  1 Y 1 A PHE 0   ? CE1 ? A PHE 16  CE1 
9  1 Y 1 A PHE 0   ? CE2 ? A PHE 16  CE2 
10 1 Y 1 A PHE 0   ? CZ  ? A PHE 16  CZ  
11 1 Y 1 A LYS 117 ? CG  ? A LYS 133 CG  
12 1 Y 1 A LYS 117 ? CD  ? A LYS 133 CD  
13 1 Y 1 A LYS 117 ? CE  ? A LYS 133 CE  
14 1 Y 1 A LYS 117 ? NZ  ? A LYS 133 NZ  
15 1 Y 1 A ASP 129 ? CG  ? A ASP 145 CG  
16 1 Y 1 A ASP 129 ? OD1 ? A ASP 145 OD1 
17 1 Y 1 A ASP 129 ? OD2 ? A ASP 145 OD2 
# 
loop_
_pdbx_unobs_or_zero_occ_residues.id 
_pdbx_unobs_or_zero_occ_residues.PDB_model_num 
_pdbx_unobs_or_zero_occ_residues.polymer_flag 
_pdbx_unobs_or_zero_occ_residues.occupancy_flag 
_pdbx_unobs_or_zero_occ_residues.auth_asym_id 
_pdbx_unobs_or_zero_occ_residues.auth_comp_id 
_pdbx_unobs_or_zero_occ_residues.auth_seq_id 
_pdbx_unobs_or_zero_occ_residues.PDB_ins_code 
_pdbx_unobs_or_zero_occ_residues.label_asym_id 
_pdbx_unobs_or_zero_occ_residues.label_comp_id 
_pdbx_unobs_or_zero_occ_residues.label_seq_id 
1  1 Y 1 A MET -15 ? A MET 1   
2  1 Y 1 A ALA -14 ? A ALA 2   
3  1 Y 1 A SER -13 ? A SER 3   
4  1 Y 1 A MET -12 ? A MET 4   
5  1 Y 1 A THR -11 ? A THR 5   
6  1 Y 1 A GLY -10 ? A GLY 6   
7  1 Y 1 A GLY -9  ? A GLY 7   
8  1 Y 1 A GLN -8  ? A GLN 8   
9  1 Y 1 A GLN -7  ? A GLN 9   
10 1 Y 1 A MET -6  ? A MET 10  
11 1 Y 1 A GLY -5  ? A GLY 11  
12 1 Y 1 A ARG -4  ? A ARG 12  
13 1 Y 1 A GLY -3  ? A GLY 13  
14 1 Y 1 A SER -2  ? A SER 14  
15 1 Y 1 A GLY 132 ? A GLY 148 
16 1 Y 1 A VAL 133 ? A VAL 149 
17 1 Y 1 A ALA 134 ? A ALA 150 
18 1 Y 1 A ALA 135 ? A ALA 151 
19 1 Y 1 A THR 136 ? A THR 152 
20 1 Y 1 A GLY 137 ? A GLY 153 
21 1 Y 1 A GLY 138 ? A GLY 154 
22 1 Y 1 A ALA 139 ? A ALA 155 
23 1 Y 1 A LEU 140 ? A LEU 156 
24 1 Y 1 A SER 141 ? A SER 157 
25 1 Y 1 A THR 142 ? A THR 158 
26 1 Y 1 A ASN 143 ? A ASN 159 
27 1 Y 1 A GLY 144 ? A GLY 160 
28 1 Y 1 A HIS 145 ? A HIS 161 
29 1 Y 1 A ALA 146 ? A ALA 162 
30 1 Y 1 A VAL 147 ? A VAL 163 
31 1 Y 1 A ARG 148 ? A ARG 164 
32 1 Y 1 A SER 149 ? A SER 165 
33 1 Y 1 A PRO 150 ? A PRO 166 
34 1 Y 1 A VAL 151 ? A VAL 167 
35 1 Y 1 A VAL 152 ? A VAL 168 
36 1 Y 1 A GLU 153 ? A GLU 169 
37 1 Y 1 A ALA 154 ? A ALA 170 
38 1 Y 1 A LEU 155 ? A LEU 171 
39 1 Y 1 A VAL 156 ? A VAL 172 
40 1 Y 1 A GLY 157 ? A GLY 173 
41 1 Y 1 A LEU 158 ? A LEU 174 
42 1 Y 1 A GLY 159 ? A GLY 175 
43 1 Y 1 A PHE 160 ? A PHE 176 
44 1 Y 1 A ALA 161 ? A ALA 177 
45 1 Y 1 A ALA 162 ? A ALA 178 
46 1 Y 1 A LYS 163 ? A LYS 179 
47 1 Y 1 A GLN 164 ? A GLN 180 
48 1 Y 1 A ALA 165 ? A ALA 181 
49 1 Y 1 A GLU 166 ? A GLU 182 
50 1 Y 1 A GLU 167 ? A GLU 183 
51 1 Y 1 A ALA 168 ? A ALA 184 
52 1 Y 1 A THR 169 ? A THR 185 
53 1 Y 1 A ASP 170 ? A ASP 186 
54 1 Y 1 A THR 171 ? A THR 187 
55 1 Y 1 A VAL 172 ? A VAL 188 
56 1 Y 1 A LEU 173 ? A LEU 189 
57 1 Y 1 A ALA 174 ? A ALA 190 
58 1 Y 1 A ALA 175 ? A ALA 191 
59 1 Y 1 A ASN 176 ? A ASN 192 
60 1 Y 1 A HIS 177 ? A HIS 193 
61 1 Y 1 A ASP 178 ? A ASP 194 
62 1 Y 1 A ALA 179 ? A ALA 195 
63 1 Y 1 A THR 180 ? A THR 196 
64 1 Y 1 A THR 181 ? A THR 197 
65 1 Y 1 A SER 182 ? A SER 198 
66 1 Y 1 A SER 183 ? A SER 199 
67 1 Y 1 A ALA 184 ? A ALA 200 
68 1 Y 1 A LEU 185 ? A LEU 201 
69 1 Y 1 A ARG 186 ? A ARG 202 
70 1 Y 1 A SER 187 ? A SER 203 
71 1 Y 1 A ALA 188 ? A ALA 204 
72 1 Y 1 A LEU 189 ? A LEU 205 
73 1 Y 1 A SER 190 ? A SER 206 
74 1 Y 1 A LEU 191 ? A LEU 207 
75 1 Y 1 A LEU 192 ? A LEU 208 
76 1 Y 1 A GLY 193 ? A GLY 209 
77 1 Y 1 A LYS 194 ? A LYS 210 
78 1 Y 1 A ALA 195 ? A ALA 211 
79 1 Y 1 A ARG 196 ? A ARG 212 
# 
loop_
_chem_comp_atom.comp_id 
_chem_comp_atom.atom_id 
_chem_comp_atom.type_symbol 
_chem_comp_atom.pdbx_aromatic_flag 
_chem_comp_atom.pdbx_stereo_config 
_chem_comp_atom.pdbx_ordinal 
ALA N    N N N 1   
ALA CA   C N S 2   
ALA C    C N N 3   
ALA O    O N N 4   
ALA CB   C N N 5   
ALA OXT  O N N 6   
ALA H    H N N 7   
ALA H2   H N N 8   
ALA HA   H N N 9   
ALA HB1  H N N 10  
ALA HB2  H N N 11  
ALA HB3  H N N 12  
ALA HXT  H N N 13  
ARG N    N N N 14  
ARG CA   C N S 15  
ARG C    C N N 16  
ARG O    O N N 17  
ARG CB   C N N 18  
ARG CG   C N N 19  
ARG CD   C N N 20  
ARG NE   N N N 21  
ARG CZ   C N N 22  
ARG NH1  N N N 23  
ARG NH2  N N N 24  
ARG OXT  O N N 25  
ARG H    H N N 26  
ARG H2   H N N 27  
ARG HA   H N N 28  
ARG HB2  H N N 29  
ARG HB3  H N N 30  
ARG HG2  H N N 31  
ARG HG3  H N N 32  
ARG HD2  H N N 33  
ARG HD3  H N N 34  
ARG HE   H N N 35  
ARG HH11 H N N 36  
ARG HH12 H N N 37  
ARG HH21 H N N 38  
ARG HH22 H N N 39  
ARG HXT  H N N 40  
ASN N    N N N 41  
ASN CA   C N S 42  
ASN C    C N N 43  
ASN O    O N N 44  
ASN CB   C N N 45  
ASN CG   C N N 46  
ASN OD1  O N N 47  
ASN ND2  N N N 48  
ASN OXT  O N N 49  
ASN H    H N N 50  
ASN H2   H N N 51  
ASN HA   H N N 52  
ASN HB2  H N N 53  
ASN HB3  H N N 54  
ASN HD21 H N N 55  
ASN HD22 H N N 56  
ASN HXT  H N N 57  
ASP N    N N N 58  
ASP CA   C N S 59  
ASP C    C N N 60  
ASP O    O N N 61  
ASP CB   C N N 62  
ASP CG   C N N 63  
ASP OD1  O N N 64  
ASP OD2  O N N 65  
ASP OXT  O N N 66  
ASP H    H N N 67  
ASP H2   H N N 68  
ASP HA   H N N 69  
ASP HB2  H N N 70  
ASP HB3  H N N 71  
ASP HD2  H N N 72  
ASP HXT  H N N 73  
GLN N    N N N 74  
GLN CA   C N S 75  
GLN C    C N N 76  
GLN O    O N N 77  
GLN CB   C N N 78  
GLN CG   C N N 79  
GLN CD   C N N 80  
GLN OE1  O N N 81  
GLN NE2  N N N 82  
GLN OXT  O N N 83  
GLN H    H N N 84  
GLN H2   H N N 85  
GLN HA   H N N 86  
GLN HB2  H N N 87  
GLN HB3  H N N 88  
GLN HG2  H N N 89  
GLN HG3  H N N 90  
GLN HE21 H N N 91  
GLN HE22 H N N 92  
GLN HXT  H N N 93  
GLU N    N N N 94  
GLU CA   C N S 95  
GLU C    C N N 96  
GLU O    O N N 97  
GLU CB   C N N 98  
GLU CG   C N N 99  
GLU CD   C N N 100 
GLU OE1  O N N 101 
GLU OE2  O N N 102 
GLU OXT  O N N 103 
GLU H    H N N 104 
GLU H2   H N N 105 
GLU HA   H N N 106 
GLU HB2  H N N 107 
GLU HB3  H N N 108 
GLU HG2  H N N 109 
GLU HG3  H N N 110 
GLU HE2  H N N 111 
GLU HXT  H N N 112 
GLY N    N N N 113 
GLY CA   C N N 114 
GLY C    C N N 115 
GLY O    O N N 116 
GLY OXT  O N N 117 
GLY H    H N N 118 
GLY H2   H N N 119 
GLY HA2  H N N 120 
GLY HA3  H N N 121 
GLY HXT  H N N 122 
HIS N    N N N 123 
HIS CA   C N S 124 
HIS C    C N N 125 
HIS O    O N N 126 
HIS CB   C N N 127 
HIS CG   C Y N 128 
HIS ND1  N Y N 129 
HIS CD2  C Y N 130 
HIS CE1  C Y N 131 
HIS NE2  N Y N 132 
HIS OXT  O N N 133 
HIS H    H N N 134 
HIS H2   H N N 135 
HIS HA   H N N 136 
HIS HB2  H N N 137 
HIS HB3  H N N 138 
HIS HD1  H N N 139 
HIS HD2  H N N 140 
HIS HE1  H N N 141 
HIS HE2  H N N 142 
HIS HXT  H N N 143 
HOH O    O N N 144 
HOH H1   H N N 145 
HOH H2   H N N 146 
ILE N    N N N 147 
ILE CA   C N S 148 
ILE C    C N N 149 
ILE O    O N N 150 
ILE CB   C N S 151 
ILE CG1  C N N 152 
ILE CG2  C N N 153 
ILE CD1  C N N 154 
ILE OXT  O N N 155 
ILE H    H N N 156 
ILE H2   H N N 157 
ILE HA   H N N 158 
ILE HB   H N N 159 
ILE HG12 H N N 160 
ILE HG13 H N N 161 
ILE HG21 H N N 162 
ILE HG22 H N N 163 
ILE HG23 H N N 164 
ILE HD11 H N N 165 
ILE HD12 H N N 166 
ILE HD13 H N N 167 
ILE HXT  H N N 168 
LEU N    N N N 169 
LEU CA   C N S 170 
LEU C    C N N 171 
LEU O    O N N 172 
LEU CB   C N N 173 
LEU CG   C N N 174 
LEU CD1  C N N 175 
LEU CD2  C N N 176 
LEU OXT  O N N 177 
LEU H    H N N 178 
LEU H2   H N N 179 
LEU HA   H N N 180 
LEU HB2  H N N 181 
LEU HB3  H N N 182 
LEU HG   H N N 183 
LEU HD11 H N N 184 
LEU HD12 H N N 185 
LEU HD13 H N N 186 
LEU HD21 H N N 187 
LEU HD22 H N N 188 
LEU HD23 H N N 189 
LEU HXT  H N N 190 
LYS N    N N N 191 
LYS CA   C N S 192 
LYS C    C N N 193 
LYS O    O N N 194 
LYS CB   C N N 195 
LYS CG   C N N 196 
LYS CD   C N N 197 
LYS CE   C N N 198 
LYS NZ   N N N 199 
LYS OXT  O N N 200 
LYS H    H N N 201 
LYS H2   H N N 202 
LYS HA   H N N 203 
LYS HB2  H N N 204 
LYS HB3  H N N 205 
LYS HG2  H N N 206 
LYS HG3  H N N 207 
LYS HD2  H N N 208 
LYS HD3  H N N 209 
LYS HE2  H N N 210 
LYS HE3  H N N 211 
LYS HZ1  H N N 212 
LYS HZ2  H N N 213 
LYS HZ3  H N N 214 
LYS HXT  H N N 215 
MET N    N N N 216 
MET CA   C N S 217 
MET C    C N N 218 
MET O    O N N 219 
MET CB   C N N 220 
MET CG   C N N 221 
MET SD   S N N 222 
MET CE   C N N 223 
MET OXT  O N N 224 
MET H    H N N 225 
MET H2   H N N 226 
MET HA   H N N 227 
MET HB2  H N N 228 
MET HB3  H N N 229 
MET HG2  H N N 230 
MET HG3  H N N 231 
MET HE1  H N N 232 
MET HE2  H N N 233 
MET HE3  H N N 234 
MET HXT  H N N 235 
PHE N    N N N 236 
PHE CA   C N S 237 
PHE C    C N N 238 
PHE O    O N N 239 
PHE CB   C N N 240 
PHE CG   C Y N 241 
PHE CD1  C Y N 242 
PHE CD2  C Y N 243 
PHE CE1  C Y N 244 
PHE CE2  C Y N 245 
PHE CZ   C Y N 246 
PHE OXT  O N N 247 
PHE H    H N N 248 
PHE H2   H N N 249 
PHE HA   H N N 250 
PHE HB2  H N N 251 
PHE HB3  H N N 252 
PHE HD1  H N N 253 
PHE HD2  H N N 254 
PHE HE1  H N N 255 
PHE HE2  H N N 256 
PHE HZ   H N N 257 
PHE HXT  H N N 258 
PRO N    N N N 259 
PRO CA   C N S 260 
PRO C    C N N 261 
PRO O    O N N 262 
PRO CB   C N N 263 
PRO CG   C N N 264 
PRO CD   C N N 265 
PRO OXT  O N N 266 
PRO H    H N N 267 
PRO HA   H N N 268 
PRO HB2  H N N 269 
PRO HB3  H N N 270 
PRO HG2  H N N 271 
PRO HG3  H N N 272 
PRO HD2  H N N 273 
PRO HD3  H N N 274 
PRO HXT  H N N 275 
SER N    N N N 276 
SER CA   C N S 277 
SER C    C N N 278 
SER O    O N N 279 
SER CB   C N N 280 
SER OG   O N N 281 
SER OXT  O N N 282 
SER H    H N N 283 
SER H2   H N N 284 
SER HA   H N N 285 
SER HB2  H N N 286 
SER HB3  H N N 287 
SER HG   H N N 288 
SER HXT  H N N 289 
THR N    N N N 290 
THR CA   C N S 291 
THR C    C N N 292 
THR O    O N N 293 
THR CB   C N R 294 
THR OG1  O N N 295 
THR CG2  C N N 296 
THR OXT  O N N 297 
THR H    H N N 298 
THR H2   H N N 299 
THR HA   H N N 300 
THR HB   H N N 301 
THR HG1  H N N 302 
THR HG21 H N N 303 
THR HG22 H N N 304 
THR HG23 H N N 305 
THR HXT  H N N 306 
TYR N    N N N 307 
TYR CA   C N S 308 
TYR C    C N N 309 
TYR O    O N N 310 
TYR CB   C N N 311 
TYR CG   C Y N 312 
TYR CD1  C Y N 313 
TYR CD2  C Y N 314 
TYR CE1  C Y N 315 
TYR CE2  C Y N 316 
TYR CZ   C Y N 317 
TYR OH   O N N 318 
TYR OXT  O N N 319 
TYR H    H N N 320 
TYR H2   H N N 321 
TYR HA   H N N 322 
TYR HB2  H N N 323 
TYR HB3  H N N 324 
TYR HD1  H N N 325 
TYR HD2  H N N 326 
TYR HE1  H N N 327 
TYR HE2  H N N 328 
TYR HH   H N N 329 
TYR HXT  H N N 330 
VAL N    N N N 331 
VAL CA   C N S 332 
VAL C    C N N 333 
VAL O    O N N 334 
VAL CB   C N N 335 
VAL CG1  C N N 336 
VAL CG2  C N N 337 
VAL OXT  O N N 338 
VAL H    H N N 339 
VAL H2   H N N 340 
VAL HA   H N N 341 
VAL HB   H N N 342 
VAL HG11 H N N 343 
VAL HG12 H N N 344 
VAL HG13 H N N 345 
VAL HG21 H N N 346 
VAL HG22 H N N 347 
VAL HG23 H N N 348 
VAL HXT  H N N 349 
# 
loop_
_chem_comp_bond.comp_id 
_chem_comp_bond.atom_id_1 
_chem_comp_bond.atom_id_2 
_chem_comp_bond.value_order 
_chem_comp_bond.pdbx_aromatic_flag 
_chem_comp_bond.pdbx_stereo_config 
_chem_comp_bond.pdbx_ordinal 
ALA N   CA   sing N N 1   
ALA N   H    sing N N 2   
ALA N   H2   sing N N 3   
ALA CA  C    sing N N 4   
ALA CA  CB   sing N N 5   
ALA CA  HA   sing N N 6   
ALA C   O    doub N N 7   
ALA C   OXT  sing N N 8   
ALA CB  HB1  sing N N 9   
ALA CB  HB2  sing N N 10  
ALA CB  HB3  sing N N 11  
ALA OXT HXT  sing N N 12  
ARG N   CA   sing N N 13  
ARG N   H    sing N N 14  
ARG N   H2   sing N N 15  
ARG CA  C    sing N N 16  
ARG CA  CB   sing N N 17  
ARG CA  HA   sing N N 18  
ARG C   O    doub N N 19  
ARG C   OXT  sing N N 20  
ARG CB  CG   sing N N 21  
ARG CB  HB2  sing N N 22  
ARG CB  HB3  sing N N 23  
ARG CG  CD   sing N N 24  
ARG CG  HG2  sing N N 25  
ARG CG  HG3  sing N N 26  
ARG CD  NE   sing N N 27  
ARG CD  HD2  sing N N 28  
ARG CD  HD3  sing N N 29  
ARG NE  CZ   sing N N 30  
ARG NE  HE   sing N N 31  
ARG CZ  NH1  sing N N 32  
ARG CZ  NH2  doub N N 33  
ARG NH1 HH11 sing N N 34  
ARG NH1 HH12 sing N N 35  
ARG NH2 HH21 sing N N 36  
ARG NH2 HH22 sing N N 37  
ARG OXT HXT  sing N N 38  
ASN N   CA   sing N N 39  
ASN N   H    sing N N 40  
ASN N   H2   sing N N 41  
ASN CA  C    sing N N 42  
ASN CA  CB   sing N N 43  
ASN CA  HA   sing N N 44  
ASN C   O    doub N N 45  
ASN C   OXT  sing N N 46  
ASN CB  CG   sing N N 47  
ASN CB  HB2  sing N N 48  
ASN CB  HB3  sing N N 49  
ASN CG  OD1  doub N N 50  
ASN CG  ND2  sing N N 51  
ASN ND2 HD21 sing N N 52  
ASN ND2 HD22 sing N N 53  
ASN OXT HXT  sing N N 54  
ASP N   CA   sing N N 55  
ASP N   H    sing N N 56  
ASP N   H2   sing N N 57  
ASP CA  C    sing N N 58  
ASP CA  CB   sing N N 59  
ASP CA  HA   sing N N 60  
ASP C   O    doub N N 61  
ASP C   OXT  sing N N 62  
ASP CB  CG   sing N N 63  
ASP CB  HB2  sing N N 64  
ASP CB  HB3  sing N N 65  
ASP CG  OD1  doub N N 66  
ASP CG  OD2  sing N N 67  
ASP OD2 HD2  sing N N 68  
ASP OXT HXT  sing N N 69  
GLN N   CA   sing N N 70  
GLN N   H    sing N N 71  
GLN N   H2   sing N N 72  
GLN CA  C    sing N N 73  
GLN CA  CB   sing N N 74  
GLN CA  HA   sing N N 75  
GLN C   O    doub N N 76  
GLN C   OXT  sing N N 77  
GLN CB  CG   sing N N 78  
GLN CB  HB2  sing N N 79  
GLN CB  HB3  sing N N 80  
GLN CG  CD   sing N N 81  
GLN CG  HG2  sing N N 82  
GLN CG  HG3  sing N N 83  
GLN CD  OE1  doub N N 84  
GLN CD  NE2  sing N N 85  
GLN NE2 HE21 sing N N 86  
GLN NE2 HE22 sing N N 87  
GLN OXT HXT  sing N N 88  
GLU N   CA   sing N N 89  
GLU N   H    sing N N 90  
GLU N   H2   sing N N 91  
GLU CA  C    sing N N 92  
GLU CA  CB   sing N N 93  
GLU CA  HA   sing N N 94  
GLU C   O    doub N N 95  
GLU C   OXT  sing N N 96  
GLU CB  CG   sing N N 97  
GLU CB  HB2  sing N N 98  
GLU CB  HB3  sing N N 99  
GLU CG  CD   sing N N 100 
GLU CG  HG2  sing N N 101 
GLU CG  HG3  sing N N 102 
GLU CD  OE1  doub N N 103 
GLU CD  OE2  sing N N 104 
GLU OE2 HE2  sing N N 105 
GLU OXT HXT  sing N N 106 
GLY N   CA   sing N N 107 
GLY N   H    sing N N 108 
GLY N   H2   sing N N 109 
GLY CA  C    sing N N 110 
GLY CA  HA2  sing N N 111 
GLY CA  HA3  sing N N 112 
GLY C   O    doub N N 113 
GLY C   OXT  sing N N 114 
GLY OXT HXT  sing N N 115 
HIS N   CA   sing N N 116 
HIS N   H    sing N N 117 
HIS N   H2   sing N N 118 
HIS CA  C    sing N N 119 
HIS CA  CB   sing N N 120 
HIS CA  HA   sing N N 121 
HIS C   O    doub N N 122 
HIS C   OXT  sing N N 123 
HIS CB  CG   sing N N 124 
HIS CB  HB2  sing N N 125 
HIS CB  HB3  sing N N 126 
HIS CG  ND1  sing Y N 127 
HIS CG  CD2  doub Y N 128 
HIS ND1 CE1  doub Y N 129 
HIS ND1 HD1  sing N N 130 
HIS CD2 NE2  sing Y N 131 
HIS CD2 HD2  sing N N 132 
HIS CE1 NE2  sing Y N 133 
HIS CE1 HE1  sing N N 134 
HIS NE2 HE2  sing N N 135 
HIS OXT HXT  sing N N 136 
HOH O   H1   sing N N 137 
HOH O   H2   sing N N 138 
ILE N   CA   sing N N 139 
ILE N   H    sing N N 140 
ILE N   H2   sing N N 141 
ILE CA  C    sing N N 142 
ILE CA  CB   sing N N 143 
ILE CA  HA   sing N N 144 
ILE C   O    doub N N 145 
ILE C   OXT  sing N N 146 
ILE CB  CG1  sing N N 147 
ILE CB  CG2  sing N N 148 
ILE CB  HB   sing N N 149 
ILE CG1 CD1  sing N N 150 
ILE CG1 HG12 sing N N 151 
ILE CG1 HG13 sing N N 152 
ILE CG2 HG21 sing N N 153 
ILE CG2 HG22 sing N N 154 
ILE CG2 HG23 sing N N 155 
ILE CD1 HD11 sing N N 156 
ILE CD1 HD12 sing N N 157 
ILE CD1 HD13 sing N N 158 
ILE OXT HXT  sing N N 159 
LEU N   CA   sing N N 160 
LEU N   H    sing N N 161 
LEU N   H2   sing N N 162 
LEU CA  C    sing N N 163 
LEU CA  CB   sing N N 164 
LEU CA  HA   sing N N 165 
LEU C   O    doub N N 166 
LEU C   OXT  sing N N 167 
LEU CB  CG   sing N N 168 
LEU CB  HB2  sing N N 169 
LEU CB  HB3  sing N N 170 
LEU CG  CD1  sing N N 171 
LEU CG  CD2  sing N N 172 
LEU CG  HG   sing N N 173 
LEU CD1 HD11 sing N N 174 
LEU CD1 HD12 sing N N 175 
LEU CD1 HD13 sing N N 176 
LEU CD2 HD21 sing N N 177 
LEU CD2 HD22 sing N N 178 
LEU CD2 HD23 sing N N 179 
LEU OXT HXT  sing N N 180 
LYS N   CA   sing N N 181 
LYS N   H    sing N N 182 
LYS N   H2   sing N N 183 
LYS CA  C    sing N N 184 
LYS CA  CB   sing N N 185 
LYS CA  HA   sing N N 186 
LYS C   O    doub N N 187 
LYS C   OXT  sing N N 188 
LYS CB  CG   sing N N 189 
LYS CB  HB2  sing N N 190 
LYS CB  HB3  sing N N 191 
LYS CG  CD   sing N N 192 
LYS CG  HG2  sing N N 193 
LYS CG  HG3  sing N N 194 
LYS CD  CE   sing N N 195 
LYS CD  HD2  sing N N 196 
LYS CD  HD3  sing N N 197 
LYS CE  NZ   sing N N 198 
LYS CE  HE2  sing N N 199 
LYS CE  HE3  sing N N 200 
LYS NZ  HZ1  sing N N 201 
LYS NZ  HZ2  sing N N 202 
LYS NZ  HZ3  sing N N 203 
LYS OXT HXT  sing N N 204 
MET N   CA   sing N N 205 
MET N   H    sing N N 206 
MET N   H2   sing N N 207 
MET CA  C    sing N N 208 
MET CA  CB   sing N N 209 
MET CA  HA   sing N N 210 
MET C   O    doub N N 211 
MET C   OXT  sing N N 212 
MET CB  CG   sing N N 213 
MET CB  HB2  sing N N 214 
MET CB  HB3  sing N N 215 
MET CG  SD   sing N N 216 
MET CG  HG2  sing N N 217 
MET CG  HG3  sing N N 218 
MET SD  CE   sing N N 219 
MET CE  HE1  sing N N 220 
MET CE  HE2  sing N N 221 
MET CE  HE3  sing N N 222 
MET OXT HXT  sing N N 223 
PHE N   CA   sing N N 224 
PHE N   H    sing N N 225 
PHE N   H2   sing N N 226 
PHE CA  C    sing N N 227 
PHE CA  CB   sing N N 228 
PHE CA  HA   sing N N 229 
PHE C   O    doub N N 230 
PHE C   OXT  sing N N 231 
PHE CB  CG   sing N N 232 
PHE CB  HB2  sing N N 233 
PHE CB  HB3  sing N N 234 
PHE CG  CD1  doub Y N 235 
PHE CG  CD2  sing Y N 236 
PHE CD1 CE1  sing Y N 237 
PHE CD1 HD1  sing N N 238 
PHE CD2 CE2  doub Y N 239 
PHE CD2 HD2  sing N N 240 
PHE CE1 CZ   doub Y N 241 
PHE CE1 HE1  sing N N 242 
PHE CE2 CZ   sing Y N 243 
PHE CE2 HE2  sing N N 244 
PHE CZ  HZ   sing N N 245 
PHE OXT HXT  sing N N 246 
PRO N   CA   sing N N 247 
PRO N   CD   sing N N 248 
PRO N   H    sing N N 249 
PRO CA  C    sing N N 250 
PRO CA  CB   sing N N 251 
PRO CA  HA   sing N N 252 
PRO C   O    doub N N 253 
PRO C   OXT  sing N N 254 
PRO CB  CG   sing N N 255 
PRO CB  HB2  sing N N 256 
PRO CB  HB3  sing N N 257 
PRO CG  CD   sing N N 258 
PRO CG  HG2  sing N N 259 
PRO CG  HG3  sing N N 260 
PRO CD  HD2  sing N N 261 
PRO CD  HD3  sing N N 262 
PRO OXT HXT  sing N N 263 
SER N   CA   sing N N 264 
SER N   H    sing N N 265 
SER N   H2   sing N N 266 
SER CA  C    sing N N 267 
SER CA  CB   sing N N 268 
SER CA  HA   sing N N 269 
SER C   O    doub N N 270 
SER C   OXT  sing N N 271 
SER CB  OG   sing N N 272 
SER CB  HB2  sing N N 273 
SER CB  HB3  sing N N 274 
SER OG  HG   sing N N 275 
SER OXT HXT  sing N N 276 
THR N   CA   sing N N 277 
THR N   H    sing N N 278 
THR N   H2   sing N N 279 
THR CA  C    sing N N 280 
THR CA  CB   sing N N 281 
THR CA  HA   sing N N 282 
THR C   O    doub N N 283 
THR C   OXT  sing N N 284 
THR CB  OG1  sing N N 285 
THR CB  CG2  sing N N 286 
THR CB  HB   sing N N 287 
THR OG1 HG1  sing N N 288 
THR CG2 HG21 sing N N 289 
THR CG2 HG22 sing N N 290 
THR CG2 HG23 sing N N 291 
THR OXT HXT  sing N N 292 
TYR N   CA   sing N N 293 
TYR N   H    sing N N 294 
TYR N   H2   sing N N 295 
TYR CA  C    sing N N 296 
TYR CA  CB   sing N N 297 
TYR CA  HA   sing N N 298 
TYR C   O    doub N N 299 
TYR C   OXT  sing N N 300 
TYR CB  CG   sing N N 301 
TYR CB  HB2  sing N N 302 
TYR CB  HB3  sing N N 303 
TYR CG  CD1  doub Y N 304 
TYR CG  CD2  sing Y N 305 
TYR CD1 CE1  sing Y N 306 
TYR CD1 HD1  sing N N 307 
TYR CD2 CE2  doub Y N 308 
TYR CD2 HD2  sing N N 309 
TYR CE1 CZ   doub Y N 310 
TYR CE1 HE1  sing N N 311 
TYR CE2 CZ   sing Y N 312 
TYR CE2 HE2  sing N N 313 
TYR CZ  OH   sing N N 314 
TYR OH  HH   sing N N 315 
TYR OXT HXT  sing N N 316 
VAL N   CA   sing N N 317 
VAL N   H    sing N N 318 
VAL N   H2   sing N N 319 
VAL CA  C    sing N N 320 
VAL CA  CB   sing N N 321 
VAL CA  HA   sing N N 322 
VAL C   O    doub N N 323 
VAL C   OXT  sing N N 324 
VAL CB  CG1  sing N N 325 
VAL CB  CG2  sing N N 326 
VAL CB  HB   sing N N 327 
VAL CG1 HG11 sing N N 328 
VAL CG1 HG12 sing N N 329 
VAL CG1 HG13 sing N N 330 
VAL CG2 HG21 sing N N 331 
VAL CG2 HG22 sing N N 332 
VAL CG2 HG23 sing N N 333 
VAL OXT HXT  sing N N 334 
# 
_pdbx_entity_nonpoly.entity_id   2 
_pdbx_entity_nonpoly.name        water 
_pdbx_entity_nonpoly.comp_id     HOH 
# 
_pdbx_initial_refinement_model.id               1 
_pdbx_initial_refinement_model.entity_id_list   ? 
_pdbx_initial_refinement_model.type             'experimental model' 
_pdbx_initial_refinement_model.source_name      PDB 
_pdbx_initial_refinement_model.accession_code   2H5X 
_pdbx_initial_refinement_model.details          'PDB ENTRY 2H5X' 
# 
